data_8CLI
#
_entry.id   8CLI
#
_cell.length_a   1.00
_cell.length_b   1.00
_cell.length_c   1.00
_cell.angle_alpha   90.00
_cell.angle_beta   90.00
_cell.angle_gamma   90.00
#
_symmetry.space_group_name_H-M   'P 1'
#
loop_
_entity.id
_entity.type
_entity.pdbx_description
1 polymer 'General transcription factor 3C polypeptide 1'
2 polymer 'General transcription factor 3C polypeptide 4'
3 polymer 'General transcription factor 3C polypeptide 2'
4 polymer 'DNA (35-MER)'
5 polymer 'DNA (35-MER)'
6 non-polymer 'ZINC ION'
#
loop_
_entity_poly.entity_id
_entity_poly.type
_entity_poly.pdbx_seq_one_letter_code
_entity_poly.pdbx_strand_id
1 'polypeptide(L)'
;MDALESLLDEVALEGLDGLCLPALWSRLETRVPPFPLPLEPCTQEFLWRALATHPGISFYEEPRERPDLQLQDRYEEIDL
ETGILESRRDPVALEDVYPIHMILENKDGIQGSCRYFKERKNITNDIRTKSLQPRCTMVEAFDRWGKKLIIVASQAMRYR
ALIGQEGDPDLKLPDFSYCILERLGRSRWQGELQRDLHTTAFKVDAGKLHYHRKILNKNGLITMQSHVIRLPTGAQQHSI
LLLLNRFHVDRRSKYDILMEKLSVMLSTRTNHIETLGKLREELGLCERTFKRLYQYMLNAGLAKVVSLRLQEIHPECGPC
KTKKGTDVMVRCLKLLKEFKRNDHDDDEDEEVISKTVPPVDIVFERDMLTQTYDLIERRGTKGISQAEIRVAMNVGKLEA
RMLCRLLQRFKVVKGFMEDEGRQRTTKYISCVFAEESDLSRQYQREKARSELLTTVSLASMQEESLLPEGEDTFLSESDS
EEERSSSKRRGRGSQKDTRASANLRPKTQPHHSTPTKGGWKVVNLHPLKKQPPSFPGAAEERACQSLASRDSLLDTSSVS
EPNVSFVSHCADSNSGDIAVIEEVRMENPKESSSSLKTGRHSSGQDKPHETYRLLKRRNLIIEAVTNLRLIESLFTIQKM
IMDQEKQEGVSTKCCKKSIVRLVRNLSEEGLLRLYRTTVIQDGIKKKVDLVVHPSMDQNDPLVRSAIEQVRFRISNSSTA
NRVKTSQPPVPQGEAEEDSQGKEGPSGSGDSQLSASSRSESGRMKKSDNKMGITPLRNYHPIVVPGLGRSLGFLPKMPRL
RVVHMFLWYLIYGHPASNTVEKPSFISERRTIKQESGRAGVRPSSSGSAWEACSEAPSKGSQDGVTWEAEVELATETVYV
DDASWMRYIPPIPVHRDFGFGWALVSDILLCLPLSIFIQIVQVSYKVDNLEEFLNDPLKKHTLIRFLPRPIRQQLLYKRR
YIFSVVENLQRLCYMGLLQFGPTEKFQDKDQVFIFLKKNAVIVDTTICDPHYNLARSSRPFERRLYVLNSMQDVENYWFD
LQCVCLNTPLGVVRCPRVRKNSSTDQGSDEEGSLQKEQESAMDKHNLERKCAMLEYTTGSREVVDEGLIPGDGLGAAGLD
SSFYGHLKRNWIWTSYIINQAKKENTAAENGLTVRLQTFLSKRPMPLSARGNSRLNIWGEARVGSELCAGWEEQFEVDRE
PSLDRNRRVRGGKSQKRKRLKKDPGKKIKRKKKGEFPGEKSKRLRYHDEADQSALQRMTRLRVTWSMQEDGLLVLCRIAS
NVLNTKVKGPFVTWQVVRDILHATFEESLDKTSHSVGRRARYIVKNPQAYLNYKVCLAEVYQDKALVGDFMNRRGDYDDP
KVCANEFKEFVEKLKEKFSSALRNSNLEIPDTLQELFARYRVLAIGDEKDQTRKEDELNSVDDIHFLVLQNLIQSTLALS
DSQMKSYQSFQTFRLYREYKDHVLVKAFMECQKRSLVNRRRVNHTLGPKKNRALPFVPMSYQLSQTYYRIFTWRFPSTIC
TESFQFLDRMRAAGKLDQPDRFSFKDQDNNEPTNDMVAFSLDGPGGNCVAVLTLFSLGLISVDVRIPEQIIVVDSSMVEN
EVIKSLGKDGSLEDDEDEEDDLDEGVGGKRRSMEVKPAQASHTNYLLMRGYYSPGIVSTRNLNPNDSIVVNSCQMKFQLR
CTPVPARLRPAAAPLEELTMGTSCLPDTFTKLINPQENTCSLEEFVLQLELSGYSPEDLTAALEILEAIIATGCFGIDKE
ELRRRFSALEKAGGGRTRTFADCIQALLEQHQVLEVGGNTARLVAMGSAWPWLLHSVRLKDREDADIQREDPQARPLEGS
SSEDSPPEGQAPPSHSPRGTKRRASWASENGETDAEGTQMTPAKRPALQDSNLAPSLGPGAEDGAEAQAPSPPPALEDTA
AAGAAQEDQEGVGEFSSPGQEQLSGQAQPPEGSEDPRGFTESFGAANISQAARERDCESVCFIGRPWRVVDGHLNLPVCK
GMMEAMLYHIMTRPGIPESSLLRHYQGVLQPVAVLELLQGLESLGCIRKRWLRKPRPVSLFSTPVVEEVEVPSSLDESPM
AFYEPTLDCTLRLGRVFPHEVNWNKWIHLGGGSGGGSGGSLEVLFQGPGSGSDYKDDDDKGDYKDDDDKGDYKDDDDK
;
A
2 'polypeptide(L)'
;MNTADQARVGPADDGPAPSGEEEGEGGGEAGGKEPAADAAPGPSAAFRLMVTRREPAVKLQYAVSGLEPLAWSEDHRVSV
STARSIAVLELICDVHNPGQDLVIHRTSVPAPLNSCLLKVGSKTEVAECKEKFAASKDPTVSQTFMLDRVFNPEGKALPP
MRGFKYTSWSPMGCDANGRCLLAALTMDNRLTIQANLNRLQWVQLVDLTEIYGERLYETSYRLSKNEAPEGNLGDFAEFQ
RRHSMQTPVRMEWSGICTTQQVKHNNECRDVGSVLLAVLFENGNIAVWQFQLPFVGKESISSCNTIESGITSPSVLFWWE
YEHNNRKMSGLIVGSAFGPIKILPVNLKAVKGYFTLRQPVILWKEMDQLPVHSIKCVPLYHPYQKCSCSLVVAARGSYVF
WCLLLISKAGLNVHNSHVTGLHSLPIVSMTADKQNGTVYTCSSDGKVRQLIPIFTDVALKFEHQLIKLSDVFGSVRTHGI
AVSPCGAYLAIITTEGMINGLHPVNKNYQVQFVTLKTFEEAAAQLLESSVQNLFKQVDLIDLVRWKILKDKHIPQFLQEA
LEKKIESSGVTYFWRFKLFLLRILYQSMQKTPSEALWKPTHEDSKILLVDSPGMGNADDEQQEEGTSSKQVVKQGLQERS
KEGDVEEPTDDSLPTTGDAGGREPMEEKLLEIQGKIEAVEMHLTREHMKRVLGEVYLHTWITENTSIPTRGLCNFLMSDE
EYDDRTARVLIGHISKKMNKQTFPEHCSLCKEILPFTDRKQAVCSNGHIWLRCFLTYQSCQSLIYRRCLLHDSIARHPAP
EDPDWIKRLLQSPCPFCDSPVF
;
B
3 'polypeptide(L)'
;MHHHHHHENLYFQGMDTCGVGYVALGEAGPVGNMTVVDSPGQEVLNQLDVKTSSEMTSAEASVEMSLPTPLPGFEDSPDQ
RRLPPEQESLSRLEQPDLSSEMSKVSKPRASKPGRKRGGRTRKGPKRPQQPNPPSAPLVPGLLDQSNPLSTPMPKKRGRK
SKAELLLLKLSKDLDRPESQSPKRPPEDFETPSGERPRRRAAQVALLYLQELAEELSTALPAPVSCPEGPKVSSPTKPKK
IRQPAACPGGEEVDGAPRDEDFFLQVEAEDVEESEGPSESSSEPEPVVPRSTPRGSTSGKQKPHCRGMAPNGLPNHIMAP
VWKCLHLTKDFREQKHSYWEFAEWIPLAWKWHLLSELEAAPYLPQEEKSPLFSVQREGLPEDGTLYRINRFSSITAHPER
WDVSFFTGGPLWALDWCPVPEGAGASQYVALFSSPDMNETHPLSQLHSGPGLLQLWGLGTLQQESCPGNRAHFVYGIACD
NGCIWDLKFCPSGAWELPGTPRKAPLLPRLGLLALACSDGKVLLFSLPHPEALLAQQPPDAVKPAIYKVQCVATLQVGSM
QATDPSECGQCLSLAWMPTRPHQHLAAGYYNGMVVFWNLPTNSPLQRIRLSDGSLKLYPFQCFLAHDQAVRTLQWCKANS
HFLVSAGSDRKIKFWDLRRPYEPINSIKRFLSTELAWLLPYNGVTVAQDNCYASYGLCGIHYIDAGYLGFKAYFTAPRKG
TVWSLSGSDWLGTIAAGDISGELIAAILPDMALNPINVKRPVERRFPIYKADLIPYQDSPEGPDHSSASSGVPNPPKART
YTETVNHHYLLFQDTDLGSFHDLLRREPMLRMQEGEGHSQLCLDRLQLEAIHKVRFSPNLDSYGWLVSGGQSGLVRIHFV
RGLASPLGHRMQLESRAHFNAMFQPSSPTRRPGFSPTSHRLLPTP
;
C
4 'polydeoxyribonucleotide'
;(DA)(DA)(DA)(DG)(DG)(DT)(DT)(DG)(DT)(DG)(DG)(DG)(DT)(DT)(DC)(DG)(DA)(DG)(DT)(DC)
(DC)(DC)(DA)(DC)(DC)(DA)(DG)(DA)(DG)(DT)(DC)(DG)(DC)(DT)(DT)
;
D
5 'polydeoxyribonucleotide'
;(DA)(DA)(DG)(DC)(DG)(DA)(DC)(DT)(DC)(DT)(DG)(DG)(DT)(DG)(DG)(DG)(DA)(DC)(DT)(DC)
(DG)(DA)(DA)(DC)(DC)(DC)(DA)(DC)(DA)(DA)(DC)(DC)(DT)(DT)(DT)
;
E
#
loop_
_chem_comp.id
_chem_comp.type
_chem_comp.name
_chem_comp.formula
DA DNA linking 2'-DEOXYADENOSINE-5'-MONOPHOSPHATE 'C10 H14 N5 O6 P'
DC DNA linking 2'-DEOXYCYTIDINE-5'-MONOPHOSPHATE 'C9 H14 N3 O7 P'
DG DNA linking 2'-DEOXYGUANOSINE-5'-MONOPHOSPHATE 'C10 H14 N5 O7 P'
DT DNA linking THYMIDINE-5'-MONOPHOSPHATE 'C10 H15 N2 O8 P'
ZN non-polymer 'ZINC ION' 'Zn 2'
#
# COMPACT_ATOMS: atom_id res chain seq x y z
N MET A 1 -22.98 13.16 -25.06
CA MET A 1 -23.67 12.63 -23.88
C MET A 1 -25.18 12.70 -24.08
N ASP A 2 -25.87 11.67 -23.62
CA ASP A 2 -27.32 11.56 -23.82
C ASP A 2 -28.06 12.68 -23.09
N ALA A 3 -29.20 13.06 -23.67
CA ALA A 3 -30.04 14.12 -23.11
C ALA A 3 -30.46 13.83 -21.68
N LEU A 4 -30.96 12.62 -21.42
CA LEU A 4 -31.41 12.26 -20.08
C LEU A 4 -30.26 12.27 -19.07
N GLU A 5 -29.07 11.83 -19.48
CA GLU A 5 -27.93 11.91 -18.59
C GLU A 5 -27.41 13.33 -18.45
N SER A 6 -27.47 14.13 -19.52
CA SER A 6 -27.05 15.53 -19.41
C SER A 6 -27.92 16.33 -18.45
N LEU A 7 -29.20 15.97 -18.33
CA LEU A 7 -30.02 16.56 -17.28
C LEU A 7 -29.48 16.23 -15.89
N LEU A 8 -29.34 14.94 -15.59
CA LEU A 8 -28.90 14.51 -14.27
C LEU A 8 -27.48 14.97 -13.95
N ASP A 9 -26.61 15.02 -14.97
CA ASP A 9 -25.29 15.61 -14.81
C ASP A 9 -25.37 17.07 -14.38
N GLU A 10 -26.20 17.87 -15.05
CA GLU A 10 -26.35 19.28 -14.67
C GLU A 10 -26.88 19.42 -13.25
N VAL A 11 -27.80 18.55 -12.83
CA VAL A 11 -28.28 18.58 -11.45
C VAL A 11 -27.16 18.25 -10.47
N ALA A 12 -26.24 17.36 -10.86
CA ALA A 12 -25.11 16.99 -10.03
C ALA A 12 -23.92 17.94 -10.10
N LEU A 13 -23.88 18.86 -11.05
CA LEU A 13 -22.77 19.80 -11.13
C LEU A 13 -22.94 21.03 -10.24
N GLU A 14 -24.15 21.39 -9.85
CA GLU A 14 -24.28 22.18 -8.64
C GLU A 14 -23.83 21.37 -7.43
N GLY A 15 -23.45 22.08 -6.37
CA GLY A 15 -23.02 21.41 -5.16
C GLY A 15 -24.13 20.81 -4.33
N LEU A 16 -23.83 20.56 -3.06
CA LEU A 16 -24.80 20.03 -2.11
C LEU A 16 -26.00 20.95 -1.93
N ASP A 17 -25.90 22.21 -2.34
CA ASP A 17 -27.02 23.14 -2.30
C ASP A 17 -27.91 23.13 -3.55
N GLY A 18 -27.54 22.39 -4.59
CA GLY A 18 -28.46 22.07 -5.66
C GLY A 18 -29.05 23.24 -6.43
N LEU A 19 -30.18 22.95 -7.09
CA LEU A 19 -30.84 23.88 -8.00
C LEU A 19 -32.28 24.17 -7.60
N CYS A 20 -32.72 25.39 -7.88
CA CYS A 20 -34.13 25.70 -8.09
C CYS A 20 -34.55 25.26 -9.49
N LEU A 21 -35.86 25.05 -9.66
CA LEU A 21 -36.42 24.76 -10.98
C LEU A 21 -36.08 25.81 -12.04
N PRO A 22 -36.27 27.12 -11.81
CA PRO A 22 -35.86 28.09 -12.84
C PRO A 22 -34.37 28.11 -13.10
N ALA A 23 -33.56 27.79 -12.08
CA ALA A 23 -32.13 27.62 -12.29
C ALA A 23 -31.80 26.42 -13.16
N LEU A 24 -32.50 25.30 -12.95
CA LEU A 24 -32.28 24.12 -13.78
C LEU A 24 -32.52 24.39 -15.26
N TRP A 25 -33.66 25.01 -15.60
CA TRP A 25 -33.90 25.35 -17.00
C TRP A 25 -32.84 26.30 -17.54
N SER A 26 -32.42 27.28 -16.74
CA SER A 26 -31.34 28.17 -17.14
C SER A 26 -30.03 27.42 -17.40
N ARG A 27 -29.70 26.48 -16.51
CA ARG A 27 -28.49 25.68 -16.70
C ARG A 27 -28.55 24.83 -17.96
N LEU A 28 -29.69 24.22 -18.25
CA LEU A 28 -29.83 23.43 -19.48
C LEU A 28 -29.76 24.31 -20.72
N GLU A 29 -30.41 25.47 -20.70
CA GLU A 29 -30.35 26.38 -21.83
C GLU A 29 -28.94 26.89 -22.10
N THR A 30 -28.13 27.08 -21.05
CA THR A 30 -26.77 27.57 -21.20
C THR A 30 -25.73 26.45 -21.32
N ARG A 31 -26.16 25.20 -21.46
CA ARG A 31 -25.23 24.09 -21.50
C ARG A 31 -24.36 24.13 -22.76
N VAL A 32 -23.13 23.66 -22.61
CA VAL A 32 -22.26 23.30 -23.72
C VAL A 32 -21.70 21.91 -23.44
N PRO A 33 -21.71 20.98 -24.42
CA PRO A 33 -22.41 20.98 -25.72
C PRO A 33 -23.90 21.24 -25.59
N PRO A 34 -24.55 21.71 -26.67
CA PRO A 34 -25.94 22.16 -26.54
C PRO A 34 -26.86 21.04 -26.11
N PHE A 35 -27.82 21.39 -25.26
CA PHE A 35 -28.78 20.42 -24.79
C PHE A 35 -29.62 19.92 -25.96
N PRO A 36 -29.75 18.60 -26.14
CA PRO A 36 -30.31 18.07 -27.40
C PRO A 36 -31.77 18.42 -27.60
N LEU A 37 -32.54 18.58 -26.54
CA LEU A 37 -33.99 18.61 -26.61
C LEU A 37 -34.52 20.00 -26.27
N PRO A 38 -35.24 20.65 -27.18
CA PRO A 38 -35.71 22.02 -26.90
C PRO A 38 -36.72 22.03 -25.75
N LEU A 39 -36.47 22.91 -24.78
CA LEU A 39 -37.34 23.01 -23.61
C LEU A 39 -38.68 23.63 -23.97
N GLU A 40 -39.74 23.01 -23.48
CA GLU A 40 -41.11 23.52 -23.57
C GLU A 40 -41.93 22.84 -22.48
N PRO A 41 -43.09 23.40 -22.12
CA PRO A 41 -43.76 22.93 -20.88
C PRO A 41 -44.04 21.44 -20.83
N CYS A 42 -44.38 20.81 -21.95
CA CYS A 42 -44.56 19.35 -21.95
C CYS A 42 -43.22 18.65 -21.78
N THR A 43 -42.19 19.13 -22.48
CA THR A 43 -40.83 18.62 -22.31
C THR A 43 -40.33 18.81 -20.89
N GLN A 44 -40.60 19.98 -20.30
CA GLN A 44 -40.20 20.24 -18.92
C GLN A 44 -40.92 19.33 -17.93
N GLU A 45 -42.17 18.96 -18.21
CA GLU A 45 -42.83 17.94 -17.41
C GLU A 45 -42.19 16.57 -17.58
N PHE A 46 -41.79 16.22 -18.81
CA PHE A 46 -41.09 14.95 -19.04
C PHE A 46 -39.75 14.90 -18.32
N LEU A 47 -38.97 15.98 -18.39
CA LEU A 47 -37.71 16.05 -17.65
C LEU A 47 -37.93 16.04 -16.14
N TRP A 48 -38.96 16.73 -15.66
CA TRP A 48 -39.34 16.67 -14.25
C TRP A 48 -39.67 15.24 -13.80
N ARG A 49 -40.42 14.49 -14.61
CA ARG A 49 -40.65 13.08 -14.32
C ARG A 49 -39.34 12.29 -14.29
N ALA A 50 -38.41 12.61 -15.19
CA ALA A 50 -37.11 11.96 -15.18
C ALA A 50 -36.33 12.22 -13.90
N LEU A 51 -36.52 13.38 -13.26
CA LEU A 51 -35.95 13.62 -11.94
C LEU A 51 -36.68 12.86 -10.84
N ALA A 52 -38.00 13.03 -10.76
CA ALA A 52 -38.77 12.41 -9.68
C ALA A 52 -38.63 10.89 -9.67
N THR A 53 -38.60 10.26 -10.84
CA THR A 53 -38.45 8.81 -10.91
C THR A 53 -37.02 8.33 -10.68
N HIS A 54 -36.05 9.21 -10.43
CA HIS A 54 -34.67 8.77 -10.27
C HIS A 54 -34.32 8.69 -8.79
N PRO A 55 -33.91 7.53 -8.29
CA PRO A 55 -33.75 7.35 -6.84
C PRO A 55 -32.59 8.14 -6.24
N GLY A 56 -31.58 8.51 -7.02
CA GLY A 56 -30.48 9.28 -6.51
C GLY A 56 -30.74 10.77 -6.35
N ILE A 57 -31.69 11.30 -7.10
CA ILE A 57 -32.11 12.70 -6.92
C ILE A 57 -33.01 12.81 -5.70
N SER A 58 -32.88 13.92 -4.99
CA SER A 58 -33.61 14.18 -3.77
C SER A 58 -33.99 15.65 -3.70
N PHE A 59 -35.05 15.96 -2.96
CA PHE A 59 -35.71 17.26 -3.03
C PHE A 59 -35.95 17.79 -1.63
N TYR A 60 -35.76 19.10 -1.45
CA TYR A 60 -35.84 19.74 -0.16
C TYR A 60 -36.60 21.06 -0.30
N GLU A 61 -37.21 21.50 0.79
CA GLU A 61 -37.62 22.89 0.95
C GLU A 61 -36.61 23.64 1.82
N GLU A 62 -35.95 24.65 1.23
CA GLU A 62 -35.10 25.54 1.98
C GLU A 62 -35.90 26.70 2.57
N PRO A 63 -35.45 27.25 3.71
CA PRO A 63 -36.29 28.19 4.45
C PRO A 63 -36.58 29.48 3.72
N ARG A 64 -35.80 29.83 2.70
CA ARG A 64 -36.00 31.10 2.01
C ARG A 64 -35.67 30.93 0.53
N GLU A 65 -36.35 31.72 -0.29
CA GLU A 65 -36.19 31.69 -1.73
C GLU A 65 -34.79 32.13 -2.15
N ARG A 66 -34.19 31.36 -3.08
CA ARG A 66 -32.86 31.63 -3.59
C ARG A 66 -32.90 32.68 -4.72
N PRO A 67 -31.87 33.51 -4.83
CA PRO A 67 -31.73 34.37 -6.00
C PRO A 67 -31.65 33.57 -7.30
N ASP A 68 -32.07 34.20 -8.40
CA ASP A 68 -31.84 33.66 -9.72
C ASP A 68 -30.42 33.95 -10.21
N LEU A 69 -29.93 33.07 -11.08
CA LEU A 69 -28.56 33.15 -11.58
C LEU A 69 -28.36 34.37 -12.49
N GLN A 70 -27.15 34.92 -12.43
CA GLN A 70 -26.68 35.89 -13.41
C GLN A 70 -26.29 35.20 -14.71
N LEU A 71 -26.17 36.01 -15.77
CA LEU A 71 -25.37 35.62 -16.92
C LEU A 71 -23.90 35.48 -16.54
N GLN A 72 -23.41 34.24 -16.46
CA GLN A 72 -22.12 33.95 -15.85
C GLN A 72 -20.94 34.39 -16.72
N ASP A 73 -21.15 34.68 -18.01
CA ASP A 73 -20.07 34.77 -18.98
C ASP A 73 -18.96 35.75 -18.57
N ARG A 74 -17.78 35.19 -18.32
CA ARG A 74 -16.69 35.88 -17.64
C ARG A 74 -15.86 36.78 -18.57
N TYR A 75 -15.85 36.51 -19.87
CA TYR A 75 -14.77 36.95 -20.73
C TYR A 75 -15.24 37.85 -21.88
N GLU A 76 -14.35 38.78 -22.24
CA GLU A 76 -14.65 39.79 -23.26
C GLU A 76 -14.80 39.15 -24.64
N GLU A 77 -13.75 38.46 -25.10
CA GLU A 77 -13.74 37.76 -26.39
C GLU A 77 -13.92 38.69 -27.59
N ILE A 78 -13.35 39.89 -27.51
CA ILE A 78 -13.36 40.84 -28.63
C ILE A 78 -12.14 41.73 -28.48
N ASP A 79 -11.72 42.34 -29.59
CA ASP A 79 -10.82 43.48 -29.55
C ASP A 79 -11.03 44.35 -30.78
N LEU A 80 -10.69 45.63 -30.64
CA LEU A 80 -10.65 46.56 -31.75
C LEU A 80 -9.31 46.57 -32.46
N GLU A 81 -8.23 46.28 -31.75
CA GLU A 81 -6.95 45.97 -32.38
C GLU A 81 -6.97 44.56 -32.96
N THR A 82 -5.94 44.24 -33.74
CA THR A 82 -5.81 42.94 -34.39
C THR A 82 -6.03 41.78 -33.41
N GLY A 83 -6.76 40.78 -33.88
CA GLY A 83 -7.16 39.66 -33.05
C GLY A 83 -8.35 40.00 -32.15
N ILE A 84 -8.44 39.27 -31.03
CA ILE A 84 -9.42 39.54 -29.99
C ILE A 84 -8.77 39.34 -28.63
N LEU A 85 -9.36 39.95 -27.62
CA LEU A 85 -8.93 39.77 -26.23
C LEU A 85 -9.99 38.97 -25.49
N GLU A 86 -9.60 37.81 -24.95
CA GLU A 86 -10.48 36.97 -24.15
C GLU A 86 -10.19 37.12 -22.66
N SER A 87 -9.66 38.27 -22.24
CA SER A 87 -9.49 38.57 -20.83
C SER A 87 -10.85 38.67 -20.14
N ARG A 88 -10.82 38.47 -18.82
CA ARG A 88 -12.02 38.61 -18.01
C ARG A 88 -12.57 40.02 -18.12
N ARG A 89 -13.86 40.12 -18.44
CA ARG A 89 -14.61 41.38 -18.44
C ARG A 89 -15.65 41.25 -17.34
N ASP A 90 -15.50 42.06 -16.29
CA ASP A 90 -16.17 41.81 -15.02
C ASP A 90 -17.65 42.14 -15.09
N PRO A 91 -18.54 41.17 -14.87
CA PRO A 91 -19.91 41.51 -14.47
C PRO A 91 -19.94 42.10 -13.08
N VAL A 92 -21.10 42.66 -12.73
CA VAL A 92 -21.32 43.10 -11.36
C VAL A 92 -21.30 41.91 -10.42
N ALA A 93 -20.48 42.00 -9.37
CA ALA A 93 -20.42 40.98 -8.32
C ALA A 93 -21.63 41.06 -7.41
N LEU A 94 -22.81 40.73 -7.95
CA LEU A 94 -24.03 40.68 -7.15
C LEU A 94 -23.92 39.62 -6.05
N GLU A 95 -24.85 39.69 -5.11
CA GLU A 95 -24.91 38.73 -4.02
C GLU A 95 -24.91 37.31 -4.53
N ASP A 96 -23.94 36.52 -4.08
CA ASP A 96 -23.71 35.19 -4.63
C ASP A 96 -24.93 34.30 -4.46
N VAL A 97 -25.23 33.54 -5.52
CA VAL A 97 -26.25 32.50 -5.44
C VAL A 97 -25.81 31.36 -4.52
N TYR A 98 -24.52 31.08 -4.46
CA TYR A 98 -23.99 29.90 -3.77
C TYR A 98 -22.90 30.24 -2.77
N PRO A 99 -23.19 31.10 -1.79
CA PRO A 99 -22.18 31.41 -0.77
C PRO A 99 -21.82 30.14 -0.01
N ILE A 100 -20.54 29.90 0.14
CA ILE A 100 -20.03 28.62 0.62
C ILE A 100 -20.01 28.56 2.15
N HIS A 101 -20.32 27.37 2.66
CA HIS A 101 -20.51 27.11 4.08
C HIS A 101 -20.28 25.60 4.23
N MET A 102 -19.03 25.22 4.50
CA MET A 102 -18.60 23.84 4.31
C MET A 102 -19.24 22.92 5.33
N ILE A 103 -19.65 21.75 4.85
CA ILE A 103 -20.29 20.72 5.70
C ILE A 103 -19.16 19.87 6.28
N LEU A 104 -18.58 20.37 7.37
CA LEU A 104 -17.37 19.77 7.93
C LEU A 104 -17.67 18.48 8.67
N GLU A 105 -16.73 17.53 8.58
CA GLU A 105 -16.70 16.35 9.45
C GLU A 105 -17.98 15.52 9.41
N ASN A 106 -18.64 15.45 8.26
CA ASN A 106 -19.95 14.83 8.20
C ASN A 106 -19.86 13.33 8.49
N LYS A 107 -20.76 12.83 9.34
CA LYS A 107 -20.73 11.43 9.75
C LYS A 107 -21.10 10.47 8.63
N ASP A 108 -21.91 10.92 7.66
CA ASP A 108 -22.19 10.12 6.48
C ASP A 108 -21.19 10.34 5.36
N GLY A 109 -20.24 11.25 5.54
CA GLY A 109 -19.23 11.53 4.54
C GLY A 109 -19.68 12.37 3.36
N ILE A 110 -20.89 12.90 3.39
CA ILE A 110 -21.35 13.80 2.35
C ILE A 110 -20.70 15.16 2.57
N GLN A 111 -20.29 15.80 1.48
CA GLN A 111 -19.41 16.96 1.55
C GLN A 111 -19.90 18.03 0.59
N GLY A 112 -19.48 19.27 0.84
CA GLY A 112 -19.80 20.41 0.03
C GLY A 112 -20.19 21.59 0.88
N SER A 113 -20.78 22.59 0.25
CA SER A 113 -21.33 23.75 0.94
C SER A 113 -22.84 23.80 0.81
N CYS A 114 -23.51 24.12 1.92
CA CYS A 114 -24.91 24.53 1.86
C CYS A 114 -25.23 25.33 3.12
N ARG A 115 -25.60 26.59 2.93
CA ARG A 115 -25.90 27.48 4.06
C ARG A 115 -27.10 27.00 4.88
N TYR A 116 -27.97 26.16 4.31
CA TYR A 116 -29.18 25.70 4.97
C TYR A 116 -29.16 24.21 5.29
N PHE A 117 -27.98 23.59 5.25
CA PHE A 117 -27.87 22.13 5.31
C PHE A 117 -28.56 21.55 6.54
N LYS A 118 -28.45 22.22 7.69
CA LYS A 118 -29.14 21.77 8.89
C LYS A 118 -30.59 22.23 8.97
N GLU A 119 -31.02 23.15 8.12
CA GLU A 119 -32.30 23.84 8.28
C GLU A 119 -33.36 23.39 7.29
N ARG A 120 -32.96 23.01 6.08
CA ARG A 120 -33.89 22.53 5.07
C ARG A 120 -34.42 21.13 5.42
N LYS A 121 -35.61 20.83 4.91
CA LYS A 121 -36.32 19.58 5.18
C LYS A 121 -36.55 18.80 3.89
N ASN A 122 -36.48 17.48 3.99
CA ASN A 122 -36.75 16.62 2.83
C ASN A 122 -38.24 16.63 2.49
N ILE A 123 -38.53 16.71 1.19
CA ILE A 123 -39.88 16.60 0.66
C ILE A 123 -39.90 15.58 -0.48
N THR A 124 -38.92 14.68 -0.49
CA THR A 124 -38.91 13.60 -1.47
C THR A 124 -40.20 12.80 -1.45
N ASN A 125 -40.62 12.35 -0.27
CA ASN A 125 -41.79 11.48 -0.18
C ASN A 125 -43.09 12.23 -0.43
N ASP A 126 -43.04 13.55 -0.43
CA ASP A 126 -44.17 14.37 -0.88
C ASP A 126 -44.20 14.48 -2.40
N ILE A 127 -43.04 14.59 -3.03
CA ILE A 127 -42.97 14.69 -4.48
C ILE A 127 -43.12 13.34 -5.16
N ARG A 128 -42.72 12.25 -4.50
CA ARG A 128 -42.86 10.94 -5.12
C ARG A 128 -43.21 9.91 -4.05
N THR A 129 -43.83 8.83 -4.50
CA THR A 129 -43.99 7.65 -3.65
C THR A 129 -42.64 6.97 -3.42
N LYS A 130 -42.61 6.13 -2.39
CA LYS A 130 -41.45 5.27 -2.16
C LYS A 130 -41.25 4.25 -3.28
N SER A 131 -42.28 3.99 -4.08
CA SER A 131 -42.14 3.24 -5.32
C SER A 131 -41.66 4.08 -6.49
N LEU A 132 -41.17 5.29 -6.24
CA LEU A 132 -40.62 6.20 -7.24
C LEU A 132 -41.65 6.71 -8.25
N GLN A 133 -42.93 6.52 -8.00
CA GLN A 133 -43.94 7.14 -8.85
C GLN A 133 -44.05 8.63 -8.51
N PRO A 134 -44.02 9.52 -9.51
CA PRO A 134 -44.14 10.95 -9.21
C PRO A 134 -45.54 11.29 -8.72
N ARG A 135 -45.61 12.05 -7.62
CA ARG A 135 -46.87 12.50 -7.06
C ARG A 135 -47.32 13.87 -7.55
N CYS A 136 -46.39 14.71 -8.00
CA CYS A 136 -46.72 16.06 -8.47
C CYS A 136 -46.23 16.25 -9.90
N THR A 137 -46.99 17.03 -10.67
CA THR A 137 -46.43 17.64 -11.86
C THR A 137 -45.45 18.76 -11.51
N MET A 138 -44.60 19.08 -12.49
CA MET A 138 -43.66 20.19 -12.35
C MET A 138 -44.37 21.51 -12.02
N VAL A 139 -45.48 21.80 -12.71
CA VAL A 139 -46.22 23.02 -12.45
C VAL A 139 -46.86 23.01 -11.06
N GLU A 140 -47.33 21.86 -10.60
CA GLU A 140 -47.80 21.77 -9.22
C GLU A 140 -46.66 21.97 -8.22
N ALA A 141 -45.50 21.37 -8.48
CA ALA A 141 -44.36 21.52 -7.59
C ALA A 141 -43.89 22.97 -7.49
N PHE A 142 -43.74 23.63 -8.65
CA PHE A 142 -43.33 25.04 -8.63
C PHE A 142 -44.41 25.96 -8.09
N ASP A 143 -45.69 25.63 -8.31
CA ASP A 143 -46.76 26.38 -7.67
C ASP A 143 -46.72 26.24 -6.15
N ARG A 144 -46.55 25.01 -5.65
CA ARG A 144 -46.60 24.79 -4.21
C ARG A 144 -45.38 25.35 -3.49
N TRP A 145 -44.18 25.15 -4.04
CA TRP A 145 -42.96 25.53 -3.34
C TRP A 145 -42.16 26.64 -4.00
N GLY A 146 -42.37 26.91 -5.28
CA GLY A 146 -41.57 27.92 -5.95
C GLY A 146 -40.08 27.66 -5.87
N LYS A 147 -39.31 28.74 -5.72
CA LYS A 147 -37.87 28.64 -5.56
C LYS A 147 -37.44 27.83 -4.33
N LYS A 148 -38.32 27.64 -3.35
CA LYS A 148 -37.95 26.86 -2.17
C LYS A 148 -37.73 25.39 -2.49
N LEU A 149 -38.27 24.88 -3.59
CA LEU A 149 -37.98 23.53 -4.04
C LEU A 149 -36.53 23.46 -4.51
N ILE A 150 -35.72 22.69 -3.80
CA ILE A 150 -34.30 22.52 -4.12
C ILE A 150 -34.02 21.08 -4.50
N ILE A 151 -33.36 20.89 -5.63
CA ILE A 151 -33.05 19.58 -6.19
C ILE A 151 -31.59 19.28 -5.96
N VAL A 152 -31.29 18.14 -5.35
CA VAL A 152 -29.91 17.74 -5.04
C VAL A 152 -29.69 16.30 -5.47
N ALA A 153 -28.58 16.07 -6.16
CA ALA A 153 -28.15 14.71 -6.51
C ALA A 153 -27.37 14.07 -5.37
N SER A 154 -27.52 12.75 -5.25
CA SER A 154 -26.79 11.99 -4.25
C SER A 154 -25.29 12.24 -4.33
N GLN A 155 -24.62 12.10 -3.18
CA GLN A 155 -23.18 12.32 -3.11
C GLN A 155 -22.42 11.50 -4.14
N ALA A 156 -22.84 10.26 -4.36
CA ALA A 156 -22.21 9.42 -5.37
C ALA A 156 -22.31 10.02 -6.77
N MET A 157 -23.46 10.63 -7.09
CA MET A 157 -23.60 11.31 -8.37
C MET A 157 -22.81 12.61 -8.43
N ARG A 158 -22.86 13.39 -7.36
CA ARG A 158 -22.12 14.66 -7.32
C ARG A 158 -20.61 14.46 -7.42
N TYR A 159 -20.05 13.55 -6.63
CA TYR A 159 -18.62 13.29 -6.72
C TYR A 159 -18.21 12.72 -8.07
N ARG A 160 -19.03 11.84 -8.64
CA ARG A 160 -18.78 11.35 -9.99
C ARG A 160 -18.71 12.49 -11.01
N ALA A 161 -19.63 13.45 -10.90
CA ALA A 161 -19.63 14.59 -11.81
C ALA A 161 -18.36 15.43 -11.71
N LEU A 162 -17.66 15.39 -10.58
CA LEU A 162 -16.41 16.13 -10.46
C LEU A 162 -15.21 15.36 -11.00
N ILE A 163 -15.17 14.03 -10.87
CA ILE A 163 -14.01 13.24 -11.27
C ILE A 163 -14.15 12.59 -12.63
N GLY A 164 -15.34 12.52 -13.20
CA GLY A 164 -15.53 11.84 -14.46
C GLY A 164 -15.38 10.33 -14.33
N GLN A 165 -15.47 9.65 -15.48
CA GLN A 165 -15.45 8.20 -15.49
C GLN A 165 -14.08 7.63 -15.16
N GLU A 166 -13.02 8.29 -15.62
CA GLU A 166 -11.65 7.84 -15.31
C GLU A 166 -11.23 8.13 -13.88
N GLY A 167 -11.95 8.97 -13.16
CA GLY A 167 -11.60 9.27 -11.79
C GLY A 167 -11.94 8.16 -10.83
N ASP A 168 -11.24 8.15 -9.69
CA ASP A 168 -11.30 7.05 -8.74
C ASP A 168 -12.23 7.42 -7.59
N PRO A 169 -13.34 6.71 -7.40
CA PRO A 169 -14.27 7.06 -6.32
C PRO A 169 -13.73 6.85 -4.92
N ASP A 170 -12.70 6.03 -4.76
CA ASP A 170 -12.19 5.73 -3.42
C ASP A 170 -11.46 6.90 -2.77
N LEU A 171 -11.08 7.91 -3.55
CA LEU A 171 -10.28 9.02 -3.04
C LEU A 171 -11.14 9.95 -2.19
N LYS A 172 -10.95 9.90 -0.88
CA LYS A 172 -11.46 10.94 0.01
C LYS A 172 -10.58 12.19 -0.06
N LEU A 173 -11.22 13.35 0.05
CA LEU A 173 -10.54 14.62 0.14
C LEU A 173 -10.93 15.35 1.42
N PRO A 174 -10.04 16.18 1.97
CA PRO A 174 -10.45 17.09 3.04
C PRO A 174 -11.62 17.96 2.61
N ASP A 175 -12.47 18.30 3.57
CA ASP A 175 -13.70 19.04 3.27
C ASP A 175 -13.41 20.35 2.55
N PHE A 176 -12.38 21.07 2.98
CA PHE A 176 -12.00 22.31 2.33
C PHE A 176 -11.53 22.10 0.89
N SER A 177 -10.76 21.03 0.66
CA SER A 177 -10.32 20.71 -0.70
C SER A 177 -11.44 20.21 -1.59
N TYR A 178 -12.38 19.43 -1.05
CA TYR A 178 -13.57 19.05 -1.81
C TYR A 178 -14.42 20.26 -2.19
N CYS A 179 -14.62 21.18 -1.25
CA CYS A 179 -15.41 22.39 -1.54
C CYS A 179 -14.76 23.30 -2.56
N ILE A 180 -13.45 23.23 -2.76
CA ILE A 180 -12.83 23.86 -3.92
C ILE A 180 -13.31 23.22 -5.22
N LEU A 181 -13.32 21.88 -5.28
CA LEU A 181 -13.78 21.21 -6.50
C LEU A 181 -15.20 21.61 -6.88
N GLU A 182 -16.14 21.51 -5.96
CA GLU A 182 -17.52 21.80 -6.33
C GLU A 182 -17.76 23.29 -6.55
N ARG A 183 -16.85 24.14 -6.07
CA ARG A 183 -16.87 25.54 -6.46
C ARG A 183 -16.39 25.70 -7.90
N LEU A 184 -15.41 24.89 -8.31
CA LEU A 184 -15.05 24.79 -9.72
C LEU A 184 -16.15 24.16 -10.55
N GLY A 185 -16.69 23.04 -10.07
CA GLY A 185 -17.66 22.28 -10.86
C GLY A 185 -18.84 23.11 -11.32
N ARG A 186 -19.47 23.83 -10.38
CA ARG A 186 -20.63 24.64 -10.74
C ARG A 186 -20.29 25.80 -11.67
N SER A 187 -19.01 26.10 -11.89
CA SER A 187 -18.62 27.09 -12.87
C SER A 187 -18.56 26.53 -14.29
N ARG A 188 -18.67 25.21 -14.45
CA ARG A 188 -18.62 24.52 -15.75
C ARG A 188 -17.39 24.96 -16.54
N TRP A 189 -17.56 25.43 -17.78
CA TRP A 189 -16.46 25.74 -18.68
C TRP A 189 -15.64 26.97 -18.30
N GLN A 190 -16.14 27.81 -17.40
CA GLN A 190 -15.45 29.04 -17.03
C GLN A 190 -15.05 28.99 -15.55
N GLY A 191 -13.93 28.31 -15.30
CA GLY A 191 -13.48 28.04 -13.95
C GLY A 191 -13.29 29.31 -13.13
N GLU A 192 -13.29 29.11 -11.82
CA GLU A 192 -12.99 30.20 -10.89
C GLU A 192 -11.52 30.54 -10.96
N LEU A 193 -11.19 31.82 -10.86
CA LEU A 193 -9.81 32.21 -10.67
C LEU A 193 -9.39 32.05 -9.22
N GLN A 194 -8.16 31.55 -9.03
CA GLN A 194 -7.64 31.35 -7.69
C GLN A 194 -7.63 32.65 -6.88
N ARG A 195 -7.25 33.76 -7.50
CA ARG A 195 -7.43 35.08 -6.91
C ARG A 195 -8.82 35.23 -6.29
N ASP A 196 -9.85 34.98 -7.08
CA ASP A 196 -11.23 35.21 -6.65
C ASP A 196 -11.66 34.22 -5.58
N LEU A 197 -11.23 32.97 -5.67
CA LEU A 197 -11.58 31.99 -4.65
C LEU A 197 -11.14 32.44 -3.26
N HIS A 198 -9.87 32.81 -3.09
CA HIS A 198 -9.44 33.24 -1.76
C HIS A 198 -9.94 34.63 -1.41
N THR A 199 -10.03 35.53 -2.39
CA THR A 199 -10.46 36.90 -2.09
C THR A 199 -11.90 36.96 -1.63
N THR A 200 -12.80 36.25 -2.31
CA THR A 200 -14.22 36.50 -2.12
C THR A 200 -15.07 35.25 -1.98
N ALA A 201 -14.67 34.11 -2.53
CA ALA A 201 -15.40 32.87 -2.25
C ALA A 201 -15.11 32.35 -0.85
N PHE A 202 -13.86 31.97 -0.59
CA PHE A 202 -13.49 31.40 0.69
C PHE A 202 -13.13 32.46 1.72
N LYS A 203 -12.65 33.62 1.27
CA LYS A 203 -12.24 34.72 2.15
C LYS A 203 -11.13 34.29 3.12
N VAL A 204 -9.99 33.88 2.55
CA VAL A 204 -8.90 33.30 3.33
C VAL A 204 -7.58 33.84 2.79
N ASP A 205 -6.52 33.61 3.56
CA ASP A 205 -5.15 33.78 3.08
C ASP A 205 -4.95 32.99 1.79
N ALA A 206 -4.28 33.62 0.83
CA ALA A 206 -3.84 32.93 -0.38
C ALA A 206 -3.00 31.69 -0.07
N GLY A 207 -2.27 31.71 1.05
CA GLY A 207 -1.59 30.52 1.51
C GLY A 207 -2.53 29.38 1.86
N LYS A 208 -3.67 29.70 2.47
CA LYS A 208 -4.66 28.68 2.78
C LYS A 208 -5.25 28.04 1.53
N LEU A 209 -5.64 28.86 0.56
CA LEU A 209 -6.21 28.30 -0.67
C LEU A 209 -5.19 27.47 -1.43
N HIS A 210 -3.97 27.98 -1.60
CA HIS A 210 -2.92 27.19 -2.23
C HIS A 210 -2.72 25.86 -1.52
N TYR A 211 -2.54 25.90 -0.20
CA TYR A 211 -2.34 24.68 0.58
C TYR A 211 -3.44 23.65 0.37
N HIS A 212 -4.70 24.08 0.42
CA HIS A 212 -5.80 23.16 0.19
C HIS A 212 -5.97 22.78 -1.27
N ARG A 213 -5.53 23.63 -2.20
CA ARG A 213 -5.56 23.30 -3.62
C ARG A 213 -4.56 22.22 -3.98
N LYS A 214 -3.44 22.16 -3.27
CA LYS A 214 -2.37 21.18 -3.53
C LYS A 214 -2.86 19.76 -3.80
N ILE A 215 -3.72 19.23 -2.93
CA ILE A 215 -4.16 17.84 -3.08
C ILE A 215 -4.89 17.62 -4.40
N LEU A 216 -5.66 18.62 -4.84
CA LEU A 216 -6.35 18.51 -6.13
C LEU A 216 -5.38 18.48 -7.29
N ASN A 217 -4.28 19.22 -7.20
CA ASN A 217 -3.22 19.11 -8.19
C ASN A 217 -2.47 17.78 -8.06
N LYS A 218 -2.18 17.36 -6.82
CA LYS A 218 -1.41 16.13 -6.61
C LYS A 218 -2.13 14.92 -7.17
N ASN A 219 -3.43 14.81 -6.92
CA ASN A 219 -4.24 13.75 -7.51
C ASN A 219 -4.68 14.05 -8.94
N GLY A 220 -4.52 15.29 -9.40
CA GLY A 220 -4.71 15.61 -10.79
C GLY A 220 -6.14 15.84 -11.24
N LEU A 221 -7.02 16.28 -10.32
CA LEU A 221 -8.41 16.50 -10.64
C LEU A 221 -8.66 17.82 -11.37
N ILE A 222 -7.71 18.76 -11.31
CA ILE A 222 -7.87 20.08 -11.88
C ILE A 222 -6.64 20.45 -12.71
N THR A 223 -6.83 21.42 -13.61
CA THR A 223 -5.79 21.90 -14.51
C THR A 223 -5.49 23.37 -14.24
N MET A 224 -4.21 23.73 -14.35
CA MET A 224 -3.70 25.03 -13.97
C MET A 224 -3.38 25.84 -15.22
N GLN A 225 -3.85 27.08 -15.26
CA GLN A 225 -3.40 28.03 -16.27
C GLN A 225 -3.21 29.41 -15.65
N SER A 226 -2.29 30.18 -16.23
CA SER A 226 -2.25 31.62 -16.03
C SER A 226 -3.33 32.30 -16.88
N HIS A 227 -3.98 33.30 -16.28
CA HIS A 227 -5.07 34.00 -16.95
C HIS A 227 -5.01 35.47 -16.61
N VAL A 228 -5.75 36.28 -17.37
CA VAL A 228 -5.58 37.72 -17.40
C VAL A 228 -6.93 38.39 -17.16
N ILE A 229 -6.97 39.35 -16.23
CA ILE A 229 -8.17 40.09 -15.88
C ILE A 229 -7.99 41.52 -16.37
N ARG A 230 -8.92 42.00 -17.19
CA ARG A 230 -8.87 43.39 -17.65
C ARG A 230 -9.71 44.24 -16.70
N LEU A 231 -9.03 45.06 -15.90
CA LEU A 231 -9.69 45.90 -14.91
C LEU A 231 -10.35 47.11 -15.59
N PRO A 232 -11.33 47.74 -14.92
CA PRO A 232 -11.79 49.06 -15.38
C PRO A 232 -10.70 50.12 -15.42
N THR A 233 -9.61 49.92 -14.67
CA THR A 233 -8.40 50.73 -14.81
C THR A 233 -7.83 50.68 -16.23
N GLY A 234 -8.25 49.71 -17.04
CA GLY A 234 -7.66 49.54 -18.35
C GLY A 234 -6.39 48.71 -18.30
N ALA A 235 -5.63 48.85 -17.22
CA ALA A 235 -4.58 47.88 -16.92
C ALA A 235 -5.20 46.50 -16.69
N GLN A 236 -4.37 45.48 -16.84
CA GLN A 236 -4.84 44.10 -16.75
C GLN A 236 -4.00 43.28 -15.79
N GLN A 237 -4.66 42.42 -15.02
CA GLN A 237 -4.07 41.70 -13.90
C GLN A 237 -3.87 40.22 -14.25
N HIS A 238 -2.69 39.71 -13.92
CA HIS A 238 -2.43 38.27 -13.96
C HIS A 238 -3.13 37.58 -12.79
N SER A 239 -3.71 36.41 -13.06
CA SER A 239 -4.17 35.52 -12.00
C SER A 239 -4.26 34.10 -12.53
N ILE A 240 -4.22 33.14 -11.60
CA ILE A 240 -4.36 31.73 -11.96
C ILE A 240 -5.80 31.39 -12.31
N LEU A 241 -5.98 30.59 -13.36
CA LEU A 241 -7.26 30.00 -13.72
C LEU A 241 -7.28 28.52 -13.33
N LEU A 242 -8.34 28.10 -12.64
CA LEU A 242 -8.53 26.70 -12.28
C LEU A 242 -9.68 26.13 -13.10
N LEU A 243 -9.40 25.09 -13.88
CA LEU A 243 -10.42 24.38 -14.64
C LEU A 243 -10.45 22.91 -14.23
N LEU A 244 -11.62 22.45 -13.80
CA LEU A 244 -11.82 21.02 -13.58
C LEU A 244 -11.71 20.26 -14.90
N ASN A 245 -11.02 19.11 -14.85
CA ASN A 245 -10.47 18.49 -16.06
C ASN A 245 -11.50 18.34 -17.18
N ARG A 246 -12.73 17.95 -16.83
CA ARG A 246 -13.82 17.88 -17.79
C ARG A 246 -13.93 19.14 -18.64
N PHE A 247 -13.71 20.30 -18.01
CA PHE A 247 -13.96 21.60 -18.62
C PHE A 247 -12.69 22.30 -19.09
N HIS A 248 -11.55 21.61 -19.07
CA HIS A 248 -10.30 22.21 -19.53
C HIS A 248 -10.37 22.57 -21.01
N VAL A 249 -10.05 23.83 -21.31
CA VAL A 249 -9.76 24.30 -22.66
C VAL A 249 -8.53 25.19 -22.56
N ASP A 250 -7.58 25.00 -23.47
CA ASP A 250 -6.34 25.77 -23.45
C ASP A 250 -6.62 27.21 -23.87
N ARG A 251 -6.78 28.08 -22.87
CA ARG A 251 -7.08 29.48 -23.10
C ARG A 251 -5.88 30.22 -23.67
N ARG A 252 -6.11 31.04 -24.68
CA ARG A 252 -5.07 31.81 -25.34
C ARG A 252 -5.05 33.24 -24.78
N SER A 253 -4.01 33.98 -25.17
CA SER A 253 -3.84 35.36 -24.74
C SER A 253 -3.50 36.22 -25.94
N LYS A 254 -3.95 37.48 -25.89
CA LYS A 254 -3.68 38.44 -26.96
C LYS A 254 -2.18 38.51 -27.28
N TYR A 255 -1.35 38.68 -26.24
CA TYR A 255 0.08 38.71 -26.47
C TYR A 255 0.62 37.37 -26.97
N ASP A 256 -0.04 36.27 -26.60
CA ASP A 256 0.38 34.96 -27.10
C ASP A 256 0.04 34.78 -28.58
N ILE A 257 -1.17 35.13 -28.98
CA ILE A 257 -1.56 34.99 -30.38
C ILE A 257 -0.79 35.97 -31.27
N LEU A 258 -0.48 37.16 -30.77
CA LEU A 258 0.30 38.12 -31.55
C LEU A 258 1.79 37.78 -31.60
N MET A 259 2.36 37.29 -30.51
CA MET A 259 3.75 36.83 -30.56
C MET A 259 3.90 35.59 -31.44
N GLU A 260 2.87 34.76 -31.54
CA GLU A 260 2.89 33.67 -32.50
C GLU A 260 2.98 34.17 -33.93
N LYS A 261 2.19 35.19 -34.26
CA LYS A 261 2.28 35.80 -35.59
C LYS A 261 3.67 36.40 -35.84
N LEU A 262 4.24 37.09 -34.85
CA LEU A 262 5.61 37.57 -35.00
C LEU A 262 6.60 36.42 -35.13
N SER A 263 6.42 35.36 -34.35
CA SER A 263 7.28 34.19 -34.47
C SER A 263 7.18 33.54 -35.85
N VAL A 264 5.95 33.38 -36.35
CA VAL A 264 5.75 32.90 -37.72
C VAL A 264 6.38 33.86 -38.73
N MET A 265 6.13 35.15 -38.58
CA MET A 265 6.71 36.15 -39.49
C MET A 265 8.23 36.09 -39.51
N LEU A 266 8.87 36.19 -38.34
CA LEU A 266 10.32 36.18 -38.28
C LEU A 266 10.91 34.84 -38.71
N SER A 267 10.29 33.72 -38.31
CA SER A 267 10.81 32.42 -38.70
C SER A 267 10.67 32.15 -40.19
N THR A 268 9.63 32.69 -40.83
CA THR A 268 9.48 32.52 -42.27
C THR A 268 10.34 33.50 -43.07
N ARG A 269 10.64 34.67 -42.53
CA ARG A 269 11.61 35.55 -43.15
C ARG A 269 13.02 34.97 -43.03
N THR A 270 13.66 34.74 -44.18
CA THR A 270 14.85 33.89 -44.23
C THR A 270 15.97 34.42 -43.35
N ASN A 271 16.07 35.75 -43.18
CA ASN A 271 17.07 36.33 -42.30
C ASN A 271 16.74 36.19 -40.83
N HIS A 272 15.47 35.90 -40.49
CA HIS A 272 14.95 36.02 -39.13
C HIS A 272 15.09 37.42 -38.56
N ILE A 273 15.17 38.45 -39.40
CA ILE A 273 15.33 39.82 -38.96
C ILE A 273 14.29 40.69 -39.64
N GLU A 274 13.67 41.59 -38.87
CA GLU A 274 12.93 42.70 -39.45
C GLU A 274 13.01 43.87 -38.48
N THR A 275 12.83 45.08 -39.02
CA THR A 275 12.73 46.26 -38.17
C THR A 275 11.39 46.30 -37.45
N LEU A 276 11.42 46.88 -36.24
CA LEU A 276 10.23 46.92 -35.39
C LEU A 276 9.04 47.57 -36.09
N GLY A 277 9.28 48.67 -36.80
CA GLY A 277 8.20 49.34 -37.52
C GLY A 277 7.51 48.46 -38.54
N LYS A 278 8.28 47.71 -39.33
CA LYS A 278 7.67 46.78 -40.28
C LYS A 278 7.02 45.61 -39.57
N LEU A 279 7.65 45.11 -38.50
CA LEU A 279 7.01 44.10 -37.66
C LEU A 279 5.68 44.58 -37.11
N ARG A 280 5.61 45.87 -36.73
CA ARG A 280 4.33 46.48 -36.39
C ARG A 280 3.41 46.58 -37.60
N GLU A 281 3.91 47.20 -38.67
CA GLU A 281 3.05 47.53 -39.81
C GLU A 281 2.48 46.29 -40.48
N GLU A 282 3.27 45.22 -40.57
CA GLU A 282 2.73 43.97 -41.11
C GLU A 282 1.64 43.38 -40.25
N LEU A 283 1.57 43.73 -38.96
CA LEU A 283 0.48 43.31 -38.10
C LEU A 283 -0.45 44.45 -37.72
N GLY A 284 -0.21 45.66 -38.21
CA GLY A 284 -1.04 46.80 -37.87
C GLY A 284 -0.99 47.23 -36.42
N LEU A 285 0.04 46.84 -35.68
CA LEU A 285 0.06 47.00 -34.23
C LEU A 285 0.56 48.39 -33.85
N CYS A 286 0.02 48.91 -32.75
CA CYS A 286 0.59 50.09 -32.12
C CYS A 286 1.87 49.74 -31.37
N GLU A 287 2.71 50.76 -31.17
CA GLU A 287 3.95 50.58 -30.43
C GLU A 287 3.69 50.17 -28.97
N ARG A 288 2.61 50.68 -28.38
CA ARG A 288 2.30 50.36 -26.99
C ARG A 288 2.05 48.86 -26.80
N THR A 289 1.30 48.24 -27.70
CA THR A 289 1.14 46.79 -27.69
C THR A 289 2.43 46.08 -28.09
N PHE A 290 3.04 46.50 -29.20
CA PHE A 290 4.15 45.77 -29.78
C PHE A 290 5.36 45.68 -28.84
N LYS A 291 5.65 46.76 -28.10
CA LYS A 291 6.80 46.72 -27.21
C LYS A 291 6.68 45.64 -26.13
N ARG A 292 5.46 45.29 -25.72
CA ARG A 292 5.27 44.10 -24.89
C ARG A 292 5.70 42.85 -25.63
N LEU A 293 5.21 42.68 -26.87
CA LEU A 293 5.55 41.51 -27.66
C LEU A 293 7.06 41.40 -27.88
N TYR A 294 7.71 42.52 -28.20
CA TYR A 294 9.15 42.52 -28.37
C TYR A 294 9.86 42.02 -27.12
N GLN A 295 9.53 42.60 -25.95
CA GLN A 295 10.16 42.18 -24.71
C GLN A 295 9.74 40.79 -24.27
N TYR A 296 8.51 40.35 -24.59
CA TYR A 296 8.16 38.96 -24.32
C TYR A 296 9.01 38.01 -25.16
N MET A 297 9.19 38.30 -26.45
CA MET A 297 10.04 37.47 -27.29
C MET A 297 11.47 37.42 -26.77
N LEU A 298 11.95 38.56 -26.26
CA LEU A 298 13.27 38.61 -25.64
C LEU A 298 13.30 37.83 -24.33
N ASN A 299 12.33 38.07 -23.46
CA ASN A 299 12.30 37.37 -22.18
C ASN A 299 12.03 35.88 -22.35
N ALA A 300 11.30 35.48 -23.40
CA ALA A 300 11.18 34.06 -23.71
C ALA A 300 12.48 33.46 -24.24
N GLY A 301 13.48 34.27 -24.53
CA GLY A 301 14.72 33.78 -25.10
C GLY A 301 14.64 33.35 -26.54
N LEU A 302 13.55 33.70 -27.23
CA LEU A 302 13.34 33.31 -28.61
C LEU A 302 14.09 34.20 -29.60
N ALA A 303 14.41 35.44 -29.21
CA ALA A 303 14.99 36.41 -30.12
C ALA A 303 16.03 37.24 -29.40
N LYS A 304 16.79 38.02 -30.18
CA LYS A 304 17.84 38.87 -29.67
C LYS A 304 17.69 40.29 -30.20
N VAL A 305 17.97 41.26 -29.34
CA VAL A 305 18.00 42.67 -29.74
C VAL A 305 19.16 42.92 -30.68
N VAL A 306 18.87 43.49 -31.85
CA VAL A 306 19.85 43.74 -32.90
C VAL A 306 19.56 45.12 -33.47
N SER A 307 20.61 45.82 -33.89
CA SER A 307 20.46 47.02 -34.71
C SER A 307 21.40 46.96 -35.91
N LEU A 308 20.90 47.41 -37.05
CA LEU A 308 21.62 47.39 -38.31
C LEU A 308 21.35 48.70 -39.05
N ARG A 309 22.34 49.14 -39.83
CA ARG A 309 22.10 50.25 -40.74
C ARG A 309 21.10 49.87 -41.83
N LEU A 310 20.38 50.88 -42.32
CA LEU A 310 19.44 50.66 -43.41
C LEU A 310 20.13 50.06 -44.63
N GLN A 311 21.36 50.50 -44.91
CA GLN A 311 22.16 49.90 -45.98
C GLN A 311 22.58 48.47 -45.64
N GLU A 312 22.57 48.10 -44.36
CA GLU A 312 22.80 46.71 -43.96
C GLU A 312 21.53 45.88 -43.98
N ILE A 313 20.38 46.50 -43.72
CA ILE A 313 19.11 45.80 -43.87
C ILE A 313 18.81 45.53 -45.34
N HIS A 314 19.09 46.52 -46.19
CA HIS A 314 18.97 46.34 -47.64
C HIS A 314 19.88 45.23 -48.14
N VAL A 328 22.23 54.74 -41.92
CA VAL A 328 21.47 55.13 -40.74
C VAL A 328 21.11 53.91 -39.90
N MET A 329 21.47 53.94 -38.63
CA MET A 329 21.23 52.81 -37.75
C MET A 329 19.75 52.63 -37.48
N VAL A 330 19.28 51.38 -37.55
CA VAL A 330 17.87 51.05 -37.44
C VAL A 330 17.73 49.88 -36.47
N ARG A 331 16.79 50.00 -35.54
CA ARG A 331 16.55 48.96 -34.55
C ARG A 331 15.82 47.78 -35.17
N CYS A 332 16.21 46.57 -34.77
CA CYS A 332 15.73 45.34 -35.39
C CYS A 332 15.54 44.28 -34.31
N LEU A 333 14.87 43.19 -34.69
CA LEU A 333 14.84 41.96 -33.89
C LEU A 333 15.37 40.79 -34.71
N LYS A 334 16.28 40.01 -34.11
CA LYS A 334 16.73 38.75 -34.67
C LYS A 334 16.08 37.61 -33.90
N LEU A 335 15.29 36.80 -34.59
CA LEU A 335 14.80 35.54 -34.02
C LEU A 335 15.88 34.48 -34.03
N LEU A 336 15.92 33.67 -32.97
CA LEU A 336 16.94 32.64 -32.79
C LEU A 336 16.38 31.28 -32.42
N LYS A 337 15.17 31.19 -31.85
CA LYS A 337 14.62 29.92 -31.41
C LYS A 337 13.10 29.92 -31.51
N THR A 356 23.65 16.75 -0.28
CA THR A 356 25.01 16.50 -0.74
C THR A 356 25.75 15.59 0.23
N VAL A 357 25.16 15.39 1.41
CA VAL A 357 25.75 14.50 2.42
C VAL A 357 25.71 13.06 1.91
N PRO A 358 26.76 12.26 2.10
CA PRO A 358 26.71 10.88 1.65
C PRO A 358 25.70 10.08 2.45
N PRO A 359 25.05 9.09 1.83
CA PRO A 359 24.11 8.24 2.57
C PRO A 359 24.83 7.42 3.65
N VAL A 360 24.19 7.32 4.81
CA VAL A 360 24.70 6.50 5.90
C VAL A 360 24.24 5.06 5.70
N ASP A 361 25.20 4.15 5.61
CA ASP A 361 24.92 2.72 5.79
C ASP A 361 24.67 2.42 7.26
N ILE A 362 23.44 2.06 7.60
CA ILE A 362 23.10 1.73 8.98
C ILE A 362 23.83 0.45 9.39
N VAL A 363 24.51 0.51 10.51
CA VAL A 363 25.21 -0.66 11.07
C VAL A 363 24.30 -1.40 12.04
N PHE A 364 24.56 -2.71 12.15
CA PHE A 364 23.81 -3.57 13.05
C PHE A 364 24.06 -3.21 14.51
N GLU A 365 25.24 -2.68 14.83
CA GLU A 365 25.83 -2.79 16.15
C GLU A 365 25.77 -1.50 16.96
N ARG A 366 25.09 -0.47 16.47
CA ARG A 366 24.89 0.77 17.23
C ARG A 366 23.44 1.21 17.13
N ASP A 367 22.98 1.86 18.19
CA ASP A 367 21.64 2.43 18.16
C ASP A 367 21.58 3.62 17.20
N MET A 368 20.36 3.94 16.78
CA MET A 368 20.12 5.02 15.82
C MET A 368 20.49 6.41 16.35
N LEU A 369 20.38 6.66 17.66
CA LEU A 369 20.87 7.94 18.18
C LEU A 369 22.39 8.06 18.09
N THR A 370 23.12 7.02 18.46
CA THR A 370 24.56 7.01 18.27
C THR A 370 24.94 7.22 16.81
N GLN A 371 24.34 6.46 15.91
CA GLN A 371 24.65 6.57 14.48
C GLN A 371 24.31 7.95 13.91
N THR A 372 23.24 8.58 14.40
CA THR A 372 22.94 9.94 13.94
C THR A 372 23.97 10.96 14.43
N TYR A 373 24.44 10.82 15.66
CA TYR A 373 25.52 11.68 16.13
C TYR A 373 26.81 11.46 15.35
N ASP A 374 27.12 10.20 15.02
CA ASP A 374 28.28 9.92 14.16
C ASP A 374 28.19 10.63 12.83
N LEU A 375 26.99 10.73 12.26
CA LEU A 375 26.81 11.51 11.02
C LEU A 375 27.15 12.98 11.24
N ILE A 376 26.55 13.60 12.25
CA ILE A 376 26.69 15.03 12.49
C ILE A 376 28.13 15.40 12.84
N GLU A 377 28.85 14.52 13.54
CA GLU A 377 30.27 14.75 13.77
C GLU A 377 31.07 14.76 12.48
N ARG A 378 30.73 13.88 11.53
CA ARG A 378 31.45 13.88 10.25
C ARG A 378 31.26 15.19 9.49
N ARG A 379 30.06 15.78 9.57
CA ARG A 379 29.86 17.09 8.94
C ARG A 379 30.63 18.18 9.67
N GLY A 380 30.66 18.13 11.01
CA GLY A 380 31.47 19.05 11.77
C GLY A 380 31.02 20.49 11.64
N THR A 381 32.01 21.38 11.41
CA THR A 381 31.78 22.82 11.48
C THR A 381 30.61 23.30 10.64
N LYS A 382 30.28 22.61 9.55
CA LYS A 382 29.23 23.07 8.67
C LYS A 382 27.83 22.58 9.07
N GLY A 383 27.75 21.52 9.87
CA GLY A 383 26.46 20.99 10.27
C GLY A 383 25.65 20.38 9.14
N ILE A 384 24.43 19.97 9.50
CA ILE A 384 23.52 19.28 8.59
C ILE A 384 22.09 19.62 9.01
N SER A 385 21.18 19.66 8.05
CA SER A 385 19.79 19.97 8.36
C SER A 385 18.98 18.71 8.65
N GLN A 386 17.83 18.92 9.29
CA GLN A 386 16.89 17.83 9.55
C GLN A 386 16.45 17.11 8.28
N ALA A 387 16.21 17.87 7.21
CA ALA A 387 15.83 17.26 5.94
C ALA A 387 17.00 16.52 5.30
N GLU A 388 18.22 17.02 5.48
CA GLU A 388 19.40 16.37 4.95
C GLU A 388 19.81 15.16 5.79
N ILE A 389 19.55 15.20 7.09
CA ILE A 389 19.64 14.00 7.93
C ILE A 389 18.66 12.94 7.44
N ARG A 390 17.40 13.32 7.25
CA ARG A 390 16.36 12.39 6.81
C ARG A 390 16.76 11.63 5.55
N VAL A 391 17.25 12.34 4.54
CA VAL A 391 17.68 11.67 3.31
C VAL A 391 18.91 10.82 3.56
N ALA A 392 19.85 11.30 4.36
CA ALA A 392 21.04 10.51 4.69
C ALA A 392 20.69 9.26 5.49
N MET A 393 19.74 9.35 6.42
CA MET A 393 19.41 8.21 7.25
C MET A 393 18.34 7.30 6.68
N ASN A 394 17.66 7.71 5.61
CA ASN A 394 16.62 6.90 4.97
C ASN A 394 15.50 6.59 5.97
N VAL A 395 14.94 7.65 6.55
CA VAL A 395 13.90 7.56 7.55
C VAL A 395 12.76 8.49 7.15
N GLY A 396 11.60 8.27 7.76
CA GLY A 396 10.46 9.14 7.52
C GLY A 396 10.65 10.53 8.11
N LYS A 397 9.75 11.43 7.71
CA LYS A 397 9.82 12.81 8.18
C LYS A 397 9.65 12.91 9.69
N LEU A 398 8.66 12.18 10.23
CA LEU A 398 8.45 12.15 11.68
C LEU A 398 9.58 11.48 12.43
N GLU A 399 10.23 10.50 11.80
CA GLU A 399 11.33 9.79 12.45
C GLU A 399 12.58 10.65 12.58
N ALA A 400 12.97 11.33 11.50
CA ALA A 400 14.10 12.27 11.57
C ALA A 400 13.83 13.43 12.52
N ARG A 401 12.58 13.90 12.59
CA ARG A 401 12.22 14.94 13.55
C ARG A 401 12.49 14.51 14.99
N MET A 402 12.14 13.28 15.34
CA MET A 402 12.40 12.78 16.69
C MET A 402 13.89 12.60 16.97
N LEU A 403 14.67 12.20 15.97
CA LEU A 403 16.12 12.16 16.13
C LEU A 403 16.68 13.53 16.49
N CYS A 404 16.28 14.57 15.75
CA CYS A 404 16.77 15.91 16.03
C CYS A 404 16.33 16.42 17.40
N ARG A 405 15.07 16.16 17.77
CA ARG A 405 14.58 16.56 19.09
C ARG A 405 15.38 15.93 20.22
N LEU A 406 15.60 14.62 20.16
CA LEU A 406 16.29 13.93 21.25
C LEU A 406 17.74 14.39 21.40
N LEU A 407 18.47 14.49 20.29
CA LEU A 407 19.86 14.93 20.35
C LEU A 407 20.00 16.35 20.86
N GLN A 408 19.06 17.23 20.55
CA GLN A 408 19.03 18.54 21.20
C GLN A 408 18.78 18.43 22.69
N ARG A 409 17.79 17.62 23.08
CA ARG A 409 17.48 17.50 24.51
C ARG A 409 18.61 16.83 25.29
N PHE A 410 19.33 15.89 24.68
CA PHE A 410 20.51 15.32 25.30
C PHE A 410 21.67 16.31 25.41
N LYS A 411 21.56 17.49 24.81
CA LYS A 411 22.60 18.52 24.78
C LYS A 411 23.86 18.07 24.04
N VAL A 412 23.79 17.00 23.25
CA VAL A 412 24.95 16.59 22.48
C VAL A 412 25.07 17.34 21.16
N VAL A 413 23.97 17.89 20.64
CA VAL A 413 23.95 18.61 19.38
C VAL A 413 23.21 19.92 19.59
N LYS A 414 23.65 20.96 18.88
CA LYS A 414 23.08 22.29 18.99
C LYS A 414 22.56 22.73 17.63
N GLY A 415 21.42 23.41 17.63
CA GLY A 415 20.74 23.81 16.41
C GLY A 415 20.85 25.31 16.16
N PHE A 416 21.34 25.65 14.97
CA PHE A 416 21.45 27.03 14.51
C PHE A 416 20.50 27.25 13.36
N MET A 417 19.72 28.32 13.43
CA MET A 417 18.87 28.70 12.30
C MET A 417 19.73 29.24 11.18
N GLU A 418 19.43 28.82 9.95
CA GLU A 418 20.03 29.41 8.75
C GLU A 418 18.94 29.65 7.72
N ASP A 419 18.82 30.89 7.27
CA ASP A 419 17.95 31.25 6.16
C ASP A 419 18.63 30.91 4.84
N GLU A 420 18.04 30.02 4.06
CA GLU A 420 18.42 29.87 2.66
C GLU A 420 17.18 29.61 1.81
N GLY A 421 17.24 30.12 0.58
CA GLY A 421 16.07 30.19 -0.27
C GLY A 421 14.95 30.96 0.41
N ARG A 422 13.75 30.36 0.39
CA ARG A 422 12.60 30.86 1.11
C ARG A 422 12.52 30.35 2.54
N GLN A 423 13.49 29.57 3.00
CA GLN A 423 13.29 28.70 4.15
C GLN A 423 14.28 29.05 5.26
N ARG A 424 13.75 29.33 6.45
CA ARG A 424 14.53 29.40 7.69
C ARG A 424 14.75 28.00 8.25
N THR A 425 15.63 27.26 7.59
CA THR A 425 15.96 25.92 8.07
C THR A 425 16.73 26.00 9.38
N THR A 426 16.88 24.84 10.03
CA THR A 426 17.85 24.63 11.09
C THR A 426 18.98 23.76 10.58
N LYS A 427 20.21 24.15 10.90
CA LYS A 427 21.37 23.28 10.75
C LYS A 427 21.86 22.85 12.12
N TYR A 428 22.17 21.57 12.26
CA TYR A 428 22.55 20.96 13.53
C TYR A 428 24.04 20.67 13.54
N ILE A 429 24.71 21.03 14.64
CA ILE A 429 26.14 20.86 14.81
C ILE A 429 26.39 20.27 16.18
N SER A 430 27.33 19.32 16.26
CA SER A 430 27.70 18.77 17.56
C SER A 430 28.40 19.80 18.42
N CYS A 431 28.15 19.71 19.74
CA CYS A 431 28.70 20.67 20.68
C CYS A 431 30.22 20.64 20.73
N VAL A 432 30.84 19.59 20.19
CA VAL A 432 32.28 19.59 19.97
C VAL A 432 32.68 20.71 19.02
N PHE A 433 31.89 20.95 17.99
CA PHE A 433 32.18 21.96 16.98
C PHE A 433 31.32 23.21 17.10
N ALA A 434 30.19 23.14 17.80
CA ALA A 434 29.16 24.17 17.71
C ALA A 434 29.71 25.56 18.02
N GLU A 435 30.47 25.70 19.11
CA GLU A 435 31.01 27.02 19.47
C GLU A 435 31.92 27.57 18.37
N GLU A 436 32.73 26.70 17.74
CA GLU A 436 33.66 27.16 16.72
C GLU A 436 33.00 27.35 15.36
N SER A 437 31.74 26.97 15.20
CA SER A 437 31.09 27.06 13.90
C SER A 437 30.91 28.50 13.43
N ASP A 438 30.96 28.68 12.11
CA ASP A 438 30.69 29.98 11.51
C ASP A 438 29.31 30.50 11.87
N LEU A 439 28.31 29.62 11.88
CA LEU A 439 26.96 30.00 12.30
C LEU A 439 26.95 30.57 13.72
N SER A 440 27.64 29.91 14.64
CA SER A 440 27.80 30.44 15.99
C SER A 440 28.49 31.80 15.99
N ARG A 441 29.68 31.88 15.39
CA ARG A 441 30.48 33.09 15.43
C ARG A 441 29.74 34.28 14.79
N GLN A 442 29.19 34.07 13.60
CA GLN A 442 28.43 35.14 12.93
C GLN A 442 27.22 35.57 13.75
N TYR A 443 26.46 34.61 14.28
CA TYR A 443 25.32 34.94 15.13
C TYR A 443 25.74 35.69 16.39
N GLN A 444 26.80 35.24 17.06
CA GLN A 444 27.27 35.90 18.26
C GLN A 444 27.74 37.33 17.99
N ARG A 445 28.43 37.56 16.87
CA ARG A 445 28.80 38.92 16.49
C ARG A 445 27.58 39.81 16.31
N GLU A 446 26.61 39.37 15.51
CA GLU A 446 25.43 40.19 15.24
C GLU A 446 24.53 40.35 16.46
N LYS A 447 24.50 39.37 17.36
CA LYS A 447 23.81 39.58 18.63
C LYS A 447 24.47 40.69 19.45
N ALA A 448 25.79 40.62 19.64
CA ALA A 448 26.50 41.67 20.37
C ALA A 448 26.37 43.02 19.67
N ARG A 449 26.56 43.04 18.36
CA ARG A 449 26.35 44.27 17.58
C ARG A 449 24.95 44.83 17.74
N SER A 450 23.95 43.96 17.79
CA SER A 450 22.57 44.38 18.05
C SER A 450 22.44 44.99 19.45
N GLU A 451 23.02 44.35 20.46
CA GLU A 451 22.98 44.88 21.82
C GLU A 451 23.61 46.27 21.92
N LEU A 452 24.72 46.50 21.23
CA LEU A 452 25.26 47.85 21.14
C LEU A 452 24.27 48.81 20.49
N LEU A 453 23.82 48.47 19.27
CA LEU A 453 23.00 49.39 18.49
C LEU A 453 21.64 49.68 19.13
N THR A 454 21.12 48.77 19.95
CA THR A 454 19.95 49.13 20.76
C THR A 454 20.30 49.99 21.98
N THR A 455 21.35 49.63 22.73
CA THR A 455 21.66 50.35 23.96
C THR A 455 22.18 51.76 23.72
N VAL A 456 22.69 52.07 22.53
CA VAL A 456 23.02 53.45 22.16
C VAL A 456 21.79 54.31 21.95
N SER A 457 20.60 53.74 22.03
CA SER A 457 19.38 54.53 21.89
C SER A 457 19.30 55.59 22.99
N LEU A 458 18.77 56.75 22.64
CA LEU A 458 18.61 57.83 23.60
C LEU A 458 17.58 57.47 24.67
N ALA A 459 17.74 58.07 25.84
CA ALA A 459 16.80 57.87 26.94
C ALA A 459 15.41 58.40 26.59
N ALA A 579 0.60 64.84 2.89
CA ALA A 579 0.23 66.19 3.32
C ALA A 579 -0.30 66.17 4.75
N VAL A 580 -0.65 64.98 5.23
CA VAL A 580 -1.22 64.79 6.57
C VAL A 580 -0.64 63.50 7.13
N ILE A 581 0.32 63.63 8.04
CA ILE A 581 1.11 62.47 8.46
C ILE A 581 0.27 61.56 9.35
N GLU A 582 0.42 60.25 9.16
CA GLU A 582 -0.13 59.23 10.05
C GLU A 582 1.01 58.37 10.58
N GLU A 583 0.89 57.96 11.83
CA GLU A 583 1.87 57.07 12.45
C GLU A 583 1.34 55.64 12.46
N VAL A 584 2.17 54.70 12.00
CA VAL A 584 1.75 53.32 11.86
C VAL A 584 1.62 52.67 13.24
N ARG A 585 0.81 51.62 13.28
CA ARG A 585 0.76 50.72 14.43
C ARG A 585 2.08 49.99 14.61
N GLU A 610 14.97 34.33 15.49
CA GLU A 610 16.16 35.08 15.13
C GLU A 610 17.02 34.31 14.12
N THR A 611 17.78 35.06 13.32
CA THR A 611 18.70 34.46 12.37
C THR A 611 19.77 35.50 12.05
N TYR A 612 20.96 35.00 11.69
CA TYR A 612 22.09 35.86 11.38
C TYR A 612 21.72 36.95 10.37
N ARG A 613 21.20 36.54 9.21
CA ARG A 613 20.82 37.50 8.18
C ARG A 613 19.71 38.45 8.65
N LEU A 614 18.76 37.95 9.43
CA LEU A 614 17.72 38.80 9.99
C LEU A 614 18.29 39.83 10.96
N LEU A 615 19.21 39.43 11.82
CA LEU A 615 19.85 40.38 12.73
C LEU A 615 20.74 41.36 11.98
N LYS A 616 21.42 40.91 10.91
CA LYS A 616 22.15 41.84 10.04
C LYS A 616 21.24 42.91 9.45
N ARG A 617 20.09 42.50 8.91
CA ARG A 617 19.14 43.47 8.36
C ARG A 617 18.58 44.40 9.42
N ARG A 618 18.25 43.88 10.60
CA ARG A 618 17.84 44.73 11.71
C ARG A 618 18.92 45.75 12.06
N ASN A 619 20.15 45.28 12.30
CA ASN A 619 21.25 46.16 12.68
C ASN A 619 21.51 47.23 11.63
N LEU A 620 21.49 46.87 10.35
CA LEU A 620 21.74 47.83 9.28
C LEU A 620 20.69 48.94 9.25
N ILE A 621 19.43 48.60 9.50
CA ILE A 621 18.40 49.64 9.59
C ILE A 621 18.62 50.52 10.82
N ILE A 622 18.94 49.91 11.96
CA ILE A 622 19.15 50.67 13.19
C ILE A 622 20.35 51.61 13.05
N GLU A 623 21.42 51.14 12.41
CA GLU A 623 22.52 52.03 12.06
C GLU A 623 22.04 53.19 11.19
N ALA A 624 21.29 52.89 10.13
CA ALA A 624 20.82 53.94 9.22
C ALA A 624 20.01 55.00 9.95
N VAL A 625 19.03 54.59 10.77
CA VAL A 625 18.27 55.57 11.53
C VAL A 625 19.09 56.23 12.63
N THR A 626 20.19 55.62 13.05
CA THR A 626 21.08 56.27 14.00
C THR A 626 21.96 57.32 13.31
N ASN A 627 22.46 56.99 12.12
CA ASN A 627 23.34 57.91 11.39
C ASN A 627 22.55 58.92 10.58
N LEU A 628 21.39 58.54 10.07
CA LEU A 628 20.51 59.42 9.30
C LEU A 628 19.14 59.40 9.98
N ARG A 629 18.93 60.39 10.86
CA ARG A 629 17.77 60.38 11.76
C ARG A 629 16.45 60.41 11.01
N LEU A 630 16.46 60.81 9.73
CA LEU A 630 15.38 60.52 8.80
C LEU A 630 15.94 59.85 7.56
N ILE A 631 15.18 58.89 7.02
CA ILE A 631 15.46 58.31 5.71
C ILE A 631 14.16 58.25 4.91
N GLU A 632 14.25 58.58 3.63
CA GLU A 632 13.13 59.17 2.91
C GLU A 632 12.15 58.16 2.33
N SER A 633 12.54 56.89 2.16
CA SER A 633 11.57 55.90 1.71
C SER A 633 12.07 54.50 2.02
N LEU A 634 11.11 53.57 2.06
CA LEU A 634 11.41 52.15 2.23
C LEU A 634 12.27 51.59 1.09
N PHE A 635 12.19 52.19 -0.10
CA PHE A 635 13.08 51.79 -1.19
C PHE A 635 14.54 52.04 -0.85
N THR A 636 14.83 53.14 -0.15
CA THR A 636 16.20 53.42 0.27
C THR A 636 16.72 52.30 1.17
N ILE A 637 15.91 51.86 2.13
CA ILE A 637 16.29 50.75 3.00
C ILE A 637 16.55 49.48 2.21
N GLN A 638 15.62 49.12 1.32
CA GLN A 638 15.77 47.92 0.50
C GLN A 638 17.02 47.97 -0.38
N LYS A 639 17.27 49.11 -1.04
CA LYS A 639 18.40 49.18 -1.97
C LYS A 639 19.74 48.97 -1.27
N MET A 640 19.95 49.63 -0.13
CA MET A 640 21.19 49.41 0.62
C MET A 640 21.30 47.98 1.12
N ILE A 641 20.19 47.43 1.61
CA ILE A 641 20.16 46.03 2.05
C ILE A 641 20.48 45.08 0.91
N MET A 642 19.86 45.30 -0.25
CA MET A 642 20.11 44.45 -1.42
C MET A 642 21.57 44.49 -1.83
N ASP A 643 22.17 45.68 -1.87
CA ASP A 643 23.59 45.78 -2.22
C ASP A 643 24.48 45.17 -1.15
N GLN A 644 24.15 45.40 0.13
CA GLN A 644 24.91 44.79 1.22
C GLN A 644 24.91 43.27 1.13
N GLU A 645 23.74 42.68 0.92
CA GLU A 645 23.65 41.23 0.73
C GLU A 645 24.31 40.78 -0.57
N LYS A 646 24.24 41.58 -1.63
CA LYS A 646 24.93 41.24 -2.87
C LYS A 646 26.45 41.30 -2.70
N GLN A 647 26.96 42.25 -1.92
CA GLN A 647 28.38 42.23 -1.60
C GLN A 647 28.75 40.99 -0.81
N GLU A 648 27.86 40.55 0.09
CA GLU A 648 28.06 39.27 0.75
C GLU A 648 27.87 38.10 -0.21
N GLY A 649 27.21 38.32 -1.35
CA GLY A 649 27.02 37.29 -2.34
C GLY A 649 25.73 36.51 -2.20
N VAL A 650 24.74 37.05 -1.49
CA VAL A 650 23.46 36.37 -1.34
C VAL A 650 22.73 36.39 -2.67
N SER A 651 22.26 35.22 -3.10
CA SER A 651 21.55 35.11 -4.37
C SER A 651 20.10 35.57 -4.27
N THR A 652 19.45 35.32 -3.15
CA THR A 652 18.07 35.73 -2.98
C THR A 652 17.96 37.26 -2.88
N LYS A 653 16.85 37.79 -3.40
CA LYS A 653 16.63 39.23 -3.46
C LYS A 653 15.53 39.62 -2.48
N CYS A 654 15.86 40.54 -1.57
CA CYS A 654 14.97 40.92 -0.48
C CYS A 654 13.67 41.54 -0.99
N CYS A 655 12.54 41.05 -0.50
CA CYS A 655 11.24 41.54 -0.92
C CYS A 655 10.84 42.79 -0.13
N LYS A 656 10.03 43.63 -0.76
CA LYS A 656 9.43 44.78 -0.08
C LYS A 656 8.64 44.38 1.15
N LYS A 657 7.84 43.31 1.06
CA LYS A 657 7.04 42.85 2.19
C LYS A 657 7.91 42.45 3.37
N SER A 658 9.02 41.77 3.10
CA SER A 658 9.98 41.42 4.14
C SER A 658 10.53 42.66 4.85
N ILE A 659 10.87 43.70 4.11
CA ILE A 659 11.31 44.96 4.73
C ILE A 659 10.20 45.61 5.54
N VAL A 660 9.02 45.80 4.95
CA VAL A 660 7.98 46.53 5.69
C VAL A 660 7.51 45.75 6.92
N ARG A 661 7.48 44.42 6.86
CA ARG A 661 7.24 43.63 8.05
C ARG A 661 8.37 43.75 9.06
N LEU A 662 9.62 43.76 8.58
CA LEU A 662 10.78 44.03 9.43
C LEU A 662 10.72 45.41 10.06
N VAL A 663 10.39 46.43 9.28
CA VAL A 663 10.23 47.79 9.81
C VAL A 663 9.08 47.85 10.82
N ARG A 664 8.02 47.07 10.60
CA ARG A 664 6.96 46.96 11.60
C ARG A 664 7.46 46.36 12.90
N ASN A 665 8.28 45.31 12.83
CA ASN A 665 8.87 44.74 14.04
C ASN A 665 9.67 45.79 14.82
N LEU A 666 10.54 46.52 14.15
CA LEU A 666 11.29 47.59 14.80
C LEU A 666 10.38 48.68 15.36
N SER A 667 9.24 48.92 14.72
CA SER A 667 8.27 49.87 15.28
C SER A 667 7.67 49.37 16.59
N GLU A 668 7.34 48.09 16.67
CA GLU A 668 6.82 47.54 17.93
C GLU A 668 7.90 47.47 19.00
N GLU A 669 9.15 47.24 18.62
CA GLU A 669 10.26 47.40 19.55
C GLU A 669 10.57 48.86 19.85
N GLY A 670 9.92 49.79 19.17
CA GLY A 670 10.12 51.20 19.45
C GLY A 670 11.44 51.75 18.98
N LEU A 671 12.14 51.05 18.11
CA LEU A 671 13.47 51.47 17.67
C LEU A 671 13.41 52.46 16.51
N LEU A 672 12.24 52.69 15.92
CA LEU A 672 12.06 53.73 14.93
C LEU A 672 10.59 54.12 14.87
N ARG A 673 10.33 55.25 14.23
CA ARG A 673 9.00 55.56 13.72
C ARG A 673 8.99 55.43 12.20
N LEU A 674 7.93 54.83 11.68
CA LEU A 674 7.58 54.95 10.27
C LEU A 674 6.38 55.87 10.13
N TYR A 675 6.53 56.94 9.35
CA TYR A 675 5.47 57.90 9.11
C TYR A 675 5.02 57.78 7.66
N ARG A 676 3.71 57.63 7.46
CA ARG A 676 3.14 57.47 6.13
C ARG A 676 2.10 58.54 5.86
N THR A 677 2.03 58.98 4.61
CA THR A 677 1.01 59.91 4.13
C THR A 677 1.07 59.90 2.61
N THR A 678 0.02 60.46 1.99
CA THR A 678 0.06 60.87 0.60
C THR A 678 0.08 62.39 0.50
N VAL A 679 1.10 62.92 -0.17
CA VAL A 679 1.17 64.34 -0.52
C VAL A 679 0.56 64.54 -1.89
N ILE A 680 0.01 65.73 -2.12
CA ILE A 680 -0.71 66.06 -3.35
C ILE A 680 -0.10 67.32 -3.94
N GLN A 681 0.14 67.32 -5.25
CA GLN A 681 0.85 68.41 -5.89
C GLN A 681 0.56 68.38 -7.39
N ASP A 682 0.21 69.53 -7.95
CA ASP A 682 0.04 69.72 -9.40
C ASP A 682 -0.85 68.67 -10.03
N GLY A 683 -1.87 68.23 -9.29
CA GLY A 683 -2.78 67.22 -9.78
C GLY A 683 -2.32 65.79 -9.69
N ILE A 684 -1.23 65.51 -8.99
CA ILE A 684 -0.76 64.14 -8.80
C ILE A 684 -0.47 63.92 -7.32
N LYS A 685 -0.36 62.65 -6.94
CA LYS A 685 -0.24 62.26 -5.54
C LYS A 685 0.92 61.28 -5.38
N LYS A 686 1.60 61.37 -4.24
CA LYS A 686 2.73 60.51 -3.93
C LYS A 686 2.66 60.03 -2.49
N LYS A 687 2.78 58.72 -2.30
CA LYS A 687 3.00 58.15 -0.98
C LYS A 687 4.43 58.40 -0.51
N VAL A 688 4.58 58.77 0.75
CA VAL A 688 5.83 59.31 1.26
C VAL A 688 6.61 58.28 2.08
N ASP A 689 5.94 57.63 3.04
CA ASP A 689 6.51 56.58 3.90
C ASP A 689 7.87 56.98 4.50
N LEU A 690 7.87 58.11 5.21
CA LEU A 690 9.07 58.53 5.95
C LEU A 690 9.34 57.60 7.13
N VAL A 691 10.61 57.22 7.29
CA VAL A 691 11.10 56.52 8.47
C VAL A 691 12.04 57.46 9.23
N VAL A 692 11.86 57.56 10.55
CA VAL A 692 12.63 58.50 11.36
C VAL A 692 13.03 57.87 12.69
N HIS A 693 14.07 58.43 13.29
CA HIS A 693 14.48 58.05 14.63
C HIS A 693 13.39 58.35 15.65
N PRO A 694 13.23 57.51 16.68
CA PRO A 694 12.16 57.72 17.66
C PRO A 694 12.20 59.07 18.37
N SER A 695 13.34 59.77 18.37
CA SER A 695 13.47 61.02 19.10
C SER A 695 12.63 62.16 18.54
N MET A 696 12.02 62.01 17.37
CA MET A 696 11.24 63.09 16.77
C MET A 696 9.81 62.61 16.51
N ASP A 697 8.86 63.51 16.68
CA ASP A 697 7.47 63.30 16.29
C ASP A 697 7.18 63.98 14.96
N GLN A 698 5.99 63.67 14.42
CA GLN A 698 5.59 64.14 13.10
C GLN A 698 5.53 65.67 13.00
N ASN A 699 5.58 66.38 14.12
CA ASN A 699 5.61 67.83 14.12
C ASN A 699 6.99 68.41 13.89
N ASP A 700 8.03 67.57 13.89
CA ASP A 700 9.40 68.07 13.83
C ASP A 700 9.67 68.76 12.48
N PRO A 701 10.33 69.91 12.50
CA PRO A 701 10.72 70.57 11.24
C PRO A 701 11.46 69.69 10.25
N LEU A 702 12.16 68.65 10.71
CA LEU A 702 12.87 67.75 9.82
C LEU A 702 11.92 66.94 8.94
N VAL A 703 10.88 66.33 9.52
CA VAL A 703 9.91 65.61 8.69
C VAL A 703 9.13 66.58 7.81
N ARG A 704 8.85 67.78 8.33
CA ARG A 704 8.21 68.81 7.52
C ARG A 704 9.09 69.23 6.35
N SER A 705 10.40 69.41 6.58
CA SER A 705 11.34 69.68 5.50
C SER A 705 11.39 68.54 4.48
N ALA A 706 11.36 67.29 4.95
CA ALA A 706 11.31 66.14 4.04
C ALA A 706 10.04 66.15 3.20
N ILE A 707 8.89 66.42 3.82
CA ILE A 707 7.64 66.56 3.09
C ILE A 707 7.76 67.64 2.01
N GLU A 708 8.29 68.81 2.38
CA GLU A 708 8.43 69.89 1.42
C GLU A 708 9.36 69.52 0.28
N GLN A 709 10.52 68.92 0.59
CA GLN A 709 11.47 68.58 -0.47
C GLN A 709 11.03 67.39 -1.31
N VAL A 710 10.16 66.52 -0.79
CA VAL A 710 9.47 65.56 -1.65
C VAL A 710 8.47 66.28 -2.56
N ARG A 711 7.63 67.13 -1.98
CA ARG A 711 6.65 67.88 -2.76
C ARG A 711 7.31 68.73 -3.84
N PHE A 712 8.47 69.32 -3.52
CA PHE A 712 9.26 70.01 -4.53
C PHE A 712 9.61 69.10 -5.71
N ARG A 713 10.29 67.99 -5.45
CA ARG A 713 10.69 67.12 -6.55
C ARG A 713 9.51 66.44 -7.23
N ILE A 714 8.38 66.29 -6.54
CA ILE A 714 7.15 65.83 -7.19
C ILE A 714 6.49 66.92 -8.02
N SER A 715 6.79 68.19 -7.73
CA SER A 715 6.20 69.30 -8.50
C SER A 715 6.58 69.21 -9.96
N ASN A 716 5.67 69.66 -10.81
CA ASN A 716 5.87 69.62 -12.26
C ASN A 716 7.01 70.55 -12.67
N MET B 50 9.06 -6.47 -27.82
CA MET B 50 7.62 -6.63 -27.77
C MET B 50 7.04 -6.10 -26.45
N VAL B 51 7.67 -6.43 -25.33
CA VAL B 51 7.20 -6.00 -24.02
C VAL B 51 7.64 -4.55 -23.80
N THR B 52 6.67 -3.64 -23.78
CA THR B 52 6.89 -2.25 -23.41
C THR B 52 5.70 -1.79 -22.57
N ARG B 53 5.92 -0.75 -21.78
CA ARG B 53 4.88 -0.29 -20.87
C ARG B 53 3.79 0.44 -21.65
N ARG B 54 2.55 0.27 -21.20
CA ARG B 54 1.47 1.16 -21.61
C ARG B 54 1.29 2.31 -20.63
N GLU B 55 0.92 3.46 -21.17
CA GLU B 55 1.27 4.74 -20.56
C GLU B 55 0.65 5.00 -19.19
N PRO B 56 -0.64 4.72 -18.90
CA PRO B 56 -1.21 5.08 -17.60
C PRO B 56 -0.94 4.06 -16.51
N ALA B 57 -0.15 4.46 -15.52
CA ALA B 57 -0.14 3.81 -14.22
C ALA B 57 -1.40 4.18 -13.43
N VAL B 58 -1.99 3.20 -12.75
CA VAL B 58 -3.22 3.41 -12.00
C VAL B 58 -2.90 3.40 -10.50
N LYS B 59 -3.16 4.53 -9.84
CA LYS B 59 -2.86 4.68 -8.43
C LYS B 59 -3.93 4.02 -7.57
N LEU B 60 -3.50 3.31 -6.53
CA LEU B 60 -4.40 2.67 -5.58
C LEU B 60 -4.36 3.41 -4.24
N GLN B 61 -5.54 3.70 -3.69
CA GLN B 61 -5.62 4.48 -2.46
C GLN B 61 -5.31 3.66 -1.22
N TYR B 62 -5.40 2.33 -1.31
CA TYR B 62 -5.36 1.48 -0.12
C TYR B 62 -4.44 0.29 -0.38
N ALA B 63 -3.99 -0.33 0.71
CA ALA B 63 -3.04 -1.43 0.62
C ALA B 63 -3.67 -2.61 -0.11
N VAL B 64 -2.91 -3.19 -1.03
CA VAL B 64 -3.34 -4.43 -1.68
C VAL B 64 -3.43 -5.54 -0.65
N SER B 65 -4.45 -6.38 -0.79
CA SER B 65 -4.91 -7.23 0.30
C SER B 65 -5.27 -8.62 -0.21
N GLY B 66 -4.90 -9.62 0.56
CA GLY B 66 -5.39 -10.97 0.37
C GLY B 66 -4.61 -11.81 -0.61
N LEU B 67 -5.24 -12.92 -0.99
CA LEU B 67 -4.65 -13.92 -1.86
C LEU B 67 -4.73 -13.51 -3.32
N GLU B 68 -3.61 -13.67 -4.04
CA GLU B 68 -3.50 -13.58 -5.49
C GLU B 68 -4.33 -12.41 -6.05
N PRO B 69 -4.03 -11.18 -5.63
CA PRO B 69 -5.06 -10.13 -5.57
C PRO B 69 -5.48 -9.53 -6.89
N LEU B 70 -4.80 -9.82 -8.00
CA LEU B 70 -5.17 -9.27 -9.29
C LEU B 70 -5.80 -10.34 -10.18
N ALA B 71 -6.87 -9.97 -10.87
CA ALA B 71 -7.53 -10.83 -11.85
C ALA B 71 -8.07 -9.97 -12.98
N TRP B 72 -8.14 -10.55 -14.18
CA TRP B 72 -8.67 -9.87 -15.35
C TRP B 72 -9.78 -10.74 -15.92
N SER B 73 -10.99 -10.20 -15.90
CA SER B 73 -12.18 -10.91 -16.35
C SER B 73 -12.29 -10.97 -17.87
N GLU B 74 -13.10 -11.93 -18.33
CA GLU B 74 -13.48 -12.03 -19.73
C GLU B 74 -14.20 -10.77 -20.21
N ASP B 75 -14.64 -9.92 -19.28
CA ASP B 75 -15.39 -8.70 -19.57
C ASP B 75 -14.48 -7.48 -19.58
N HIS B 76 -13.16 -7.69 -19.52
CA HIS B 76 -12.16 -6.63 -19.55
C HIS B 76 -12.31 -5.65 -18.38
N ARG B 77 -12.84 -6.13 -17.26
CA ARG B 77 -12.76 -5.42 -16.00
C ARG B 77 -11.68 -6.07 -15.14
N VAL B 78 -10.74 -5.26 -14.65
CA VAL B 78 -9.65 -5.72 -13.79
C VAL B 78 -9.97 -5.36 -12.35
N SER B 79 -9.98 -6.34 -11.47
CA SER B 79 -10.24 -6.14 -10.05
C SER B 79 -8.95 -6.33 -9.27
N VAL B 80 -8.67 -5.42 -8.35
CA VAL B 80 -7.66 -5.61 -7.32
C VAL B 80 -8.33 -5.61 -5.96
N SER B 81 -8.17 -6.70 -5.22
CA SER B 81 -8.67 -6.77 -3.85
C SER B 81 -7.77 -6.00 -2.91
N THR B 82 -8.35 -5.08 -2.13
CA THR B 82 -7.58 -4.16 -1.32
C THR B 82 -8.28 -3.97 0.02
N ALA B 83 -7.55 -3.40 0.97
CA ALA B 83 -7.94 -3.42 2.37
C ALA B 83 -9.27 -2.72 2.64
N ARG B 84 -9.73 -1.84 1.76
CA ARG B 84 -10.92 -1.06 2.00
C ARG B 84 -11.96 -1.14 0.90
N SER B 85 -11.66 -1.84 -0.19
CA SER B 85 -12.55 -1.90 -1.35
C SER B 85 -12.07 -3.04 -2.23
N ILE B 86 -12.84 -3.32 -3.28
CA ILE B 86 -12.30 -3.89 -4.51
C ILE B 86 -12.33 -2.79 -5.56
N ALA B 87 -11.16 -2.40 -6.04
CA ALA B 87 -11.09 -1.48 -7.17
C ALA B 87 -11.25 -2.24 -8.48
N VAL B 88 -12.11 -1.74 -9.35
CA VAL B 88 -12.39 -2.37 -10.64
C VAL B 88 -11.97 -1.41 -11.74
N LEU B 89 -11.07 -1.85 -12.60
CA LEU B 89 -10.57 -1.06 -13.72
C LEU B 89 -11.21 -1.59 -14.99
N GLU B 90 -12.02 -0.76 -15.64
CA GLU B 90 -12.78 -1.18 -16.81
C GLU B 90 -12.15 -0.61 -18.07
N LEU B 91 -11.66 -1.48 -18.93
CA LEU B 91 -10.94 -1.08 -20.13
C LEU B 91 -11.93 -0.76 -21.25
N ILE B 92 -11.95 0.50 -21.68
CA ILE B 92 -12.81 0.95 -22.76
C ILE B 92 -11.95 1.27 -23.97
N CYS B 93 -12.29 0.70 -25.12
CA CYS B 93 -11.75 1.14 -26.40
C CYS B 93 -12.48 2.40 -26.85
N ASP B 94 -12.12 3.52 -26.23
CA ASP B 94 -12.85 4.76 -26.41
C ASP B 94 -12.71 5.24 -27.84
N VAL B 95 -13.86 5.40 -28.53
CA VAL B 95 -13.90 5.91 -29.89
C VAL B 95 -14.27 7.39 -29.95
N HIS B 96 -14.49 8.03 -28.80
CA HIS B 96 -14.90 9.43 -28.75
C HIS B 96 -13.76 10.38 -28.39
N ASN B 97 -12.56 9.89 -28.16
CA ASN B 97 -11.47 10.76 -27.72
C ASN B 97 -10.16 10.31 -28.36
N PRO B 98 -9.23 11.24 -28.58
CA PRO B 98 -7.97 10.90 -29.24
C PRO B 98 -6.84 10.46 -28.33
N GLY B 99 -7.04 10.46 -27.00
CA GLY B 99 -5.96 10.17 -26.08
C GLY B 99 -5.42 8.76 -26.24
N GLN B 100 -4.09 8.65 -26.35
CA GLN B 100 -3.45 7.37 -26.64
C GLN B 100 -3.39 6.43 -25.43
N ASP B 101 -3.63 6.93 -24.22
CA ASP B 101 -3.58 6.09 -23.05
C ASP B 101 -4.67 5.01 -23.09
N LEU B 102 -4.53 4.03 -22.21
CA LEU B 102 -5.65 3.17 -21.86
C LEU B 102 -6.75 3.97 -21.18
N VAL B 103 -7.95 3.93 -21.74
CA VAL B 103 -9.10 4.63 -21.15
C VAL B 103 -9.70 3.69 -20.12
N ILE B 104 -9.28 3.87 -18.87
CA ILE B 104 -9.65 2.98 -17.78
C ILE B 104 -10.74 3.67 -16.96
N HIS B 105 -11.96 3.15 -17.03
CA HIS B 105 -13.03 3.60 -16.15
C HIS B 105 -12.88 2.89 -14.81
N ARG B 106 -13.00 3.64 -13.71
CA ARG B 106 -12.72 3.13 -12.39
C ARG B 106 -13.97 3.12 -11.52
N THR B 107 -14.22 1.99 -10.87
CA THR B 107 -15.34 1.77 -9.98
C THR B 107 -14.81 0.98 -8.79
N SER B 108 -15.56 0.95 -7.69
CA SER B 108 -15.14 0.05 -6.63
C SER B 108 -16.32 -0.54 -5.88
N VAL B 109 -16.10 -1.75 -5.37
CA VAL B 109 -16.97 -2.38 -4.38
C VAL B 109 -16.49 -1.92 -3.00
N PRO B 110 -17.36 -1.30 -2.20
CA PRO B 110 -16.94 -0.95 -0.83
C PRO B 110 -16.72 -2.21 0.00
N ALA B 111 -15.78 -2.10 0.95
CA ALA B 111 -15.71 -3.08 2.03
C ALA B 111 -16.96 -3.03 2.89
N PRO B 112 -17.36 -4.15 3.48
CA PRO B 112 -18.53 -4.14 4.36
C PRO B 112 -18.31 -3.27 5.59
N LEU B 113 -19.41 -2.72 6.11
CA LEU B 113 -19.37 -1.92 7.33
C LEU B 113 -19.52 -2.75 8.61
N ASN B 114 -20.05 -3.96 8.52
CA ASN B 114 -20.34 -4.81 9.67
C ASN B 114 -19.53 -6.09 9.61
N SER B 115 -18.84 -6.42 10.70
CA SER B 115 -17.99 -7.59 10.75
C SER B 115 -18.84 -8.86 10.82
N CYS B 116 -18.49 -9.84 9.97
CA CYS B 116 -19.25 -11.09 9.87
C CYS B 116 -18.88 -12.04 11.00
N LEU B 117 -19.89 -12.55 11.69
CA LEU B 117 -19.72 -13.63 12.66
C LEU B 117 -20.28 -14.92 12.06
N LEU B 118 -19.43 -15.94 12.00
CA LEU B 118 -19.91 -17.28 11.61
C LEU B 118 -20.79 -17.87 12.69
N LYS B 119 -21.98 -18.30 12.29
CA LYS B 119 -22.96 -18.83 13.23
C LYS B 119 -22.59 -20.26 13.62
N VAL B 120 -22.40 -20.49 14.91
CA VAL B 120 -22.04 -21.80 15.43
C VAL B 120 -23.00 -22.30 16.50
N GLY B 121 -23.95 -21.49 16.92
CA GLY B 121 -24.90 -21.90 17.93
C GLY B 121 -25.82 -20.76 18.26
N SER B 122 -26.65 -20.97 19.30
CA SER B 122 -27.52 -19.89 19.74
C SER B 122 -26.72 -18.72 20.28
N LYS B 123 -27.33 -17.54 20.22
CA LYS B 123 -26.65 -16.31 20.62
C LYS B 123 -26.27 -16.31 22.09
N THR B 124 -27.02 -17.02 22.92
CA THR B 124 -26.65 -17.18 24.33
C THR B 124 -25.61 -18.28 24.54
N GLU B 125 -25.79 -19.44 23.91
CA GLU B 125 -24.88 -20.55 24.14
C GLU B 125 -23.49 -20.26 23.61
N VAL B 126 -23.38 -19.60 22.46
CA VAL B 126 -22.07 -19.20 21.97
C VAL B 126 -21.39 -18.20 22.91
N ALA B 127 -22.17 -17.33 23.56
CA ALA B 127 -21.58 -16.32 24.44
C ALA B 127 -20.96 -16.93 25.69
N GLU B 128 -21.65 -17.89 26.31
CA GLU B 128 -21.07 -18.59 27.46
C GLU B 128 -19.89 -19.49 27.06
N CYS B 129 -19.92 -20.09 25.87
CA CYS B 129 -18.78 -20.87 25.41
C CYS B 129 -17.55 -19.99 25.18
N LYS B 130 -17.71 -18.85 24.52
CA LYS B 130 -16.59 -17.92 24.34
C LYS B 130 -16.00 -17.47 25.66
N GLU B 131 -16.85 -17.20 26.66
CA GLU B 131 -16.35 -16.86 27.99
C GLU B 131 -15.57 -18.03 28.59
N LYS B 132 -16.11 -19.25 28.48
CA LYS B 132 -15.43 -20.44 28.99
C LYS B 132 -14.02 -20.60 28.43
N PHE B 133 -13.87 -20.51 27.11
CA PHE B 133 -12.56 -20.73 26.50
C PHE B 133 -11.59 -19.61 26.83
N ALA B 134 -12.02 -18.35 26.72
CA ALA B 134 -11.15 -17.24 27.05
C ALA B 134 -10.67 -17.28 28.49
N ALA B 135 -11.55 -17.63 29.42
CA ALA B 135 -11.18 -17.74 30.83
C ALA B 135 -10.44 -19.03 31.17
N SER B 136 -10.22 -19.93 30.21
CA SER B 136 -9.58 -21.20 30.52
C SER B 136 -8.17 -21.01 31.05
N LYS B 137 -7.83 -21.74 32.11
CA LYS B 137 -6.52 -21.68 32.73
C LYS B 137 -5.46 -22.48 31.99
N ASP B 138 -5.85 -23.34 31.05
CA ASP B 138 -4.88 -23.97 30.17
C ASP B 138 -4.34 -22.94 29.18
N PRO B 139 -3.02 -22.75 29.10
CA PRO B 139 -2.44 -21.88 28.06
C PRO B 139 -2.85 -22.24 26.64
N THR B 140 -2.92 -23.53 26.31
CA THR B 140 -3.19 -23.93 24.93
C THR B 140 -4.61 -23.56 24.51
N VAL B 141 -5.61 -24.00 25.26
CA VAL B 141 -7.00 -23.70 24.93
C VAL B 141 -7.25 -22.19 24.92
N SER B 142 -6.79 -21.49 25.96
CA SER B 142 -7.06 -20.06 26.06
C SER B 142 -6.38 -19.25 24.95
N GLN B 143 -5.10 -19.51 24.68
CA GLN B 143 -4.41 -18.77 23.63
C GLN B 143 -4.83 -19.20 22.23
N THR B 144 -5.22 -20.46 22.03
CA THR B 144 -5.78 -20.84 20.74
C THR B 144 -7.05 -20.08 20.42
N PHE B 145 -7.92 -19.91 21.42
CA PHE B 145 -9.12 -19.10 21.23
C PHE B 145 -8.79 -17.63 20.98
N MET B 146 -7.95 -17.04 21.83
CA MET B 146 -7.70 -15.61 21.76
C MET B 146 -6.85 -15.18 20.57
N LEU B 147 -6.06 -16.07 20.00
CA LEU B 147 -5.27 -15.69 18.83
C LEU B 147 -6.00 -15.87 17.52
N ASP B 148 -6.76 -16.96 17.36
CA ASP B 148 -7.38 -17.27 16.09
C ASP B 148 -8.49 -16.27 15.78
N ARG B 149 -8.31 -15.51 14.69
CA ARG B 149 -9.26 -14.47 14.27
C ARG B 149 -10.58 -15.03 13.74
N VAL B 150 -10.66 -16.32 13.44
CA VAL B 150 -11.94 -16.88 13.02
C VAL B 150 -12.95 -16.84 14.16
N PHE B 151 -12.50 -17.13 15.38
CA PHE B 151 -13.36 -17.00 16.55
C PHE B 151 -13.55 -15.56 16.98
N ASN B 152 -12.67 -14.65 16.53
CA ASN B 152 -12.63 -13.28 17.02
C ASN B 152 -12.59 -12.31 15.83
N PRO B 153 -13.70 -12.20 15.10
CA PRO B 153 -13.70 -11.31 13.92
C PRO B 153 -13.68 -9.84 14.27
N GLU B 154 -13.99 -9.46 15.51
CA GLU B 154 -13.80 -8.10 15.97
C GLU B 154 -13.46 -8.15 17.45
N GLY B 155 -12.78 -7.11 17.93
CA GLY B 155 -12.44 -7.06 19.33
C GLY B 155 -12.05 -5.68 19.80
N LYS B 156 -11.76 -5.60 21.09
CA LYS B 156 -11.49 -4.31 21.75
C LYS B 156 -10.23 -3.67 21.22
N ALA B 157 -9.21 -4.47 20.88
CA ALA B 157 -7.97 -3.94 20.35
C ALA B 157 -7.46 -4.72 19.16
N LEU B 158 -8.34 -5.41 18.43
CA LEU B 158 -7.99 -6.13 17.22
C LEU B 158 -8.47 -5.35 16.01
N PRO B 159 -7.64 -5.19 14.98
CA PRO B 159 -8.08 -4.50 13.77
C PRO B 159 -9.14 -5.31 13.04
N PRO B 160 -10.21 -4.65 12.57
CA PRO B 160 -11.27 -5.37 11.87
C PRO B 160 -10.80 -5.89 10.52
N MET B 161 -11.16 -7.14 10.23
CA MET B 161 -10.66 -7.86 9.05
C MET B 161 -11.61 -7.74 7.87
N ARG B 162 -12.26 -6.59 7.72
CA ARG B 162 -13.33 -6.41 6.74
C ARG B 162 -12.83 -6.23 5.32
N GLY B 163 -11.52 -6.08 5.10
CA GLY B 163 -11.00 -6.05 3.75
C GLY B 163 -11.13 -7.42 3.08
N PHE B 164 -10.77 -7.45 1.81
CA PHE B 164 -11.09 -8.58 0.94
C PHE B 164 -9.96 -9.59 0.87
N LYS B 165 -10.32 -10.86 1.08
CA LYS B 165 -9.38 -11.98 1.01
C LYS B 165 -9.17 -12.46 -0.43
N TYR B 166 -10.24 -12.60 -1.20
CA TYR B 166 -10.15 -13.13 -2.56
C TYR B 166 -11.33 -12.62 -3.38
N THR B 167 -11.13 -12.63 -4.69
CA THR B 167 -12.17 -12.27 -5.66
C THR B 167 -12.09 -13.19 -6.86
N SER B 168 -13.25 -13.49 -7.44
CA SER B 168 -13.32 -14.29 -8.66
C SER B 168 -14.40 -13.75 -9.57
N TRP B 169 -14.13 -13.76 -10.87
CA TRP B 169 -15.04 -13.24 -11.88
C TRP B 169 -15.77 -14.42 -12.51
N SER B 170 -17.10 -14.30 -12.63
CA SER B 170 -17.89 -15.30 -13.32
C SER B 170 -17.60 -15.25 -14.82
N PRO B 171 -18.07 -16.25 -15.58
CA PRO B 171 -18.23 -16.07 -17.02
C PRO B 171 -19.16 -14.92 -17.36
N MET B 172 -19.06 -14.46 -18.61
CA MET B 172 -20.03 -13.51 -19.14
C MET B 172 -21.44 -14.12 -19.15
N GLY B 173 -22.43 -13.24 -19.24
CA GLY B 173 -23.82 -13.66 -19.27
C GLY B 173 -24.43 -14.05 -17.95
N CYS B 174 -23.68 -13.96 -16.85
CA CYS B 174 -24.22 -14.32 -15.54
C CYS B 174 -25.06 -13.21 -14.93
N ASP B 175 -24.75 -11.95 -15.22
CA ASP B 175 -25.45 -10.83 -14.62
C ASP B 175 -26.88 -10.74 -15.18
N ALA B 176 -27.66 -9.80 -14.63
CA ALA B 176 -28.96 -9.50 -15.20
C ALA B 176 -28.82 -8.84 -16.56
N ASN B 177 -27.80 -8.00 -16.72
CA ASN B 177 -27.30 -7.62 -18.03
C ASN B 177 -26.43 -8.74 -18.58
N GLY B 178 -25.95 -8.58 -19.81
CA GLY B 178 -25.11 -9.58 -20.43
C GLY B 178 -23.74 -9.75 -19.81
N ARG B 179 -23.51 -9.15 -18.64
CA ARG B 179 -22.17 -9.01 -18.11
C ARG B 179 -21.86 -10.16 -17.16
N CYS B 180 -20.66 -10.17 -16.60
CA CYS B 180 -20.26 -11.14 -15.60
C CYS B 180 -20.45 -10.61 -14.18
N LEU B 181 -20.63 -11.54 -13.24
CA LEU B 181 -20.75 -11.27 -11.82
C LEU B 181 -19.38 -11.29 -11.16
N LEU B 182 -19.27 -10.62 -10.02
CA LEU B 182 -18.07 -10.65 -9.19
C LEU B 182 -18.40 -11.35 -7.88
N ALA B 183 -17.72 -12.45 -7.60
CA ALA B 183 -17.73 -13.07 -6.29
C ALA B 183 -16.60 -12.49 -5.43
N ALA B 184 -16.94 -12.01 -4.24
CA ALA B 184 -15.99 -11.33 -3.38
C ALA B 184 -16.02 -11.92 -1.99
N LEU B 185 -14.84 -12.24 -1.46
CA LEU B 185 -14.71 -12.83 -0.13
C LEU B 185 -13.90 -11.89 0.75
N THR B 186 -14.47 -11.52 1.89
CA THR B 186 -13.74 -10.76 2.89
C THR B 186 -12.89 -11.68 3.76
N MET B 187 -11.96 -11.08 4.50
CA MET B 187 -11.14 -11.82 5.45
C MET B 187 -11.90 -12.24 6.71
N ASP B 188 -12.99 -11.56 7.05
CA ASP B 188 -13.90 -12.12 8.04
C ASP B 188 -14.93 -13.08 7.44
N ASN B 189 -14.64 -13.67 6.30
CA ASN B 189 -15.35 -14.82 5.74
C ASN B 189 -16.75 -14.48 5.23
N ARG B 190 -17.08 -13.21 5.05
CA ARG B 190 -18.32 -12.84 4.36
C ARG B 190 -18.13 -13.04 2.87
N LEU B 191 -18.78 -14.06 2.30
CA LEU B 191 -18.79 -14.31 0.87
C LEU B 191 -20.04 -13.72 0.23
N THR B 192 -19.86 -12.92 -0.81
CA THR B 192 -20.91 -12.12 -1.40
C THR B 192 -20.78 -12.18 -2.92
N ILE B 193 -21.90 -12.00 -3.60
CA ILE B 193 -21.93 -11.84 -5.06
C ILE B 193 -22.35 -10.42 -5.40
N GLN B 194 -21.58 -9.77 -6.27
CA GLN B 194 -21.70 -8.36 -6.57
C GLN B 194 -21.99 -8.19 -8.06
N ALA B 195 -22.78 -7.17 -8.40
CA ALA B 195 -23.02 -6.84 -9.79
C ALA B 195 -23.11 -5.32 -9.95
N ASN B 196 -22.80 -4.85 -11.14
CA ASN B 196 -22.84 -3.43 -11.48
C ASN B 196 -23.96 -3.18 -12.47
N LEU B 197 -25.18 -3.08 -11.95
CA LEU B 197 -26.36 -3.07 -12.82
C LEU B 197 -26.46 -1.76 -13.59
N ASN B 198 -26.45 -0.63 -12.87
CA ASN B 198 -26.01 0.62 -13.47
C ASN B 198 -24.49 0.66 -13.51
N ARG B 199 -23.96 1.65 -14.23
CA ARG B 199 -22.51 1.76 -14.37
C ARG B 199 -21.84 2.24 -13.09
N LEU B 200 -22.54 3.03 -12.28
CA LEU B 200 -21.88 3.78 -11.21
C LEU B 200 -21.58 2.95 -9.97
N GLN B 201 -22.54 2.14 -9.51
CA GLN B 201 -22.46 1.57 -8.16
C GLN B 201 -22.67 0.07 -8.17
N TRP B 202 -21.75 -0.65 -7.52
CA TRP B 202 -21.93 -2.08 -7.28
C TRP B 202 -22.96 -2.30 -6.18
N VAL B 203 -23.84 -3.27 -6.38
CA VAL B 203 -24.80 -3.71 -5.37
C VAL B 203 -24.56 -5.16 -5.02
N GLN B 204 -24.76 -5.51 -3.76
CA GLN B 204 -24.69 -6.90 -3.33
C GLN B 204 -25.98 -7.60 -3.70
N LEU B 205 -25.87 -8.67 -4.49
CA LEU B 205 -27.02 -9.47 -4.87
C LEU B 205 -27.40 -10.50 -3.81
N VAL B 206 -26.41 -11.15 -3.19
CA VAL B 206 -26.67 -12.10 -2.12
C VAL B 206 -25.43 -12.22 -1.25
N ASP B 207 -25.63 -12.58 0.02
CA ASP B 207 -24.58 -13.04 0.91
C ASP B 207 -24.75 -14.55 1.08
N LEU B 208 -23.76 -15.31 0.63
CA LEU B 208 -23.84 -16.77 0.64
C LEU B 208 -23.43 -17.37 1.99
N THR B 209 -22.56 -16.69 2.72
CA THR B 209 -22.21 -17.13 4.07
C THR B 209 -23.40 -17.05 5.01
N GLU B 210 -24.20 -15.99 4.89
CA GLU B 210 -25.43 -15.87 5.67
C GLU B 210 -26.37 -17.05 5.43
N ILE B 211 -26.65 -17.36 4.17
CA ILE B 211 -27.54 -18.49 3.84
C ILE B 211 -26.94 -19.81 4.33
N TYR B 212 -25.67 -20.06 4.03
CA TYR B 212 -25.07 -21.34 4.37
C TYR B 212 -25.00 -21.54 5.89
N GLY B 213 -24.72 -20.48 6.63
CA GLY B 213 -24.75 -20.57 8.08
C GLY B 213 -26.10 -20.99 8.64
N GLU B 214 -27.18 -20.41 8.12
CA GLU B 214 -28.52 -20.80 8.52
C GLU B 214 -28.85 -22.25 8.15
N ARG B 215 -28.50 -22.67 6.94
CA ARG B 215 -28.76 -24.06 6.53
C ARG B 215 -27.96 -25.06 7.36
N LEU B 216 -26.72 -24.74 7.71
CA LEU B 216 -25.99 -25.60 8.65
C LEU B 216 -26.68 -25.64 10.01
N TYR B 217 -27.09 -24.48 10.52
CA TYR B 217 -27.78 -24.43 11.81
C TYR B 217 -29.05 -25.27 11.80
N GLU B 218 -29.84 -25.15 10.73
CA GLU B 218 -31.07 -25.96 10.61
C GLU B 218 -30.78 -27.45 10.60
N THR B 219 -29.67 -27.88 9.99
CA THR B 219 -29.26 -29.28 10.04
C THR B 219 -28.33 -29.58 11.22
N SER B 220 -28.29 -28.70 12.21
CA SER B 220 -27.47 -28.85 13.41
C SER B 220 -26.01 -29.13 13.10
N TYR B 221 -25.50 -28.53 12.03
CA TYR B 221 -24.12 -28.72 11.58
C TYR B 221 -23.80 -30.17 11.25
N ARG B 222 -24.79 -30.96 10.85
CA ARG B 222 -24.56 -32.31 10.35
C ARG B 222 -24.91 -32.38 8.87
N LEU B 223 -24.02 -32.94 8.07
CA LEU B 223 -24.31 -33.16 6.66
C LEU B 223 -25.13 -34.43 6.44
N SER B 224 -24.73 -35.53 7.08
CA SER B 224 -25.55 -36.73 7.14
C SER B 224 -26.11 -36.88 8.55
N LYS B 225 -27.44 -36.92 8.65
CA LYS B 225 -28.11 -36.79 9.95
C LYS B 225 -27.89 -38.01 10.83
N ASN B 226 -27.59 -39.16 10.23
CA ASN B 226 -27.25 -40.37 10.99
C ASN B 226 -25.79 -40.41 11.42
N GLU B 227 -24.92 -39.65 10.75
CA GLU B 227 -23.48 -39.91 10.80
C GLU B 227 -22.81 -39.29 12.02
N ALA B 228 -23.40 -38.25 12.63
CA ALA B 228 -22.68 -37.53 13.67
C ALA B 228 -23.55 -37.28 14.88
N PRO B 229 -22.94 -37.23 16.06
CA PRO B 229 -23.68 -36.79 17.26
C PRO B 229 -24.07 -35.32 17.18
N GLU B 230 -25.00 -34.95 18.06
CA GLU B 230 -25.25 -33.55 18.42
C GLU B 230 -24.16 -33.07 19.37
N GLY B 231 -22.94 -33.02 18.84
CA GLY B 231 -21.79 -32.72 19.67
C GLY B 231 -21.92 -31.39 20.37
N ASN B 232 -21.47 -31.34 21.63
CA ASN B 232 -21.65 -30.17 22.47
C ASN B 232 -20.78 -29.03 21.98
N LEU B 233 -21.39 -27.85 21.79
CA LEU B 233 -20.64 -26.65 21.45
C LEU B 233 -19.62 -26.30 22.52
N GLY B 234 -19.86 -26.69 23.77
CA GLY B 234 -18.90 -26.47 24.83
C GLY B 234 -17.63 -27.28 24.73
N ASP B 235 -17.46 -28.09 23.69
CA ASP B 235 -16.22 -28.81 23.43
C ASP B 235 -15.44 -28.06 22.36
N PHE B 236 -14.18 -27.76 22.65
CA PHE B 236 -13.41 -26.89 21.78
C PHE B 236 -13.16 -27.51 20.41
N ALA B 237 -13.09 -28.84 20.33
CA ALA B 237 -12.95 -29.50 19.04
C ALA B 237 -14.21 -29.33 18.18
N GLU B 238 -15.39 -29.48 18.78
CA GLU B 238 -16.64 -29.23 18.06
C GLU B 238 -16.84 -27.75 17.80
N PHE B 239 -16.51 -26.89 18.76
CA PHE B 239 -16.54 -25.46 18.55
C PHE B 239 -15.67 -25.06 17.36
N GLN B 240 -14.39 -25.46 17.37
CA GLN B 240 -13.51 -25.19 16.24
C GLN B 240 -14.04 -25.76 14.94
N ARG B 241 -14.55 -27.00 14.97
CA ARG B 241 -15.13 -27.61 13.78
C ARG B 241 -16.27 -26.79 13.19
N ARG B 242 -17.21 -26.36 14.02
CA ARG B 242 -18.34 -25.59 13.50
C ARG B 242 -17.90 -24.27 12.87
N HIS B 243 -16.79 -23.70 13.33
CA HIS B 243 -16.17 -22.59 12.60
C HIS B 243 -15.48 -23.08 11.33
N SER B 244 -14.61 -24.09 11.47
CA SER B 244 -13.80 -24.56 10.35
C SER B 244 -14.66 -25.04 9.18
N MET B 245 -15.75 -25.73 9.47
CA MET B 245 -16.60 -26.31 8.43
C MET B 245 -17.29 -25.26 7.56
N GLN B 246 -17.18 -23.98 7.89
CA GLN B 246 -17.86 -22.94 7.10
C GLN B 246 -17.00 -21.70 6.93
N THR B 247 -15.70 -21.79 7.20
CA THR B 247 -14.76 -20.72 6.89
C THR B 247 -14.29 -20.88 5.45
N PRO B 248 -14.71 -20.03 4.51
CA PRO B 248 -14.33 -20.23 3.11
C PRO B 248 -12.87 -19.87 2.87
N VAL B 249 -12.16 -20.78 2.23
CA VAL B 249 -10.79 -20.51 1.77
C VAL B 249 -10.80 -19.77 0.43
N ARG B 250 -11.31 -20.41 -0.61
CA ARG B 250 -11.25 -19.90 -1.98
C ARG B 250 -12.44 -20.45 -2.75
N MET B 251 -12.63 -19.94 -3.96
CA MET B 251 -13.88 -20.12 -4.70
C MET B 251 -13.63 -19.91 -6.18
N GLU B 252 -14.38 -20.65 -7.00
CA GLU B 252 -14.33 -20.49 -8.45
C GLU B 252 -15.69 -20.78 -9.06
N TRP B 253 -15.98 -20.08 -10.15
CA TRP B 253 -17.17 -20.30 -10.96
C TRP B 253 -16.93 -21.41 -11.98
N SER B 254 -17.96 -22.20 -12.23
CA SER B 254 -17.95 -23.09 -13.38
C SER B 254 -18.09 -22.28 -14.67
N GLY B 255 -17.99 -22.97 -15.80
CA GLY B 255 -18.56 -22.48 -17.04
C GLY B 255 -20.09 -22.44 -16.99
N ILE B 256 -20.66 -21.95 -18.08
CA ILE B 256 -22.11 -21.85 -18.21
C ILE B 256 -22.65 -23.25 -18.52
N CYS B 257 -23.38 -23.83 -17.58
CA CYS B 257 -24.17 -25.02 -17.87
C CYS B 257 -25.41 -24.66 -18.67
N THR B 258 -26.04 -25.67 -19.25
CA THR B 258 -27.30 -25.51 -19.96
C THR B 258 -28.31 -26.58 -19.53
N VAL B 271 -32.32 -22.78 -20.90
CA VAL B 271 -32.01 -22.02 -19.68
C VAL B 271 -30.54 -22.20 -19.31
N GLY B 272 -29.86 -21.09 -19.04
CA GLY B 272 -28.49 -21.15 -18.59
C GLY B 272 -28.37 -21.31 -17.08
N SER B 273 -27.26 -21.91 -16.67
CA SER B 273 -26.94 -22.05 -15.25
C SER B 273 -25.44 -21.97 -15.08
N VAL B 274 -25.01 -21.53 -13.90
CA VAL B 274 -23.60 -21.51 -13.54
C VAL B 274 -23.44 -22.02 -12.11
N LEU B 275 -22.40 -22.80 -11.88
CA LEU B 275 -22.07 -23.25 -10.54
C LEU B 275 -21.03 -22.34 -9.89
N LEU B 276 -21.02 -22.33 -8.57
CA LEU B 276 -19.94 -21.75 -7.78
C LEU B 276 -19.52 -22.76 -6.73
N ALA B 277 -18.26 -23.16 -6.74
CA ALA B 277 -17.71 -24.05 -5.72
C ALA B 277 -16.94 -23.24 -4.69
N VAL B 278 -17.33 -23.36 -3.42
CA VAL B 278 -16.68 -22.68 -2.32
C VAL B 278 -15.91 -23.72 -1.51
N LEU B 279 -14.64 -23.44 -1.24
CA LEU B 279 -13.78 -24.36 -0.51
C LEU B 279 -13.69 -23.90 0.94
N PHE B 280 -13.93 -24.83 1.87
CA PHE B 280 -13.84 -24.53 3.29
C PHE B 280 -12.59 -25.13 3.91
N GLU B 281 -12.20 -24.56 5.04
CA GLU B 281 -10.96 -24.93 5.72
C GLU B 281 -10.90 -26.40 6.06
N ASN B 282 -12.03 -27.03 6.36
CA ASN B 282 -12.07 -28.44 6.74
C ASN B 282 -12.13 -29.39 5.55
N GLY B 283 -12.04 -28.88 4.33
CA GLY B 283 -12.14 -29.70 3.15
C GLY B 283 -13.54 -30.03 2.66
N ASN B 284 -14.58 -29.48 3.27
CA ASN B 284 -15.87 -29.44 2.61
C ASN B 284 -15.83 -28.49 1.42
N ILE B 285 -16.65 -28.78 0.42
CA ILE B 285 -16.90 -27.86 -0.68
C ILE B 285 -18.40 -27.71 -0.87
N ALA B 286 -18.89 -26.48 -0.88
CA ALA B 286 -20.27 -26.19 -1.24
C ALA B 286 -20.34 -25.84 -2.72
N VAL B 287 -21.07 -26.64 -3.49
CA VAL B 287 -21.34 -26.34 -4.89
C VAL B 287 -22.70 -25.65 -4.95
N TRP B 288 -22.68 -24.33 -5.17
CA TRP B 288 -23.89 -23.59 -5.45
C TRP B 288 -24.27 -23.74 -6.91
N GLN B 289 -25.58 -23.74 -7.18
CA GLN B 289 -26.09 -23.65 -8.55
C GLN B 289 -26.93 -22.39 -8.68
N PHE B 290 -26.57 -21.53 -9.62
CA PHE B 290 -27.30 -20.31 -9.92
C PHE B 290 -28.03 -20.45 -11.24
N GLN B 291 -29.31 -20.11 -11.23
CA GLN B 291 -30.05 -19.87 -12.47
C GLN B 291 -29.64 -18.54 -13.08
N LEU B 292 -29.66 -18.48 -14.41
CA LEU B 292 -29.28 -17.26 -15.09
C LEU B 292 -30.47 -16.68 -15.85
N PRO B 293 -30.55 -15.34 -15.96
CA PRO B 293 -29.67 -14.34 -15.34
C PRO B 293 -29.81 -14.28 -13.83
N PHE B 294 -28.70 -14.13 -13.12
CA PHE B 294 -28.70 -14.16 -11.67
C PHE B 294 -29.19 -12.82 -11.12
N VAL B 295 -30.21 -12.87 -10.26
CA VAL B 295 -30.82 -11.67 -9.71
C VAL B 295 -30.86 -11.67 -8.20
N GLY B 296 -30.37 -12.72 -7.54
CA GLY B 296 -30.32 -12.77 -6.11
C GLY B 296 -30.61 -14.17 -5.59
N LYS B 297 -31.06 -14.20 -4.33
CA LYS B 297 -31.46 -15.46 -3.69
C LYS B 297 -32.49 -16.23 -4.51
N GLU B 298 -33.36 -15.53 -5.23
CA GLU B 298 -34.32 -16.16 -6.12
C GLU B 298 -33.67 -17.13 -7.10
N SER B 299 -32.47 -16.81 -7.58
CA SER B 299 -31.80 -17.62 -8.59
C SER B 299 -30.95 -18.75 -8.04
N ILE B 300 -30.83 -18.90 -6.72
CA ILE B 300 -30.02 -19.97 -6.14
C ILE B 300 -30.84 -21.26 -6.24
N SER B 301 -30.53 -22.08 -7.24
CA SER B 301 -31.29 -23.29 -7.50
C SER B 301 -30.97 -24.42 -6.52
N SER B 302 -29.72 -24.54 -6.08
CA SER B 302 -29.41 -25.47 -5.00
C SER B 302 -28.09 -25.09 -4.34
N CYS B 303 -27.87 -25.65 -3.16
CA CYS B 303 -26.54 -25.77 -2.57
C CYS B 303 -26.31 -27.20 -2.10
N ASN B 304 -25.18 -27.78 -2.48
CA ASN B 304 -24.82 -29.14 -2.12
C ASN B 304 -23.39 -29.15 -1.64
N THR B 305 -23.14 -29.83 -0.52
CA THR B 305 -21.80 -29.92 0.06
C THR B 305 -21.22 -31.31 -0.19
N ILE B 306 -20.01 -31.34 -0.74
CA ILE B 306 -19.27 -32.58 -0.95
C ILE B 306 -18.05 -32.55 -0.03
N GLU B 307 -17.74 -33.69 0.57
CA GLU B 307 -16.59 -33.78 1.47
C GLU B 307 -15.38 -34.27 0.69
N SER B 308 -14.45 -33.35 0.43
CA SER B 308 -13.22 -33.69 -0.29
C SER B 308 -12.33 -34.61 0.54
N GLY B 309 -12.35 -34.46 1.86
CA GLY B 309 -11.44 -35.16 2.74
C GLY B 309 -10.01 -34.64 2.71
N ILE B 310 -9.65 -33.79 1.75
CA ILE B 310 -8.33 -33.18 1.72
C ILE B 310 -8.16 -32.31 2.96
N THR B 311 -7.11 -32.59 3.72
CA THR B 311 -6.74 -31.74 4.85
C THR B 311 -6.08 -30.45 4.37
N SER B 312 -6.36 -29.36 5.08
CA SER B 312 -5.84 -28.02 4.81
C SER B 312 -5.84 -27.66 3.32
N PRO B 313 -7.00 -27.72 2.66
CA PRO B 313 -7.04 -27.42 1.23
C PRO B 313 -6.70 -25.96 0.98
N SER B 314 -5.77 -25.72 0.06
CA SER B 314 -5.29 -24.37 -0.21
C SER B 314 -6.05 -23.67 -1.33
N VAL B 315 -6.35 -24.37 -2.42
CA VAL B 315 -6.81 -23.73 -3.65
C VAL B 315 -7.72 -24.69 -4.40
N LEU B 316 -8.60 -24.13 -5.23
CA LEU B 316 -9.59 -24.88 -5.98
C LEU B 316 -9.66 -24.30 -7.39
N PHE B 317 -9.91 -25.18 -8.37
CA PHE B 317 -10.26 -24.75 -9.71
C PHE B 317 -11.21 -25.77 -10.33
N TRP B 318 -12.04 -25.31 -11.25
CA TRP B 318 -12.90 -26.21 -12.00
C TRP B 318 -12.14 -26.86 -13.13
N TRP B 319 -12.37 -28.14 -13.33
CA TRP B 319 -11.95 -28.82 -14.55
C TRP B 319 -13.19 -29.09 -15.39
N GLU B 320 -13.16 -28.64 -16.63
CA GLU B 320 -14.20 -28.93 -17.61
C GLU B 320 -13.53 -29.30 -18.93
N TYR B 321 -14.04 -30.34 -19.57
CA TYR B 321 -13.34 -30.95 -20.68
C TYR B 321 -14.37 -31.59 -21.61
N GLU B 322 -13.98 -31.74 -22.87
CA GLU B 322 -14.80 -32.42 -23.87
C GLU B 322 -13.94 -33.38 -24.66
N HIS B 323 -14.47 -34.59 -24.87
CA HIS B 323 -13.89 -35.52 -25.82
C HIS B 323 -15.01 -36.25 -26.54
N ASN B 324 -14.83 -36.46 -27.84
CA ASN B 324 -15.85 -37.06 -28.72
C ASN B 324 -17.23 -36.42 -28.51
N ASN B 325 -17.24 -35.12 -28.24
CA ASN B 325 -18.43 -34.36 -27.87
C ASN B 325 -19.07 -34.82 -26.56
N ARG B 326 -18.49 -35.80 -25.88
CA ARG B 326 -18.93 -36.12 -24.52
C ARG B 326 -18.36 -35.10 -23.55
N LYS B 327 -19.24 -34.43 -22.81
CA LYS B 327 -18.81 -33.51 -21.77
C LYS B 327 -18.42 -34.26 -20.49
N MET B 328 -17.33 -33.80 -19.86
CA MET B 328 -16.92 -34.29 -18.55
C MET B 328 -16.45 -33.11 -17.72
N SER B 329 -16.46 -33.29 -16.40
CA SER B 329 -16.05 -32.22 -15.51
C SER B 329 -15.65 -32.79 -14.16
N GLY B 330 -14.88 -32.00 -13.41
CA GLY B 330 -14.55 -32.31 -12.04
C GLY B 330 -14.07 -31.05 -11.35
N LEU B 331 -13.79 -31.18 -10.06
CA LEU B 331 -13.10 -30.16 -9.29
C LEU B 331 -11.69 -30.63 -8.96
N ILE B 332 -10.70 -29.82 -9.32
CA ILE B 332 -9.31 -30.07 -8.94
C ILE B 332 -9.02 -29.25 -7.68
N VAL B 333 -8.45 -29.91 -6.68
CA VAL B 333 -8.23 -29.30 -5.38
C VAL B 333 -6.79 -29.57 -4.94
N GLY B 334 -6.14 -28.55 -4.41
CA GLY B 334 -4.76 -28.64 -4.01
C GLY B 334 -4.57 -28.32 -2.53
N SER B 335 -3.82 -29.15 -1.83
CA SER B 335 -3.59 -28.95 -0.42
C SER B 335 -2.48 -27.93 -0.18
N ALA B 336 -2.59 -27.21 0.94
CA ALA B 336 -1.47 -26.43 1.45
C ALA B 336 -0.27 -27.29 1.82
N PHE B 337 -0.50 -28.57 2.11
CA PHE B 337 0.58 -29.51 2.36
C PHE B 337 1.10 -30.17 1.10
N GLY B 338 0.65 -29.75 -0.08
CA GLY B 338 1.35 -30.07 -1.30
C GLY B 338 0.65 -30.90 -2.37
N PRO B 339 -0.11 -31.93 -2.01
CA PRO B 339 -0.69 -32.79 -3.06
C PRO B 339 -1.81 -32.10 -3.81
N ILE B 340 -2.09 -32.63 -5.00
CA ILE B 340 -3.14 -32.12 -5.87
C ILE B 340 -3.99 -33.28 -6.37
N LYS B 341 -5.30 -33.15 -6.25
CA LYS B 341 -6.25 -34.21 -6.60
C LYS B 341 -7.42 -33.59 -7.36
N ILE B 342 -7.91 -34.29 -8.37
CA ILE B 342 -9.18 -33.92 -9.01
C ILE B 342 -10.29 -34.73 -8.37
N LEU B 343 -11.24 -34.03 -7.75
CA LEU B 343 -12.48 -34.65 -7.30
C LEU B 343 -13.42 -34.84 -8.48
N PRO B 344 -14.06 -36.00 -8.61
CA PRO B 344 -15.31 -36.08 -9.37
C PRO B 344 -16.42 -35.32 -8.65
N VAL B 345 -17.05 -34.39 -9.36
CA VAL B 345 -18.25 -33.76 -8.82
C VAL B 345 -19.42 -34.71 -8.98
N ASN B 346 -19.64 -35.56 -7.97
CA ASN B 346 -20.60 -36.64 -8.07
C ASN B 346 -22.04 -36.17 -8.02
N LEU B 347 -22.28 -34.99 -7.44
CA LEU B 347 -23.63 -34.43 -7.32
C LEU B 347 -23.80 -33.26 -8.26
N LYS B 348 -24.77 -33.38 -9.18
CA LYS B 348 -25.29 -32.22 -9.89
C LYS B 348 -26.65 -32.58 -10.49
N ALA B 349 -27.43 -31.54 -10.78
CA ALA B 349 -28.77 -31.69 -11.30
C ALA B 349 -28.87 -31.57 -12.82
N VAL B 350 -27.91 -30.90 -13.46
CA VAL B 350 -27.98 -30.70 -14.90
C VAL B 350 -27.82 -32.04 -15.63
N LYS B 351 -28.47 -32.13 -16.79
CA LYS B 351 -28.55 -33.39 -17.52
C LYS B 351 -27.56 -33.47 -18.68
N GLY B 352 -27.14 -32.33 -19.22
CA GLY B 352 -26.25 -32.31 -20.37
C GLY B 352 -24.82 -32.64 -20.00
N TYR B 353 -24.34 -32.02 -18.93
CA TYR B 353 -23.03 -32.35 -18.39
C TYR B 353 -23.03 -33.75 -17.78
N PHE B 354 -21.84 -34.32 -17.65
CA PHE B 354 -21.61 -35.46 -16.77
C PHE B 354 -20.26 -35.28 -16.08
N THR B 355 -19.97 -36.17 -15.14
CA THR B 355 -18.88 -35.99 -14.20
C THR B 355 -17.88 -37.13 -14.30
N LEU B 356 -16.64 -36.82 -13.93
CA LEU B 356 -15.58 -37.82 -13.84
C LEU B 356 -16.00 -38.97 -12.92
N ARG B 357 -15.53 -40.17 -13.23
CA ARG B 357 -16.00 -41.37 -12.56
C ARG B 357 -15.30 -41.61 -11.22
N GLN B 358 -14.01 -41.30 -11.13
CA GLN B 358 -13.22 -41.63 -9.94
C GLN B 358 -12.14 -40.58 -9.78
N PRO B 359 -11.74 -40.25 -8.54
CA PRO B 359 -10.67 -39.27 -8.35
C PRO B 359 -9.36 -39.73 -8.98
N VAL B 360 -8.61 -38.77 -9.49
CA VAL B 360 -7.26 -38.97 -9.98
C VAL B 360 -6.31 -38.08 -9.18
N ILE B 361 -5.14 -38.62 -8.87
CA ILE B 361 -4.14 -37.89 -8.09
C ILE B 361 -3.11 -37.33 -9.06
N LEU B 362 -2.97 -36.01 -9.06
CA LEU B 362 -2.00 -35.34 -9.92
C LEU B 362 -0.64 -35.20 -9.25
N TRP B 363 -0.63 -34.87 -7.97
CA TRP B 363 0.58 -34.88 -7.16
C TRP B 363 0.22 -35.45 -5.78
N LYS B 364 1.05 -36.37 -5.30
CA LYS B 364 0.72 -37.15 -4.10
C LYS B 364 1.66 -36.90 -2.93
N GLU B 365 2.65 -36.02 -3.07
CA GLU B 365 3.89 -36.16 -2.31
C GLU B 365 3.79 -35.65 -0.88
N MET B 366 2.81 -34.79 -0.57
CA MET B 366 2.67 -34.24 0.78
C MET B 366 3.92 -33.45 1.21
N ASP B 367 4.62 -32.87 0.25
CA ASP B 367 5.92 -32.21 0.47
C ASP B 367 5.81 -30.86 1.17
N GLN B 368 4.61 -30.39 1.47
CA GLN B 368 4.31 -29.12 2.14
C GLN B 368 4.73 -27.89 1.35
N LEU B 369 5.03 -28.03 0.07
CA LEU B 369 5.03 -26.85 -0.78
C LEU B 369 3.59 -26.45 -1.07
N PRO B 370 3.08 -25.37 -0.50
CA PRO B 370 1.66 -25.04 -0.68
C PRO B 370 1.31 -24.78 -2.13
N VAL B 371 0.25 -25.41 -2.61
CA VAL B 371 -0.31 -25.12 -3.92
C VAL B 371 -0.99 -23.77 -3.85
N HIS B 372 -0.30 -22.72 -4.33
CA HIS B 372 -0.80 -21.37 -4.15
C HIS B 372 -1.83 -20.98 -5.21
N SER B 373 -1.71 -21.52 -6.41
CA SER B 373 -2.63 -21.19 -7.49
C SER B 373 -2.79 -22.40 -8.41
N ILE B 374 -3.94 -22.46 -9.07
CA ILE B 374 -4.18 -23.45 -10.12
C ILE B 374 -4.79 -22.73 -11.32
N LYS B 375 -4.39 -23.15 -12.51
CA LYS B 375 -5.00 -22.75 -13.76
C LYS B 375 -5.02 -23.94 -14.68
N CYS B 376 -5.95 -23.95 -15.63
CA CYS B 376 -5.90 -24.94 -16.70
C CYS B 376 -6.45 -24.35 -17.98
N VAL B 377 -5.99 -24.92 -19.10
CA VAL B 377 -6.30 -24.41 -20.44
C VAL B 377 -6.66 -25.59 -21.33
N PRO B 378 -7.68 -25.47 -22.18
CA PRO B 378 -7.88 -26.47 -23.22
C PRO B 378 -6.85 -26.32 -24.34
N LEU B 379 -6.38 -27.45 -24.84
CA LEU B 379 -5.43 -27.46 -25.94
C LEU B 379 -5.85 -28.53 -26.94
N TYR B 380 -5.30 -28.45 -28.15
CA TYR B 380 -5.28 -29.55 -29.09
C TYR B 380 -3.84 -30.01 -29.30
N HIS B 381 -3.56 -31.26 -28.97
CA HIS B 381 -2.21 -31.80 -29.10
C HIS B 381 -1.93 -32.17 -30.56
N PRO B 382 -0.87 -31.64 -31.17
CA PRO B 382 -0.69 -31.88 -32.61
C PRO B 382 -0.35 -33.32 -32.96
N TYR B 383 0.40 -34.02 -32.11
CA TYR B 383 0.87 -35.36 -32.42
C TYR B 383 -0.07 -36.43 -31.89
N GLN B 384 -0.63 -36.24 -30.70
CA GLN B 384 -1.70 -37.11 -30.25
C GLN B 384 -3.01 -36.82 -30.98
N LYS B 385 -3.07 -35.73 -31.75
CA LYS B 385 -4.13 -35.49 -32.72
C LYS B 385 -5.50 -35.49 -32.06
N CYS B 386 -5.57 -34.96 -30.83
CA CYS B 386 -6.79 -34.96 -30.05
C CYS B 386 -6.71 -33.81 -29.05
N SER B 387 -7.87 -33.43 -28.53
CA SER B 387 -7.94 -32.40 -27.51
C SER B 387 -7.48 -32.92 -26.16
N CYS B 388 -6.73 -32.10 -25.43
CA CYS B 388 -6.24 -32.43 -24.10
C CYS B 388 -6.34 -31.20 -23.23
N SER B 389 -6.28 -31.43 -21.92
CA SER B 389 -6.29 -30.35 -20.93
C SER B 389 -4.94 -30.27 -20.24
N LEU B 390 -4.37 -29.07 -20.20
CA LEU B 390 -3.14 -28.83 -19.46
C LEU B 390 -3.46 -28.13 -18.14
N VAL B 391 -3.02 -28.71 -17.04
CA VAL B 391 -3.14 -28.11 -15.72
C VAL B 391 -1.78 -27.56 -15.30
N VAL B 392 -1.77 -26.33 -14.80
CA VAL B 392 -0.57 -25.75 -14.20
C VAL B 392 -0.91 -25.27 -12.81
N ALA B 393 -0.01 -25.52 -11.87
CA ALA B 393 -0.22 -25.17 -10.46
C ALA B 393 1.07 -24.61 -9.89
N ALA B 394 0.95 -23.51 -9.14
CA ALA B 394 2.10 -22.92 -8.48
C ALA B 394 2.32 -23.62 -7.14
N ARG B 395 3.51 -24.18 -6.94
CA ARG B 395 3.84 -24.93 -5.74
C ARG B 395 5.15 -24.38 -5.19
N GLY B 396 5.05 -23.58 -4.13
CA GLY B 396 6.20 -22.82 -3.66
C GLY B 396 6.73 -21.90 -4.73
N SER B 397 8.00 -22.07 -5.10
CA SER B 397 8.61 -21.31 -6.18
C SER B 397 8.56 -22.02 -7.52
N TYR B 398 8.00 -23.23 -7.58
CA TYR B 398 7.96 -24.03 -8.78
C TYR B 398 6.60 -23.91 -9.43
N VAL B 399 6.53 -24.32 -10.70
CA VAL B 399 5.26 -24.59 -11.37
C VAL B 399 5.17 -26.09 -11.60
N PHE B 400 4.19 -26.72 -10.96
CA PHE B 400 3.76 -28.05 -11.34
C PHE B 400 2.88 -27.95 -12.58
N TRP B 401 3.12 -28.85 -13.55
CA TRP B 401 2.23 -28.96 -14.70
C TRP B 401 1.85 -30.41 -14.89
N CYS B 402 0.59 -30.62 -15.29
CA CYS B 402 0.05 -31.94 -15.58
C CYS B 402 -0.84 -31.86 -16.82
N LEU B 403 -0.64 -32.79 -17.75
CA LEU B 403 -1.43 -32.85 -18.97
C LEU B 403 -2.39 -34.03 -18.90
N LEU B 404 -3.67 -33.75 -19.12
CA LEU B 404 -4.74 -34.72 -18.99
C LEU B 404 -5.33 -34.98 -20.36
N LEU B 405 -5.30 -36.24 -20.79
CA LEU B 405 -5.62 -36.60 -22.18
C LEU B 405 -6.48 -37.86 -22.14
N ILE B 406 -7.75 -37.72 -22.53
CA ILE B 406 -8.60 -38.89 -22.73
C ILE B 406 -8.20 -39.61 -24.01
N SER B 407 -8.12 -40.93 -23.93
CA SER B 407 -7.89 -41.77 -25.11
C SER B 407 -8.65 -43.08 -24.90
N LYS B 408 -8.41 -44.04 -25.80
CA LYS B 408 -9.03 -45.35 -25.66
C LYS B 408 -8.65 -46.02 -24.34
N ALA B 409 -7.48 -45.67 -23.80
CA ALA B 409 -7.06 -46.13 -22.48
C ALA B 409 -7.72 -45.36 -21.34
N GLY B 410 -8.64 -44.45 -21.64
CA GLY B 410 -9.12 -43.50 -20.65
C GLY B 410 -8.20 -42.31 -20.49
N LEU B 411 -8.05 -41.82 -19.25
CA LEU B 411 -7.08 -40.77 -18.98
C LEU B 411 -5.65 -41.29 -19.15
N ASN B 412 -4.87 -40.61 -19.97
CA ASN B 412 -3.43 -40.70 -19.99
C ASN B 412 -2.87 -39.43 -19.37
N VAL B 413 -1.92 -39.57 -18.45
CA VAL B 413 -1.52 -38.46 -17.58
C VAL B 413 0.00 -38.38 -17.52
N HIS B 414 0.52 -37.16 -17.64
CA HIS B 414 1.94 -36.87 -17.52
C HIS B 414 2.11 -35.61 -16.67
N ASN B 415 3.18 -35.57 -15.90
CA ASN B 415 3.39 -34.43 -15.01
C ASN B 415 4.88 -34.18 -14.81
N SER B 416 5.20 -32.95 -14.40
CA SER B 416 6.56 -32.58 -14.02
C SER B 416 6.49 -31.24 -13.28
N HIS B 417 7.62 -30.89 -12.64
CA HIS B 417 7.86 -29.54 -12.17
C HIS B 417 8.86 -28.83 -13.08
N VAL B 418 8.43 -27.73 -13.70
CA VAL B 418 9.37 -26.83 -14.38
C VAL B 418 10.08 -25.99 -13.32
N THR B 419 11.40 -25.99 -13.36
CA THR B 419 12.21 -25.77 -12.17
C THR B 419 13.29 -24.73 -12.48
N GLY B 420 13.69 -23.98 -11.45
CA GLY B 420 14.62 -22.88 -11.62
C GLY B 420 13.99 -21.56 -11.99
N LEU B 421 12.67 -21.44 -11.86
CA LEU B 421 11.96 -20.24 -12.29
C LEU B 421 12.29 -19.05 -11.41
N HIS B 422 12.26 -19.25 -10.09
CA HIS B 422 12.34 -18.15 -9.13
C HIS B 422 13.13 -18.60 -7.91
N SER B 423 13.76 -17.63 -7.24
CA SER B 423 14.42 -17.86 -5.97
C SER B 423 13.56 -17.44 -4.78
N LEU B 424 12.28 -17.17 -5.02
CA LEU B 424 11.30 -16.96 -3.97
C LEU B 424 10.00 -17.61 -4.41
N PRO B 425 9.09 -17.87 -3.47
CA PRO B 425 7.81 -18.49 -3.84
C PRO B 425 7.04 -17.67 -4.86
N ILE B 426 6.30 -18.37 -5.72
CA ILE B 426 5.47 -17.73 -6.73
C ILE B 426 4.28 -17.07 -6.05
N VAL B 427 4.17 -15.75 -6.19
CA VAL B 427 3.10 -14.99 -5.57
C VAL B 427 1.85 -14.88 -6.45
N SER B 428 1.98 -15.08 -7.76
CA SER B 428 0.79 -15.14 -8.61
C SER B 428 1.12 -15.84 -9.92
N MET B 429 0.07 -16.30 -10.59
CA MET B 429 0.18 -17.07 -11.83
C MET B 429 -1.03 -16.78 -12.70
N THR B 430 -0.81 -16.76 -14.01
CA THR B 430 -1.87 -16.55 -14.99
C THR B 430 -1.62 -17.43 -16.19
N ALA B 431 -2.71 -17.90 -16.80
CA ALA B 431 -2.64 -18.70 -18.02
C ALA B 431 -3.26 -17.94 -19.18
N ASP B 432 -2.55 -17.89 -20.30
CA ASP B 432 -3.09 -17.39 -21.57
C ASP B 432 -4.00 -18.46 -22.18
N LYS B 433 -5.31 -18.29 -22.00
CA LYS B 433 -6.27 -19.35 -22.32
C LYS B 433 -6.15 -19.82 -23.77
N GLN B 434 -5.76 -18.95 -24.68
CA GLN B 434 -5.67 -19.30 -26.10
C GLN B 434 -4.39 -20.04 -26.46
N ASN B 435 -3.38 -20.02 -25.59
CA ASN B 435 -2.09 -20.64 -25.92
C ASN B 435 -1.51 -21.49 -24.81
N GLY B 436 -1.97 -21.36 -23.56
CA GLY B 436 -1.34 -22.00 -22.44
C GLY B 436 -0.04 -21.37 -22.00
N THR B 437 0.32 -20.22 -22.55
CA THR B 437 1.42 -19.44 -22.03
C THR B 437 1.17 -19.10 -20.57
N VAL B 438 2.10 -19.50 -19.70
CA VAL B 438 1.99 -19.20 -18.28
C VAL B 438 2.85 -17.98 -17.99
N TYR B 439 2.39 -17.15 -17.06
CA TYR B 439 3.21 -16.11 -16.45
C TYR B 439 3.27 -16.36 -14.96
N THR B 440 4.43 -16.10 -14.36
CA THR B 440 4.62 -16.31 -12.94
C THR B 440 5.47 -15.19 -12.36
N CYS B 441 5.28 -14.93 -11.07
CA CYS B 441 5.70 -13.67 -10.47
C CYS B 441 6.08 -13.91 -9.02
N SER B 442 7.02 -13.11 -8.52
CA SER B 442 7.43 -13.18 -7.13
C SER B 442 7.77 -11.77 -6.65
N SER B 443 7.76 -11.59 -5.32
CA SER B 443 7.88 -10.27 -4.74
C SER B 443 9.26 -9.63 -4.93
N ASP B 444 10.22 -10.36 -5.50
CA ASP B 444 11.47 -9.76 -5.95
C ASP B 444 11.34 -9.04 -7.29
N GLY B 445 10.15 -9.03 -7.88
CA GLY B 445 9.89 -8.28 -9.09
C GLY B 445 10.23 -8.99 -10.37
N LYS B 446 10.64 -10.25 -10.30
CA LYS B 446 10.81 -11.07 -11.49
C LYS B 446 9.47 -11.53 -12.02
N VAL B 447 9.29 -11.46 -13.33
CA VAL B 447 8.17 -12.09 -14.01
C VAL B 447 8.76 -12.94 -15.13
N ARG B 448 8.29 -14.17 -15.25
CA ARG B 448 8.86 -15.13 -16.19
C ARG B 448 7.77 -15.64 -17.12
N GLN B 449 7.98 -15.49 -18.41
CA GLN B 449 7.09 -16.05 -19.42
C GLN B 449 7.51 -17.48 -19.69
N LEU B 450 6.52 -18.35 -19.83
CA LEU B 450 6.73 -19.79 -19.70
C LEU B 450 5.83 -20.47 -20.74
N ILE B 451 6.46 -20.91 -21.82
CA ILE B 451 5.74 -21.26 -23.06
C ILE B 451 5.63 -22.78 -23.14
N PRO B 452 4.42 -23.33 -23.25
CA PRO B 452 4.29 -24.77 -23.45
C PRO B 452 4.63 -25.15 -24.89
N ILE B 453 5.53 -26.10 -25.03
CA ILE B 453 5.95 -26.61 -26.33
C ILE B 453 5.54 -28.08 -26.40
N PHE B 454 4.74 -28.41 -27.40
CA PHE B 454 4.26 -29.78 -27.56
C PHE B 454 5.40 -30.73 -27.87
N THR B 455 5.31 -31.92 -27.28
CA THR B 455 6.30 -32.98 -27.44
C THR B 455 5.56 -34.22 -27.92
N ASP B 456 6.28 -35.10 -28.62
CA ASP B 456 5.64 -36.25 -29.28
C ASP B 456 4.70 -36.98 -28.34
N VAL B 457 5.07 -37.10 -27.07
CA VAL B 457 4.13 -37.30 -25.98
C VAL B 457 4.19 -36.13 -25.01
N ALA B 458 3.03 -35.65 -24.60
CA ALA B 458 2.84 -34.58 -23.60
C ALA B 458 3.60 -33.32 -24.03
N LEU B 459 4.28 -32.64 -23.11
CA LEU B 459 4.82 -31.31 -23.34
C LEU B 459 6.25 -31.21 -22.83
N LYS B 460 6.91 -30.13 -23.25
CA LYS B 460 7.99 -29.51 -22.50
C LYS B 460 7.65 -28.04 -22.33
N PHE B 461 8.16 -27.43 -21.26
CA PHE B 461 8.02 -25.99 -21.06
C PHE B 461 9.37 -25.30 -21.24
N GLU B 462 9.37 -24.22 -22.02
CA GLU B 462 10.53 -23.35 -22.15
C GLU B 462 10.15 -21.96 -21.64
N HIS B 463 11.07 -21.30 -20.95
CA HIS B 463 10.72 -20.10 -20.21
C HIS B 463 11.82 -19.05 -20.29
N GLN B 464 11.41 -17.79 -20.10
CA GLN B 464 12.31 -16.65 -20.19
C GLN B 464 11.84 -15.57 -19.22
N LEU B 465 12.79 -14.91 -18.56
CA LEU B 465 12.47 -13.74 -17.76
C LEU B 465 12.11 -12.55 -18.65
N ILE B 466 11.10 -11.79 -18.26
CA ILE B 466 10.82 -10.49 -18.83
C ILE B 466 11.26 -9.39 -17.85
N LYS B 467 12.17 -8.53 -18.32
CA LYS B 467 12.86 -7.56 -17.47
C LYS B 467 11.95 -6.37 -17.15
N LEU B 468 11.15 -6.49 -16.08
CA LEU B 468 10.41 -5.34 -15.57
C LEU B 468 11.34 -4.23 -15.13
N SER B 469 12.57 -4.57 -14.74
CA SER B 469 13.61 -3.57 -14.49
C SER B 469 13.77 -2.58 -15.65
N ASP B 470 13.68 -3.07 -16.88
CA ASP B 470 13.92 -2.21 -18.03
C ASP B 470 12.76 -1.26 -18.32
N VAL B 471 11.57 -1.54 -17.81
CA VAL B 471 10.41 -0.71 -18.07
C VAL B 471 9.95 0.07 -16.85
N PHE B 472 10.18 -0.44 -15.64
CA PHE B 472 9.74 0.20 -14.42
C PHE B 472 10.86 0.48 -13.42
N GLY B 473 12.06 -0.03 -13.67
CA GLY B 473 13.13 0.04 -12.68
C GLY B 473 13.00 -1.01 -11.59
N SER B 474 13.74 -0.80 -10.51
CA SER B 474 13.67 -1.68 -9.36
C SER B 474 12.29 -1.60 -8.71
N VAL B 475 11.61 -2.75 -8.64
CA VAL B 475 10.18 -2.79 -8.37
C VAL B 475 9.87 -4.07 -7.60
N ARG B 476 8.85 -4.01 -6.74
CA ARG B 476 8.23 -5.20 -6.19
C ARG B 476 6.92 -5.45 -6.92
N THR B 477 6.61 -6.71 -7.18
CA THR B 477 5.36 -7.08 -7.85
C THR B 477 4.50 -7.95 -6.95
N HIS B 478 3.31 -7.47 -6.63
CA HIS B 478 2.39 -8.15 -5.73
C HIS B 478 1.32 -8.98 -6.45
N GLY B 479 1.32 -8.96 -7.79
CA GLY B 479 0.37 -9.76 -8.54
C GLY B 479 0.43 -9.49 -10.03
N ILE B 480 -0.04 -10.43 -10.85
CA ILE B 480 -0.15 -10.25 -12.29
C ILE B 480 -1.47 -10.78 -12.81
N ALA B 481 -1.88 -10.23 -13.95
CA ALA B 481 -3.07 -10.68 -14.68
C ALA B 481 -2.78 -10.52 -16.17
N VAL B 482 -3.49 -11.30 -16.98
CA VAL B 482 -3.31 -11.27 -18.43
C VAL B 482 -4.65 -11.06 -19.12
N SER B 483 -4.67 -10.20 -20.13
CA SER B 483 -5.89 -9.84 -20.82
C SER B 483 -6.43 -11.05 -21.58
N PRO B 484 -7.75 -11.11 -21.81
CA PRO B 484 -8.35 -12.35 -22.31
C PRO B 484 -7.78 -12.84 -23.63
N CYS B 485 -7.15 -11.98 -24.43
CA CYS B 485 -6.47 -12.41 -25.64
C CYS B 485 -4.95 -12.38 -25.51
N GLY B 486 -4.43 -12.18 -24.30
CA GLY B 486 -3.00 -12.08 -24.11
C GLY B 486 -2.38 -10.80 -24.62
N ALA B 487 -3.18 -9.75 -24.79
CA ALA B 487 -2.66 -8.50 -25.34
C ALA B 487 -1.83 -7.74 -24.32
N TYR B 488 -2.27 -7.69 -23.07
CA TYR B 488 -1.58 -6.96 -22.01
C TYR B 488 -1.34 -7.86 -20.81
N LEU B 489 -0.26 -7.58 -20.09
CA LEU B 489 -0.04 -8.08 -18.75
C LEU B 489 -0.18 -6.92 -17.78
N ALA B 490 -1.07 -7.05 -16.82
CA ALA B 490 -1.23 -6.08 -15.75
C ALA B 490 -0.52 -6.54 -14.48
N ILE B 491 0.18 -5.61 -13.83
CA ILE B 491 1.09 -5.91 -12.74
C ILE B 491 0.82 -4.94 -11.61
N ILE B 492 0.69 -5.46 -10.39
CA ILE B 492 0.65 -4.61 -9.20
C ILE B 492 2.09 -4.31 -8.79
N THR B 493 2.58 -3.15 -9.20
CA THR B 493 3.94 -2.72 -8.86
C THR B 493 3.99 -1.95 -7.55
N THR B 494 5.13 -2.06 -6.87
CA THR B 494 5.40 -1.31 -5.65
C THR B 494 6.88 -0.91 -5.67
N GLU B 495 7.23 0.12 -4.90
CA GLU B 495 8.61 0.58 -4.82
C GLU B 495 9.54 -0.56 -4.43
N GLY B 496 10.61 -0.74 -5.22
CA GLY B 496 11.57 -1.79 -4.97
C GLY B 496 12.71 -1.35 -4.07
N MET B 497 13.58 -2.30 -3.77
CA MET B 497 14.83 -1.98 -3.08
C MET B 497 15.70 -1.10 -3.96
N ILE B 498 16.13 0.02 -3.41
CA ILE B 498 16.97 0.98 -4.13
C ILE B 498 18.43 0.72 -3.75
N ASN B 499 19.13 0.00 -4.62
CA ASN B 499 20.54 -0.36 -4.40
C ASN B 499 20.77 -0.98 -3.01
N GLY B 500 19.84 -1.84 -2.60
CA GLY B 500 19.90 -2.47 -1.30
C GLY B 500 19.24 -1.69 -0.17
N LEU B 501 18.91 -0.42 -0.36
CA LEU B 501 18.12 0.27 0.65
C LEU B 501 16.65 -0.08 0.50
N HIS B 502 15.94 -0.06 1.62
CA HIS B 502 14.50 -0.15 1.57
C HIS B 502 13.89 1.15 1.06
N PRO B 503 12.81 1.08 0.30
CA PRO B 503 12.03 2.28 0.01
C PRO B 503 11.35 2.82 1.25
N VAL B 504 11.38 4.15 1.40
CA VAL B 504 10.86 4.78 2.62
C VAL B 504 9.34 4.69 2.67
N ASN B 505 8.68 4.87 1.53
CA ASN B 505 7.23 4.93 1.47
C ASN B 505 6.71 3.96 0.42
N LYS B 506 5.60 3.30 0.74
CA LYS B 506 5.04 2.23 -0.07
C LYS B 506 3.76 2.72 -0.74
N ASN B 507 3.70 2.58 -2.06
CA ASN B 507 2.54 3.01 -2.85
C ASN B 507 2.27 1.97 -3.92
N TYR B 508 1.20 1.21 -3.75
CA TYR B 508 0.79 0.24 -4.75
C TYR B 508 0.24 0.93 -6.00
N GLN B 509 0.51 0.32 -7.15
CA GLN B 509 -0.03 0.75 -8.42
C GLN B 509 -0.35 -0.47 -9.26
N VAL B 510 -1.23 -0.30 -10.25
CA VAL B 510 -1.39 -1.24 -11.35
C VAL B 510 -0.71 -0.68 -12.58
N GLN B 511 0.13 -1.48 -13.22
CA GLN B 511 0.81 -1.08 -14.45
C GLN B 511 0.65 -2.16 -15.51
N PHE B 512 0.69 -1.75 -16.78
CA PHE B 512 0.38 -2.61 -17.91
C PHE B 512 1.58 -2.65 -18.86
N VAL B 513 1.83 -3.81 -19.47
CA VAL B 513 2.84 -3.93 -20.52
C VAL B 513 2.25 -4.64 -21.73
N THR B 514 2.65 -4.20 -22.92
CA THR B 514 2.22 -4.83 -24.16
C THR B 514 2.87 -6.20 -24.30
N LEU B 515 2.06 -7.26 -24.29
CA LEU B 515 2.58 -8.59 -24.61
C LEU B 515 2.69 -8.86 -26.11
N LYS B 516 1.96 -8.13 -26.95
CA LYS B 516 1.90 -8.42 -28.37
C LYS B 516 2.24 -7.19 -29.19
N THR B 517 2.86 -7.41 -30.34
CA THR B 517 3.05 -6.34 -31.31
C THR B 517 1.73 -6.00 -31.99
N PHE B 518 1.64 -4.78 -32.52
CA PHE B 518 0.48 -4.36 -33.29
C PHE B 518 0.19 -5.30 -34.46
N GLU B 519 1.23 -5.70 -35.19
CA GLU B 519 1.04 -6.58 -36.34
C GLU B 519 0.45 -7.93 -35.96
N GLU B 520 0.83 -8.46 -34.79
CA GLU B 520 0.20 -9.70 -34.33
C GLU B 520 -1.23 -9.49 -33.87
N ALA B 521 -1.52 -8.36 -33.21
CA ALA B 521 -2.89 -8.05 -32.85
C ALA B 521 -3.77 -7.84 -34.08
N ALA B 522 -3.28 -7.08 -35.06
CA ALA B 522 -3.99 -6.90 -36.32
C ALA B 522 -4.26 -8.22 -37.01
N ALA B 523 -3.23 -9.06 -37.16
CA ALA B 523 -3.39 -10.36 -37.79
C ALA B 523 -4.39 -11.25 -37.05
N GLN B 524 -4.27 -11.32 -35.72
CA GLN B 524 -5.18 -12.17 -34.95
C GLN B 524 -6.63 -11.68 -35.00
N LEU B 525 -6.84 -10.38 -35.16
CA LEU B 525 -8.19 -9.88 -35.36
C LEU B 525 -8.74 -10.26 -36.74
N LEU B 526 -7.93 -10.17 -37.78
CA LEU B 526 -8.35 -10.59 -39.11
C LEU B 526 -8.67 -12.08 -39.14
N GLU B 527 -7.85 -12.91 -38.51
CA GLU B 527 -8.07 -14.35 -38.47
C GLU B 527 -8.85 -14.80 -37.25
N SER B 528 -9.56 -13.88 -36.60
CA SER B 528 -10.26 -14.17 -35.36
C SER B 528 -11.32 -15.25 -35.57
N SER B 529 -11.23 -16.31 -34.75
CA SER B 529 -12.28 -17.32 -34.73
C SER B 529 -13.51 -16.85 -33.97
N VAL B 530 -13.33 -16.00 -32.95
CA VAL B 530 -14.46 -15.63 -32.11
C VAL B 530 -15.31 -14.54 -32.76
N GLN B 531 -14.72 -13.71 -33.61
CA GLN B 531 -15.45 -12.77 -34.46
C GLN B 531 -16.46 -11.92 -33.69
N ASN B 532 -16.10 -11.52 -32.46
CA ASN B 532 -16.80 -10.43 -31.80
C ASN B 532 -15.79 -9.47 -31.19
N LEU B 533 -15.97 -8.19 -31.50
CA LEU B 533 -14.99 -7.18 -31.10
C LEU B 533 -14.86 -7.06 -29.59
N PHE B 534 -15.99 -7.20 -28.88
CA PHE B 534 -15.93 -7.06 -27.43
C PHE B 534 -15.14 -8.20 -26.78
N LYS B 535 -15.16 -9.39 -27.37
CA LYS B 535 -14.25 -10.45 -26.92
C LYS B 535 -12.79 -10.07 -27.10
N GLN B 536 -12.50 -8.98 -27.82
CA GLN B 536 -11.15 -8.68 -28.26
C GLN B 536 -10.80 -7.21 -28.07
N VAL B 537 -11.47 -6.53 -27.14
CA VAL B 537 -11.17 -5.13 -26.82
C VAL B 537 -9.68 -4.92 -26.62
N ASP B 538 -9.00 -5.89 -26.01
CA ASP B 538 -7.58 -5.75 -25.73
C ASP B 538 -6.71 -5.86 -26.98
N LEU B 539 -7.17 -6.53 -28.02
CA LEU B 539 -6.44 -6.49 -29.28
C LEU B 539 -6.74 -5.25 -30.10
N ILE B 540 -8.01 -4.86 -30.21
CA ILE B 540 -8.34 -3.64 -30.95
C ILE B 540 -7.83 -2.39 -30.25
N ASP B 541 -7.53 -2.48 -28.95
CA ASP B 541 -6.82 -1.40 -28.27
C ASP B 541 -5.37 -1.27 -28.74
N LEU B 542 -4.70 -2.40 -29.01
CA LEU B 542 -3.37 -2.32 -29.62
C LEU B 542 -3.43 -1.71 -31.02
N VAL B 543 -4.45 -2.07 -31.79
CA VAL B 543 -4.66 -1.44 -33.09
C VAL B 543 -5.00 0.04 -32.93
N ARG B 544 -5.86 0.35 -31.97
CA ARG B 544 -6.21 1.74 -31.67
C ARG B 544 -4.99 2.58 -31.32
N TRP B 545 -4.14 2.06 -30.43
CA TRP B 545 -2.94 2.80 -30.03
C TRP B 545 -2.07 3.13 -31.23
N LYS B 546 -1.88 2.18 -32.14
CA LYS B 546 -1.09 2.43 -33.36
C LYS B 546 -1.69 3.52 -34.24
N ILE B 547 -3.00 3.46 -34.48
CA ILE B 547 -3.63 4.43 -35.38
C ILE B 547 -3.59 5.83 -34.78
N LEU B 548 -3.87 5.96 -33.48
CA LEU B 548 -3.79 7.26 -32.84
C LEU B 548 -2.36 7.78 -32.82
N LYS B 549 -1.38 6.88 -32.69
CA LYS B 549 0.02 7.28 -32.69
C LYS B 549 0.46 7.78 -34.07
N ASP B 550 0.10 7.07 -35.14
CA ASP B 550 0.62 7.33 -36.47
C ASP B 550 -0.34 8.09 -37.37
N LYS B 551 -1.56 8.34 -36.91
CA LYS B 551 -2.56 9.11 -37.65
C LYS B 551 -2.86 8.55 -39.04
N HIS B 552 -2.61 7.27 -39.26
CA HIS B 552 -3.07 6.60 -40.48
C HIS B 552 -3.27 5.13 -40.17
N ILE B 553 -4.13 4.49 -40.95
CA ILE B 553 -4.29 3.04 -40.89
C ILE B 553 -3.18 2.36 -41.68
N PRO B 554 -2.41 1.46 -41.06
CA PRO B 554 -1.33 0.78 -41.79
C PRO B 554 -1.88 0.01 -42.99
N GLN B 555 -1.19 0.15 -44.13
CA GLN B 555 -1.77 -0.24 -45.41
C GLN B 555 -2.05 -1.74 -45.46
N PHE B 556 -1.14 -2.55 -44.92
CA PHE B 556 -1.32 -4.00 -44.96
C PHE B 556 -2.60 -4.43 -44.25
N LEU B 557 -2.94 -3.76 -43.15
CA LEU B 557 -4.18 -4.06 -42.45
C LEU B 557 -5.39 -3.67 -43.28
N GLN B 558 -5.35 -2.48 -43.90
CA GLN B 558 -6.42 -2.05 -44.79
C GLN B 558 -6.60 -3.02 -45.97
N GLU B 559 -5.51 -3.32 -46.68
CA GLU B 559 -5.59 -4.23 -47.82
C GLU B 559 -6.12 -5.60 -47.43
N ALA B 560 -5.59 -6.17 -46.35
CA ALA B 560 -6.05 -7.48 -45.88
C ALA B 560 -7.52 -7.44 -45.46
N LEU B 561 -7.96 -6.36 -44.81
CA LEU B 561 -9.36 -6.23 -44.41
C LEU B 561 -10.29 -6.11 -45.62
N GLU B 562 -9.90 -5.32 -46.62
CA GLU B 562 -10.67 -5.27 -47.86
C GLU B 562 -10.78 -6.63 -48.54
N LYS B 563 -9.69 -7.40 -48.55
CA LYS B 563 -9.72 -8.75 -49.10
C LYS B 563 -10.67 -9.66 -48.33
N LYS B 564 -10.68 -9.57 -47.00
CA LYS B 564 -11.64 -10.32 -46.20
C LYS B 564 -13.07 -9.90 -46.47
N ILE B 565 -13.31 -8.58 -46.55
CA ILE B 565 -14.65 -8.08 -46.85
C ILE B 565 -15.11 -8.53 -48.25
N GLU B 566 -14.19 -8.53 -49.21
CA GLU B 566 -14.54 -9.00 -50.54
C GLU B 566 -14.81 -10.50 -50.56
N SER B 567 -13.95 -11.28 -49.90
CA SER B 567 -14.04 -12.73 -49.97
C SER B 567 -15.01 -13.34 -48.97
N SER B 568 -15.35 -12.64 -47.89
CA SER B 568 -16.23 -13.21 -46.88
C SER B 568 -17.36 -12.26 -46.51
N GLY B 569 -17.03 -11.01 -46.20
CA GLY B 569 -18.05 -9.98 -46.09
C GLY B 569 -19.01 -10.11 -44.94
N VAL B 570 -18.77 -11.05 -44.02
CA VAL B 570 -19.61 -11.16 -42.84
C VAL B 570 -19.49 -9.88 -41.99
N THR B 571 -20.58 -9.54 -41.30
CA THR B 571 -20.72 -8.25 -40.64
C THR B 571 -19.62 -7.96 -39.62
N TYR B 572 -18.95 -9.00 -39.11
CA TYR B 572 -17.78 -8.79 -38.27
C TYR B 572 -16.72 -7.91 -38.95
N PHE B 573 -16.43 -8.19 -40.22
CA PHE B 573 -15.42 -7.39 -40.92
C PHE B 573 -15.89 -5.97 -41.19
N TRP B 574 -17.18 -5.77 -41.44
CA TRP B 574 -17.72 -4.42 -41.55
C TRP B 574 -17.67 -3.68 -40.21
N ARG B 575 -17.92 -4.38 -39.11
CA ARG B 575 -17.70 -3.80 -37.79
C ARG B 575 -16.24 -3.45 -37.56
N PHE B 576 -15.32 -4.32 -37.99
CA PHE B 576 -13.90 -4.00 -37.84
C PHE B 576 -13.50 -2.78 -38.67
N LYS B 577 -13.98 -2.70 -39.92
CA LYS B 577 -13.77 -1.49 -40.73
C LYS B 577 -14.28 -0.23 -40.04
N LEU B 578 -15.50 -0.28 -39.51
CA LEU B 578 -16.06 0.87 -38.80
C LEU B 578 -15.20 1.29 -37.61
N PHE B 579 -14.62 0.34 -36.89
CA PHE B 579 -13.72 0.68 -35.79
C PHE B 579 -12.48 1.43 -36.29
N LEU B 580 -11.79 0.88 -37.29
CA LEU B 580 -10.61 1.53 -37.83
C LEU B 580 -10.89 2.95 -38.31
N LEU B 581 -12.00 3.14 -39.02
CA LEU B 581 -12.34 4.46 -39.53
C LEU B 581 -12.69 5.46 -38.43
N ARG B 582 -13.42 5.02 -37.41
CA ARG B 582 -13.72 5.92 -36.29
C ARG B 582 -12.48 6.30 -35.50
N ILE B 583 -11.54 5.37 -35.31
CA ILE B 583 -10.28 5.71 -34.65
C ILE B 583 -9.41 6.59 -35.55
N LEU B 584 -9.42 6.34 -36.85
CA LEU B 584 -8.75 7.24 -37.79
C LEU B 584 -9.27 8.67 -37.69
N TYR B 585 -10.60 8.83 -37.67
CA TYR B 585 -11.19 10.16 -37.52
C TYR B 585 -10.74 10.86 -36.25
N GLN B 586 -10.72 10.15 -35.12
CA GLN B 586 -10.19 10.74 -33.90
C GLN B 586 -8.71 11.08 -34.01
N SER B 587 -7.94 10.25 -34.73
CA SER B 587 -6.50 10.48 -34.82
C SER B 587 -6.17 11.81 -35.49
N MET B 588 -6.90 12.17 -36.55
CA MET B 588 -6.60 13.39 -37.30
C MET B 588 -7.28 14.62 -36.70
N GLN B 589 -7.05 14.84 -35.41
CA GLN B 589 -7.55 16.02 -34.69
C GLN B 589 -9.07 16.17 -34.74
N LYS B 590 -9.77 15.04 -34.81
CA LYS B 590 -11.18 14.99 -34.46
C LYS B 590 -12.03 16.05 -35.16
N GLU B 663 -8.26 23.52 -47.43
CA GLU B 663 -8.51 22.88 -46.15
C GLU B 663 -8.43 21.36 -46.26
N PRO B 664 -7.27 20.84 -46.66
CA PRO B 664 -7.19 19.39 -46.97
C PRO B 664 -7.51 18.50 -45.79
N MET B 665 -7.22 18.92 -44.57
CA MET B 665 -7.63 18.15 -43.40
C MET B 665 -9.15 18.13 -43.26
N GLU B 666 -9.81 19.26 -43.50
CA GLU B 666 -11.28 19.27 -43.49
C GLU B 666 -11.84 18.43 -44.63
N GLU B 667 -11.23 18.49 -45.81
CA GLU B 667 -11.62 17.61 -46.90
C GLU B 667 -11.42 16.14 -46.53
N LYS B 668 -10.29 15.81 -45.92
CA LYS B 668 -10.05 14.44 -45.47
C LYS B 668 -11.02 14.01 -44.38
N LEU B 669 -11.29 14.90 -43.42
CA LEU B 669 -12.29 14.61 -42.39
C LEU B 669 -13.65 14.34 -43.00
N LEU B 670 -14.09 15.18 -43.93
CA LEU B 670 -15.35 14.96 -44.63
C LEU B 670 -15.34 13.65 -45.40
N GLU B 671 -14.23 13.33 -46.08
CA GLU B 671 -14.11 12.08 -46.80
C GLU B 671 -14.30 10.87 -45.89
N ILE B 672 -13.50 10.77 -44.83
CA ILE B 672 -13.57 9.58 -43.97
C ILE B 672 -14.84 9.55 -43.14
N GLN B 673 -15.40 10.71 -42.76
CA GLN B 673 -16.71 10.69 -42.13
C GLN B 673 -17.79 10.19 -43.08
N GLY B 674 -17.68 10.51 -44.36
CA GLY B 674 -18.54 9.90 -45.36
C GLY B 674 -18.38 8.39 -45.43
N LYS B 675 -17.14 7.92 -45.35
CA LYS B 675 -16.91 6.47 -45.32
C LYS B 675 -17.49 5.82 -44.07
N ILE B 676 -17.32 6.45 -42.91
CA ILE B 676 -17.94 5.95 -41.68
C ILE B 676 -19.45 5.85 -41.84
N GLU B 677 -20.09 6.93 -42.30
CA GLU B 677 -21.53 6.93 -42.50
C GLU B 677 -21.97 5.84 -43.49
N ALA B 678 -21.20 5.61 -44.54
CA ALA B 678 -21.52 4.55 -45.49
C ALA B 678 -21.50 3.17 -44.85
N VAL B 679 -20.42 2.84 -44.13
CA VAL B 679 -20.35 1.53 -43.48
C VAL B 679 -21.31 1.43 -42.29
N GLU B 680 -21.53 2.53 -41.58
CA GLU B 680 -22.57 2.55 -40.55
C GLU B 680 -23.96 2.30 -41.14
N MET B 681 -24.23 2.85 -42.32
CA MET B 681 -25.48 2.57 -43.02
C MET B 681 -25.59 1.10 -43.46
N HIS B 682 -24.50 0.51 -43.94
CA HIS B 682 -24.51 -0.90 -44.31
C HIS B 682 -24.88 -1.80 -43.14
N LEU B 683 -24.21 -1.63 -41.99
CA LEU B 683 -24.54 -2.43 -40.81
C LEU B 683 -26.00 -2.26 -40.40
N THR B 684 -26.54 -1.05 -40.55
CA THR B 684 -27.95 -0.83 -40.29
C THR B 684 -28.84 -1.63 -41.25
N ARG B 685 -28.53 -1.57 -42.55
CA ARG B 685 -29.27 -2.32 -43.55
C ARG B 685 -29.32 -3.80 -43.24
N GLU B 686 -28.17 -4.40 -42.89
CA GLU B 686 -28.13 -5.81 -42.57
C GLU B 686 -28.96 -6.16 -41.34
N HIS B 687 -28.93 -5.31 -40.31
CA HIS B 687 -29.74 -5.56 -39.12
C HIS B 687 -31.24 -5.41 -39.42
N MET B 688 -31.62 -4.34 -40.10
CA MET B 688 -33.03 -4.18 -40.50
C MET B 688 -33.51 -5.37 -41.32
N LYS B 689 -32.71 -5.82 -42.29
CA LYS B 689 -33.06 -7.00 -43.07
C LYS B 689 -33.26 -8.23 -42.19
N ARG B 690 -32.38 -8.44 -41.21
CA ARG B 690 -32.54 -9.57 -40.30
C ARG B 690 -33.78 -9.45 -39.43
N VAL B 691 -34.12 -8.24 -38.97
CA VAL B 691 -35.33 -8.05 -38.18
C VAL B 691 -36.57 -8.37 -39.01
N LEU B 692 -36.68 -7.76 -40.20
CA LEU B 692 -37.80 -8.10 -41.08
C LEU B 692 -37.75 -9.55 -41.51
N GLY B 693 -36.54 -10.08 -41.70
CA GLY B 693 -36.32 -11.49 -41.92
C GLY B 693 -36.61 -12.39 -40.72
N GLU B 694 -37.23 -11.84 -39.68
CA GLU B 694 -37.79 -12.69 -38.63
C GLU B 694 -39.26 -12.36 -38.35
N VAL B 695 -39.64 -11.09 -38.54
CA VAL B 695 -41.06 -10.73 -38.59
C VAL B 695 -41.80 -11.60 -39.59
N TYR B 696 -41.16 -11.93 -40.70
CA TYR B 696 -41.77 -12.80 -41.71
C TYR B 696 -41.93 -14.24 -41.23
N LEU B 697 -41.14 -14.68 -40.26
CA LEU B 697 -41.12 -16.09 -39.89
C LEU B 697 -42.14 -16.43 -38.81
N HIS B 698 -42.22 -15.60 -37.77
CA HIS B 698 -43.22 -15.79 -36.72
C HIS B 698 -44.59 -15.33 -37.18
N THR B 699 -45.59 -15.62 -36.35
CA THR B 699 -46.97 -15.21 -36.62
C THR B 699 -47.05 -13.71 -36.84
N TRP B 700 -47.76 -13.32 -37.90
CA TRP B 700 -47.82 -11.93 -38.32
C TRP B 700 -48.44 -11.05 -37.24
N ILE B 701 -47.67 -10.07 -36.78
CA ILE B 701 -48.12 -9.14 -35.75
C ILE B 701 -48.96 -8.07 -36.40
N THR B 702 -50.22 -8.41 -36.71
CA THR B 702 -51.10 -7.52 -37.45
C THR B 702 -51.28 -6.17 -36.74
N GLU B 703 -51.23 -6.15 -35.41
CA GLU B 703 -51.32 -4.90 -34.67
C GLU B 703 -50.03 -4.08 -34.73
N ASN B 704 -48.99 -4.58 -35.40
CA ASN B 704 -47.74 -3.82 -35.58
C ASN B 704 -47.12 -3.44 -34.24
N THR B 705 -47.26 -4.33 -33.25
CA THR B 705 -47.28 -3.92 -31.84
C THR B 705 -45.97 -3.26 -31.42
N SER B 706 -44.82 -3.83 -31.79
CA SER B 706 -43.54 -3.36 -31.27
C SER B 706 -42.48 -3.15 -32.34
N ILE B 707 -42.82 -3.22 -33.61
CA ILE B 707 -41.85 -2.99 -34.68
C ILE B 707 -42.48 -2.07 -35.72
N PRO B 708 -41.79 -1.01 -36.16
CA PRO B 708 -42.30 -0.11 -37.21
C PRO B 708 -42.17 -0.72 -38.61
N THR B 709 -42.92 -1.80 -38.83
CA THR B 709 -42.64 -2.71 -39.93
C THR B 709 -42.71 -2.00 -41.29
N ARG B 710 -43.79 -1.26 -41.52
CA ARG B 710 -43.95 -0.58 -42.80
C ARG B 710 -42.91 0.52 -43.00
N GLY B 711 -42.57 1.24 -41.93
CA GLY B 711 -41.50 2.22 -42.02
C GLY B 711 -40.16 1.60 -42.39
N LEU B 712 -39.84 0.46 -41.79
CA LEU B 712 -38.63 -0.27 -42.17
C LEU B 712 -38.68 -0.76 -43.60
N CYS B 713 -39.83 -1.30 -44.03
CA CYS B 713 -39.98 -1.69 -45.43
C CYS B 713 -39.75 -0.52 -46.38
N ASN B 714 -40.35 0.63 -46.07
CA ASN B 714 -40.11 1.83 -46.87
C ASN B 714 -38.63 2.20 -46.86
N PHE B 715 -38.02 2.21 -45.67
CA PHE B 715 -36.60 2.53 -45.55
C PHE B 715 -35.72 1.55 -46.33
N LEU B 716 -36.18 0.32 -46.54
CA LEU B 716 -35.46 -0.66 -47.33
C LEU B 716 -35.85 -0.68 -48.81
N MET B 717 -36.82 0.14 -49.23
CA MET B 717 -37.05 0.40 -50.64
C MET B 717 -36.73 1.82 -51.06
N SER B 718 -36.40 2.70 -50.11
CA SER B 718 -36.20 4.13 -50.39
C SER B 718 -35.26 4.39 -51.57
N ASP B 719 -34.16 3.64 -51.68
CA ASP B 719 -33.07 4.03 -52.55
C ASP B 719 -32.76 2.98 -53.61
N GLU B 720 -32.35 3.46 -54.78
CA GLU B 720 -31.84 2.63 -55.87
C GLU B 720 -30.52 1.95 -55.52
N GLU B 721 -29.89 2.33 -54.40
CA GLU B 721 -28.74 1.60 -53.87
C GLU B 721 -29.11 0.16 -53.51
N TYR B 722 -30.38 -0.11 -53.23
CA TYR B 722 -30.82 -1.38 -52.65
C TYR B 722 -30.96 -2.43 -53.76
N ASP B 723 -29.81 -2.82 -54.29
CA ASP B 723 -29.73 -3.85 -55.32
C ASP B 723 -30.01 -5.26 -54.77
N ASP B 724 -29.97 -5.44 -53.46
CA ASP B 724 -30.12 -6.77 -52.86
C ASP B 724 -31.54 -7.27 -53.08
N ARG B 725 -31.69 -8.19 -54.03
CA ARG B 725 -32.99 -8.79 -54.33
C ARG B 725 -33.60 -9.52 -53.15
N THR B 726 -32.77 -10.08 -52.26
CA THR B 726 -33.30 -10.82 -51.13
C THR B 726 -34.08 -9.92 -50.17
N ALA B 727 -33.57 -8.72 -49.92
CA ALA B 727 -34.35 -7.74 -49.15
C ALA B 727 -35.61 -7.32 -49.90
N ARG B 728 -35.48 -7.06 -51.21
CA ARG B 728 -36.62 -6.60 -52.00
C ARG B 728 -37.75 -7.63 -52.06
N VAL B 729 -37.42 -8.90 -52.23
CA VAL B 729 -38.46 -9.94 -52.18
C VAL B 729 -39.00 -10.13 -50.77
N LEU B 730 -38.14 -10.01 -49.75
CA LEU B 730 -38.61 -10.10 -48.37
C LEU B 730 -39.64 -9.01 -48.07
N ILE B 731 -39.32 -7.75 -48.37
CA ILE B 731 -40.28 -6.68 -48.17
C ILE B 731 -41.46 -6.79 -49.14
N GLY B 732 -41.26 -7.43 -50.30
CA GLY B 732 -42.39 -7.78 -51.13
C GLY B 732 -43.37 -8.71 -50.44
N HIS B 733 -42.88 -9.82 -49.91
CA HIS B 733 -43.74 -10.77 -49.21
C HIS B 733 -44.39 -10.14 -47.98
N ILE B 734 -43.61 -9.40 -47.19
CA ILE B 734 -44.16 -8.68 -46.05
C ILE B 734 -45.23 -7.67 -46.48
N SER B 735 -44.90 -6.81 -47.46
CA SER B 735 -45.87 -5.81 -47.89
C SER B 735 -47.12 -6.42 -48.52
N LYS B 736 -47.01 -7.61 -49.09
CA LYS B 736 -48.22 -8.36 -49.45
C LYS B 736 -49.00 -8.76 -48.20
N LYS B 737 -48.30 -9.24 -47.18
CA LYS B 737 -48.94 -9.72 -45.96
C LYS B 737 -49.34 -8.59 -45.01
N MET B 738 -48.67 -7.44 -45.07
CA MET B 738 -48.96 -6.35 -44.15
C MET B 738 -50.43 -5.91 -44.22
N ASN B 739 -50.94 -5.49 -43.07
CA ASN B 739 -52.26 -4.89 -42.98
C ASN B 739 -52.28 -3.53 -43.65
N LYS B 740 -53.42 -3.21 -44.27
CA LYS B 740 -53.64 -1.88 -44.80
C LYS B 740 -53.94 -0.85 -43.71
N GLN B 741 -54.38 -1.29 -42.54
CA GLN B 741 -54.55 -0.39 -41.41
C GLN B 741 -53.22 0.19 -40.94
N THR B 742 -53.25 1.45 -40.54
CA THR B 742 -52.03 2.23 -40.35
C THR B 742 -51.18 1.70 -39.21
N PHE B 743 -51.79 1.54 -38.02
CA PHE B 743 -51.09 1.23 -36.78
C PHE B 743 -49.83 2.09 -36.60
N PRO B 744 -49.98 3.40 -36.57
CA PRO B 744 -48.80 4.28 -36.52
C PRO B 744 -48.16 4.30 -35.14
N GLU B 745 -47.01 4.97 -35.07
CA GLU B 745 -46.29 5.22 -33.83
C GLU B 745 -46.52 6.67 -33.40
N HIS B 746 -46.89 6.87 -32.15
CA HIS B 746 -47.26 8.18 -31.65
C HIS B 746 -46.21 8.72 -30.68
N CYS B 747 -45.91 10.02 -30.84
CA CYS B 747 -45.17 10.78 -29.82
C CYS B 747 -46.00 10.95 -28.56
N SER B 748 -45.51 10.38 -27.45
CA SER B 748 -46.27 10.36 -26.21
C SER B 748 -46.60 11.76 -25.69
N LEU B 749 -45.76 12.75 -25.97
CA LEU B 749 -46.03 14.11 -25.51
C LEU B 749 -47.07 14.83 -26.37
N CYS B 750 -47.57 14.19 -27.42
CA CYS B 750 -48.46 14.81 -28.39
C CYS B 750 -49.57 13.90 -28.89
N LYS B 751 -49.41 12.57 -28.79
CA LYS B 751 -50.22 11.58 -29.52
C LYS B 751 -50.32 11.91 -31.00
N GLU B 752 -49.20 12.32 -31.58
CA GLU B 752 -49.09 12.59 -33.01
C GLU B 752 -48.01 11.71 -33.59
N ILE B 753 -48.14 11.40 -34.89
CA ILE B 753 -47.36 10.33 -35.49
C ILE B 753 -45.88 10.72 -35.60
N LEU B 754 -45.02 9.70 -35.60
CA LEU B 754 -43.61 9.81 -35.91
C LEU B 754 -43.35 9.18 -37.27
N PRO B 755 -42.83 9.93 -38.24
CA PRO B 755 -42.89 9.46 -39.64
C PRO B 755 -41.96 8.31 -39.98
N PHE B 756 -40.93 8.04 -39.16
CA PHE B 756 -39.82 7.17 -39.57
C PHE B 756 -39.12 7.71 -40.81
N THR B 757 -38.43 8.84 -40.60
CA THR B 757 -37.62 9.44 -41.65
C THR B 757 -36.19 8.91 -41.66
N ASP B 758 -35.60 8.64 -40.50
CA ASP B 758 -34.17 8.47 -40.43
C ASP B 758 -33.82 7.44 -39.36
N ARG B 759 -32.60 6.91 -39.50
CA ARG B 759 -32.10 5.84 -38.63
C ARG B 759 -32.16 6.21 -37.15
N LYS B 760 -31.49 7.31 -36.78
CA LYS B 760 -31.15 7.55 -35.39
C LYS B 760 -32.33 8.04 -34.57
N GLN B 761 -33.14 8.95 -35.11
CA GLN B 761 -34.12 9.62 -34.27
C GLN B 761 -35.35 10.00 -35.09
N ALA B 762 -36.46 10.18 -34.37
CA ALA B 762 -37.75 10.50 -34.93
C ALA B 762 -38.24 11.82 -34.33
N VAL B 763 -38.96 12.60 -35.12
CA VAL B 763 -39.45 13.90 -34.69
C VAL B 763 -40.91 14.03 -35.11
N CYS B 764 -41.70 14.66 -34.26
CA CYS B 764 -43.06 15.07 -34.58
C CYS B 764 -43.10 16.54 -34.99
N SER B 765 -44.27 16.95 -35.49
CA SER B 765 -44.47 18.32 -35.93
C SER B 765 -44.14 19.34 -34.83
N ASN B 766 -44.50 19.03 -33.58
CA ASN B 766 -44.17 19.93 -32.48
C ASN B 766 -42.68 19.99 -32.17
N GLY B 767 -41.86 19.15 -32.80
CA GLY B 767 -40.42 19.27 -32.69
C GLY B 767 -39.77 18.49 -31.56
N HIS B 768 -40.50 17.57 -30.94
CA HIS B 768 -39.87 16.62 -30.03
C HIS B 768 -38.92 15.72 -30.79
N ILE B 769 -37.88 15.25 -30.10
CA ILE B 769 -36.90 14.33 -30.69
C ILE B 769 -36.80 13.10 -29.80
N TRP B 770 -37.16 11.94 -30.37
CA TRP B 770 -37.05 10.65 -29.69
C TRP B 770 -36.00 9.80 -30.38
N LEU B 771 -35.05 9.28 -29.60
CA LEU B 771 -34.11 8.32 -30.14
C LEU B 771 -34.84 7.02 -30.51
N ARG B 772 -34.28 6.30 -31.47
CA ARG B 772 -34.79 4.99 -31.84
C ARG B 772 -33.92 3.88 -31.27
N CYS B 773 -34.57 2.84 -30.74
CA CYS B 773 -33.88 1.64 -30.32
C CYS B 773 -33.09 1.04 -31.49
N PHE B 774 -31.77 0.90 -31.30
CA PHE B 774 -30.95 0.41 -32.41
C PHE B 774 -31.13 -1.08 -32.68
N LEU B 775 -31.80 -1.80 -31.79
CA LEU B 775 -32.11 -3.21 -32.02
C LEU B 775 -33.46 -3.41 -32.69
N THR B 776 -34.41 -2.49 -32.50
CA THR B 776 -35.77 -2.69 -33.00
C THR B 776 -36.36 -1.43 -33.62
N TYR B 777 -35.64 -0.31 -33.63
CA TYR B 777 -36.08 0.96 -34.23
C TYR B 777 -37.36 1.53 -33.65
N GLN B 778 -37.97 0.87 -32.67
CA GLN B 778 -39.00 1.53 -31.88
C GLN B 778 -38.39 2.72 -31.16
N SER B 779 -39.18 3.78 -31.02
CA SER B 779 -38.68 4.99 -30.36
C SER B 779 -38.56 4.80 -28.86
N CYS B 780 -37.41 5.20 -28.31
CA CYS B 780 -37.09 5.04 -26.89
C CYS B 780 -37.71 6.19 -26.10
N GLN B 781 -39.03 6.15 -25.96
CA GLN B 781 -39.76 7.18 -25.26
C GLN B 781 -39.84 6.95 -23.75
N SER B 782 -39.36 5.81 -23.27
CA SER B 782 -39.36 5.54 -21.83
C SER B 782 -38.32 6.40 -21.11
N LEU B 783 -38.62 6.71 -19.85
CA LEU B 783 -37.71 7.49 -19.02
C LEU B 783 -36.42 6.75 -18.68
N ILE B 784 -36.38 5.44 -18.84
CA ILE B 784 -35.14 4.68 -18.73
C ILE B 784 -35.03 3.77 -19.93
N TYR B 785 -33.83 3.73 -20.52
CA TYR B 785 -33.53 2.84 -21.62
C TYR B 785 -32.05 2.50 -21.57
N ARG B 786 -31.64 1.54 -22.39
CA ARG B 786 -30.33 0.94 -22.30
C ARG B 786 -29.38 1.64 -23.25
N ARG B 787 -28.11 1.72 -22.86
CA ARG B 787 -27.08 2.42 -23.62
C ARG B 787 -25.86 1.54 -23.78
N CYS B 788 -25.23 1.60 -24.95
CA CYS B 788 -24.04 0.81 -25.21
C CYS B 788 -22.92 1.20 -24.25
N LEU B 789 -22.02 0.24 -24.00
CA LEU B 789 -20.81 0.51 -23.22
C LEU B 789 -20.03 1.68 -23.80
N LEU B 790 -19.98 1.78 -25.12
CA LEU B 790 -19.33 2.87 -25.83
C LEU B 790 -20.23 4.05 -26.08
N HIS B 791 -21.48 4.00 -25.62
CA HIS B 791 -22.51 5.01 -25.90
C HIS B 791 -22.70 5.23 -27.40
N ASP B 792 -22.17 4.32 -28.20
CA ASP B 792 -22.35 4.37 -29.64
C ASP B 792 -23.74 3.96 -30.08
N SER B 793 -24.48 3.25 -29.24
CA SER B 793 -25.78 2.74 -29.63
C SER B 793 -26.72 2.63 -28.43
N ILE B 794 -28.02 2.58 -28.73
CA ILE B 794 -29.09 2.66 -27.75
C ILE B 794 -30.01 1.45 -27.93
N ALA B 795 -30.62 0.98 -26.84
CA ALA B 795 -31.60 -0.09 -26.97
C ALA B 795 -32.72 0.06 -25.94
N ARG B 796 -33.90 -0.42 -26.32
CA ARG B 796 -35.09 -0.41 -25.49
C ARG B 796 -35.04 -1.54 -24.44
N HIS B 797 -35.67 -1.29 -23.30
CA HIS B 797 -35.95 -2.38 -22.36
C HIS B 797 -37.08 -3.29 -22.86
N PRO B 798 -36.91 -4.60 -22.77
CA PRO B 798 -38.00 -5.53 -23.09
C PRO B 798 -39.17 -5.38 -22.13
N ALA B 799 -40.38 -5.55 -22.65
CA ALA B 799 -41.60 -5.39 -21.88
C ALA B 799 -42.47 -6.63 -22.01
N PRO B 800 -43.35 -6.89 -21.03
CA PRO B 800 -44.18 -8.11 -21.07
C PRO B 800 -45.06 -8.23 -22.31
N GLU B 801 -45.39 -7.11 -22.96
CA GLU B 801 -46.13 -7.15 -24.22
C GLU B 801 -45.31 -7.68 -25.37
N ASP B 802 -43.98 -7.66 -25.25
CA ASP B 802 -43.13 -8.13 -26.33
C ASP B 802 -43.18 -9.66 -26.42
N PRO B 803 -43.30 -10.21 -27.63
CA PRO B 803 -43.19 -11.65 -27.79
C PRO B 803 -41.78 -12.14 -27.50
N ASP B 804 -41.70 -13.44 -27.17
CA ASP B 804 -40.44 -14.07 -26.79
C ASP B 804 -39.33 -13.82 -27.81
N TRP B 805 -39.65 -13.91 -29.10
CA TRP B 805 -38.62 -13.78 -30.12
C TRP B 805 -37.97 -12.39 -30.16
N ILE B 806 -38.71 -11.31 -29.89
CA ILE B 806 -38.02 -10.03 -29.76
C ILE B 806 -37.41 -9.83 -28.37
N LYS B 807 -38.00 -10.43 -27.34
CA LYS B 807 -37.33 -10.48 -26.04
C LYS B 807 -35.99 -11.20 -26.11
N ARG B 808 -35.83 -12.10 -27.08
CA ARG B 808 -34.52 -12.66 -27.37
C ARG B 808 -33.68 -11.74 -28.26
N LEU B 809 -34.31 -11.15 -29.28
CA LEU B 809 -33.61 -10.17 -30.14
C LEU B 809 -33.04 -9.01 -29.34
N LEU B 810 -33.80 -8.49 -28.38
CA LEU B 810 -33.32 -7.40 -27.53
C LEU B 810 -32.12 -7.77 -26.66
N GLN B 811 -31.75 -9.05 -26.59
CA GLN B 811 -30.53 -9.44 -25.91
C GLN B 811 -29.29 -9.44 -26.80
N SER B 812 -29.44 -9.11 -28.09
CA SER B 812 -28.28 -9.03 -28.97
C SER B 812 -27.31 -7.96 -28.47
N PRO B 813 -26.01 -8.16 -28.68
CA PRO B 813 -25.05 -7.05 -28.57
C PRO B 813 -25.34 -5.94 -29.57
N CYS B 814 -24.68 -4.81 -29.35
CA CYS B 814 -24.82 -3.67 -30.24
C CYS B 814 -24.43 -4.04 -31.67
N PRO B 815 -25.21 -3.64 -32.67
CA PRO B 815 -24.87 -3.97 -34.06
C PRO B 815 -23.60 -3.30 -34.55
N PHE B 816 -23.12 -2.27 -33.88
CA PHE B 816 -21.93 -1.53 -34.32
C PHE B 816 -20.66 -1.91 -33.57
N CYS B 817 -20.70 -1.89 -32.24
CA CYS B 817 -19.49 -2.13 -31.45
C CYS B 817 -19.41 -3.51 -30.84
N ASP B 818 -20.47 -4.32 -30.94
CA ASP B 818 -20.64 -5.59 -30.24
C ASP B 818 -20.50 -5.48 -28.73
N SER B 819 -20.42 -4.28 -28.18
CA SER B 819 -20.43 -4.12 -26.73
C SER B 819 -21.82 -4.43 -26.19
N PRO B 820 -21.92 -4.76 -24.89
CA PRO B 820 -23.24 -4.81 -24.26
C PRO B 820 -23.93 -3.46 -24.39
N VAL B 821 -25.20 -3.50 -24.81
CA VAL B 821 -26.03 -2.30 -24.77
C VAL B 821 -26.57 -2.11 -23.36
N PHE B 822 -26.13 -2.95 -22.44
CA PHE B 822 -26.68 -3.05 -21.10
C PHE B 822 -28.19 -3.20 -21.14
N HIS C 304 -6.25 -12.29 44.87
CA HIS C 304 -5.27 -11.42 45.52
C HIS C 304 -4.91 -11.98 46.88
N CYS C 305 -3.65 -12.39 47.04
CA CYS C 305 -3.18 -13.05 48.24
C CYS C 305 -2.34 -12.08 49.07
N ARG C 306 -2.70 -11.94 50.34
CA ARG C 306 -2.07 -11.00 51.25
C ARG C 306 -0.77 -11.55 51.81
N GLY C 307 -0.09 -10.73 52.60
CA GLY C 307 1.10 -11.10 53.34
C GLY C 307 2.39 -10.97 52.55
N MET C 308 3.49 -11.17 53.28
CA MET C 308 4.84 -10.95 52.77
C MET C 308 5.57 -12.28 52.62
N ALA C 309 6.16 -12.50 51.45
CA ALA C 309 6.98 -13.68 51.26
C ALA C 309 8.27 -13.57 52.08
N PRO C 310 8.89 -14.69 52.43
CA PRO C 310 10.15 -14.62 53.18
C PRO C 310 11.28 -13.96 52.42
N ASN C 311 11.21 -13.88 51.08
CA ASN C 311 12.19 -13.12 50.32
C ASN C 311 11.97 -11.62 50.37
N GLY C 312 10.91 -11.15 51.02
CA GLY C 312 10.62 -9.74 51.16
C GLY C 312 9.74 -9.13 50.09
N LEU C 313 9.39 -9.89 49.05
CA LEU C 313 8.37 -9.34 48.16
C LEU C 313 6.97 -9.72 48.65
N PRO C 314 5.97 -8.89 48.40
CA PRO C 314 4.59 -9.28 48.72
C PRO C 314 4.19 -10.53 47.96
N ASN C 315 3.34 -11.33 48.58
CA ASN C 315 2.88 -12.57 47.95
C ASN C 315 2.12 -12.32 46.66
N HIS C 316 1.32 -11.24 46.60
CA HIS C 316 0.63 -10.93 45.35
C HIS C 316 1.59 -10.53 44.22
N ILE C 317 2.83 -10.17 44.55
CA ILE C 317 3.86 -9.95 43.54
C ILE C 317 4.57 -11.25 43.18
N MET C 318 4.83 -12.12 44.15
CA MET C 318 5.49 -13.38 43.89
C MET C 318 4.55 -14.45 43.33
N ALA C 319 3.26 -14.36 43.61
CA ALA C 319 2.33 -15.43 43.22
C ALA C 319 2.35 -15.79 41.74
N PRO C 320 2.47 -14.86 40.79
CA PRO C 320 2.64 -15.27 39.38
C PRO C 320 3.91 -16.07 39.12
N VAL C 321 5.01 -15.75 39.81
CA VAL C 321 6.25 -16.49 39.65
C VAL C 321 6.07 -17.95 40.06
N TRP C 322 5.42 -18.18 41.19
CA TRP C 322 5.17 -19.55 41.64
C TRP C 322 4.21 -20.31 40.73
N LYS C 323 3.24 -19.63 40.13
CA LYS C 323 2.36 -20.30 39.18
C LYS C 323 3.10 -20.74 37.92
N CYS C 324 4.05 -19.93 37.43
CA CYS C 324 4.73 -20.22 36.17
C CYS C 324 5.54 -21.51 36.20
N LEU C 325 5.93 -21.98 37.38
CA LEU C 325 6.61 -23.27 37.47
C LEU C 325 5.74 -24.42 36.98
N HIS C 326 4.52 -24.54 37.51
CA HIS C 326 3.61 -25.61 37.10
C HIS C 326 3.22 -25.49 35.63
N LEU C 327 2.85 -24.30 35.17
CA LEU C 327 2.46 -24.13 33.78
C LEU C 327 3.56 -24.52 32.81
N THR C 328 4.81 -24.19 33.13
CA THR C 328 5.93 -24.58 32.25
C THR C 328 6.19 -26.08 32.28
N LYS C 329 6.08 -26.70 33.45
CA LYS C 329 6.25 -28.15 33.56
C LYS C 329 5.16 -28.90 32.81
N ASP C 330 3.91 -28.51 33.02
CA ASP C 330 2.78 -29.12 32.30
C ASP C 330 2.89 -28.97 30.79
N PHE C 331 3.41 -27.83 30.32
CA PHE C 331 3.66 -27.68 28.89
C PHE C 331 4.73 -28.65 28.38
N ARG C 332 5.89 -28.69 29.02
CA ARG C 332 6.99 -29.50 28.49
C ARG C 332 6.69 -30.99 28.52
N GLU C 333 5.94 -31.46 29.52
CA GLU C 333 5.52 -32.86 29.52
C GLU C 333 4.69 -33.21 28.29
N GLN C 334 3.87 -32.27 27.82
CA GLN C 334 3.00 -32.50 26.67
C GLN C 334 3.67 -32.25 25.33
N LYS C 335 4.55 -31.25 25.23
CA LYS C 335 4.94 -30.72 23.94
C LYS C 335 6.44 -30.59 23.73
N HIS C 336 7.27 -31.06 24.65
CA HIS C 336 8.64 -31.44 24.31
C HIS C 336 8.72 -32.95 24.10
N SER C 337 9.92 -33.43 23.79
CA SER C 337 10.14 -34.86 23.68
C SER C 337 11.57 -35.19 24.04
N TYR C 338 11.79 -36.46 24.39
CA TYR C 338 13.08 -36.92 24.85
C TYR C 338 14.08 -37.20 23.74
N TRP C 339 13.64 -37.46 22.51
CA TRP C 339 14.58 -37.69 21.43
C TRP C 339 13.99 -37.28 20.09
N GLU C 340 14.76 -36.52 19.32
CA GLU C 340 14.37 -36.07 17.99
C GLU C 340 15.60 -36.08 17.08
N PHE C 341 15.34 -36.01 15.78
CA PHE C 341 16.38 -35.93 14.75
C PHE C 341 17.45 -37.01 14.91
N ALA C 342 17.00 -38.25 15.03
CA ALA C 342 17.90 -39.35 15.41
C ALA C 342 19.02 -39.59 14.40
N GLU C 343 18.85 -39.16 13.15
CA GLU C 343 19.92 -39.27 12.16
C GLU C 343 21.03 -38.24 12.37
N TRP C 344 20.70 -37.05 12.89
CA TRP C 344 21.63 -35.92 12.97
C TRP C 344 22.49 -36.01 14.22
N ILE C 345 23.44 -36.93 14.19
CA ILE C 345 24.26 -37.23 15.37
C ILE C 345 25.73 -36.99 15.03
N PRO C 346 26.55 -36.50 15.97
CA PRO C 346 27.90 -36.07 15.61
C PRO C 346 28.83 -37.23 15.28
N LEU C 347 29.65 -37.03 14.26
CA LEU C 347 30.63 -38.02 13.83
C LEU C 347 32.03 -37.44 13.97
N ALA C 348 32.93 -38.23 14.57
CA ALA C 348 34.28 -37.77 14.87
C ALA C 348 35.03 -37.30 13.63
N TRP C 349 34.86 -38.00 12.51
CA TRP C 349 35.54 -37.62 11.27
C TRP C 349 35.02 -36.31 10.69
N LYS C 350 33.84 -35.86 11.12
CA LYS C 350 33.36 -34.54 10.71
C LYS C 350 33.92 -33.41 11.56
N TRP C 351 34.63 -33.71 12.64
CA TRP C 351 35.27 -32.71 13.48
C TRP C 351 36.79 -32.80 13.33
N HIS C 352 37.37 -31.80 12.67
CA HIS C 352 38.80 -31.72 12.40
C HIS C 352 39.42 -30.66 13.29
N LEU C 353 40.41 -31.06 14.09
CA LEU C 353 41.05 -30.14 15.02
C LEU C 353 42.05 -29.25 14.28
N LEU C 354 41.89 -27.93 14.41
CA LEU C 354 42.82 -26.98 13.83
C LEU C 354 44.10 -26.89 14.67
N SER C 355 45.24 -26.83 14.00
CA SER C 355 46.48 -26.50 14.65
C SER C 355 46.48 -25.04 15.13
N GLU C 356 47.46 -24.73 15.98
CA GLU C 356 47.68 -23.36 16.45
C GLU C 356 47.76 -22.37 15.30
N LEU C 357 48.47 -22.74 14.22
CA LEU C 357 48.61 -21.86 13.07
C LEU C 357 47.29 -21.70 12.32
N GLU C 358 46.53 -22.78 12.17
CA GLU C 358 45.26 -22.70 11.44
C GLU C 358 44.19 -21.95 12.22
N ALA C 359 44.22 -22.02 13.55
CA ALA C 359 43.20 -21.35 14.36
C ALA C 359 43.41 -19.84 14.44
N ALA C 360 44.63 -19.36 14.25
CA ALA C 360 44.95 -17.95 14.50
C ALA C 360 44.04 -16.95 13.80
N PRO C 361 43.57 -17.15 12.57
CA PRO C 361 42.64 -16.17 11.97
C PRO C 361 41.30 -16.07 12.66
N TYR C 362 40.87 -17.12 13.37
CA TYR C 362 39.50 -17.18 13.87
C TYR C 362 39.35 -16.63 15.28
N LEU C 363 40.37 -16.73 16.11
CA LEU C 363 40.28 -16.29 17.50
C LEU C 363 39.96 -14.79 17.57
N PRO C 364 39.00 -14.38 18.38
CA PRO C 364 38.78 -12.94 18.62
C PRO C 364 40.03 -12.27 19.15
N GLN C 365 40.31 -11.08 18.62
CA GLN C 365 41.67 -10.58 18.52
C GLN C 365 42.22 -9.99 19.82
N GLU C 366 41.37 -9.68 20.80
CA GLU C 366 41.84 -9.16 22.08
C GLU C 366 42.29 -10.31 22.97
N GLU C 367 43.57 -10.31 23.36
CA GLU C 367 44.10 -11.40 24.15
C GLU C 367 43.79 -11.28 25.64
N LYS C 368 43.43 -10.10 26.13
CA LYS C 368 43.11 -9.91 27.54
C LYS C 368 41.94 -8.93 27.67
N SER C 369 41.16 -9.12 28.73
CA SER C 369 40.00 -8.28 28.97
C SER C 369 40.45 -6.86 29.27
N PRO C 370 39.53 -5.88 29.22
CA PRO C 370 39.73 -4.65 30.01
C PRO C 370 39.90 -4.95 31.49
N LEU C 371 40.58 -4.05 32.18
CA LEU C 371 40.64 -4.14 33.64
C LEU C 371 39.28 -3.84 34.23
N PHE C 372 38.90 -4.60 35.26
CA PHE C 372 37.61 -4.39 35.91
C PHE C 372 37.74 -4.72 37.38
N SER C 373 36.79 -4.20 38.15
CA SER C 373 36.59 -4.66 39.52
C SER C 373 35.10 -4.80 39.78
N VAL C 374 34.75 -5.80 40.59
CA VAL C 374 33.37 -6.05 40.99
C VAL C 374 33.18 -5.66 42.43
N GLN C 375 32.20 -4.80 42.69
CA GLN C 375 31.76 -4.47 44.03
C GLN C 375 30.43 -5.16 44.27
N ARG C 376 30.27 -5.79 45.42
CA ARG C 376 29.09 -6.57 45.76
C ARG C 376 28.39 -5.92 46.94
N GLU C 377 27.11 -5.61 46.76
CA GLU C 377 26.32 -4.88 47.74
C GLU C 377 26.46 -5.47 49.14
N GLY C 378 26.87 -4.63 50.07
CA GLY C 378 26.97 -4.99 51.47
C GLY C 378 28.20 -5.80 51.86
N LEU C 379 29.05 -6.15 50.91
CA LEU C 379 30.35 -6.69 51.23
C LEU C 379 31.42 -5.60 51.30
N PRO C 380 32.55 -5.88 51.97
CA PRO C 380 33.68 -4.95 51.92
C PRO C 380 34.18 -4.75 50.51
N GLU C 381 34.67 -3.53 50.25
CA GLU C 381 35.14 -3.16 48.92
C GLU C 381 36.36 -3.99 48.53
N ASP C 382 36.33 -4.52 47.30
CA ASP C 382 37.44 -5.33 46.81
C ASP C 382 38.70 -4.48 46.64
N GLY C 383 38.61 -3.41 45.85
CA GLY C 383 39.71 -2.50 45.63
C GLY C 383 40.78 -2.96 44.66
N THR C 384 40.83 -4.24 44.35
CA THR C 384 41.75 -4.73 43.32
C THR C 384 41.11 -4.59 41.94
N LEU C 385 41.96 -4.48 40.92
CA LEU C 385 41.50 -4.57 39.54
C LEU C 385 41.89 -5.92 38.99
N TYR C 386 40.90 -6.67 38.51
CA TYR C 386 41.10 -7.91 37.80
C TYR C 386 41.37 -7.66 36.31
N ARG C 387 42.07 -8.60 35.70
CA ARG C 387 42.16 -8.69 34.24
C ARG C 387 42.47 -10.13 33.89
N ILE C 388 41.73 -10.67 32.92
CA ILE C 388 41.73 -12.10 32.64
C ILE C 388 42.02 -12.34 31.16
N ASN C 389 42.71 -13.45 30.89
CA ASN C 389 43.04 -13.80 29.52
C ASN C 389 41.78 -14.18 28.75
N ARG C 390 41.86 -14.03 27.43
CA ARG C 390 40.86 -14.58 26.54
C ARG C 390 40.71 -16.08 26.75
N PHE C 391 39.44 -16.53 26.77
CA PHE C 391 39.09 -17.93 27.10
C PHE C 391 39.44 -18.29 28.53
N SER C 392 39.37 -17.35 29.47
CA SER C 392 39.61 -17.67 30.87
C SER C 392 38.57 -16.99 31.75
N SER C 393 38.48 -17.48 32.99
CA SER C 393 37.44 -17.09 33.94
C SER C 393 38.06 -16.78 35.28
N ILE C 394 37.53 -15.75 35.98
CA ILE C 394 37.74 -15.69 37.41
C ILE C 394 36.98 -16.82 38.10
N THR C 395 37.37 -17.09 39.34
CA THR C 395 36.63 -18.02 40.19
C THR C 395 35.36 -17.36 40.72
N ALA C 396 34.31 -18.17 40.86
CA ALA C 396 33.06 -17.70 41.43
C ALA C 396 33.27 -17.11 42.82
N HIS C 397 32.54 -16.05 43.12
CA HIS C 397 32.53 -15.51 44.48
C HIS C 397 31.95 -16.55 45.43
N PRO C 398 32.62 -16.83 46.55
CA PRO C 398 32.22 -17.98 47.38
C PRO C 398 30.81 -17.87 47.96
N GLU C 399 30.32 -16.66 48.21
CA GLU C 399 28.98 -16.49 48.77
C GLU C 399 27.91 -16.32 47.70
N ARG C 400 28.21 -15.59 46.63
CA ARG C 400 27.21 -15.14 45.67
C ARG C 400 27.34 -15.79 44.31
N TRP C 401 28.41 -16.55 44.08
CA TRP C 401 28.55 -17.45 42.93
C TRP C 401 28.46 -16.77 41.58
N ASP C 402 28.61 -15.45 41.50
CA ASP C 402 28.74 -14.84 40.19
C ASP C 402 30.07 -15.24 39.57
N VAL C 403 30.07 -15.47 38.27
CA VAL C 403 31.26 -15.85 37.52
C VAL C 403 31.43 -14.87 36.36
N SER C 404 32.67 -14.50 36.08
CA SER C 404 32.97 -13.64 34.94
C SER C 404 34.09 -14.25 34.11
N PHE C 405 33.89 -14.28 32.79
CA PHE C 405 34.85 -14.84 31.86
C PHE C 405 34.89 -13.95 30.61
N PHE C 406 35.97 -14.06 29.85
CA PHE C 406 36.24 -13.15 28.75
C PHE C 406 36.38 -13.92 27.44
N THR C 407 35.68 -13.45 26.41
CA THR C 407 35.57 -14.14 25.13
C THR C 407 36.40 -13.51 24.02
N GLY C 408 37.03 -12.37 24.25
CA GLY C 408 37.94 -11.77 23.31
C GLY C 408 37.35 -10.81 22.30
N GLY C 409 36.05 -10.52 22.37
CA GLY C 409 35.41 -9.63 21.45
C GLY C 409 34.02 -9.26 21.92
N PRO C 410 33.35 -8.34 21.23
CA PRO C 410 32.03 -7.93 21.69
C PRO C 410 30.99 -9.02 21.43
N LEU C 411 30.29 -9.41 22.48
CA LEU C 411 29.39 -10.55 22.40
C LEU C 411 28.10 -10.15 21.68
N TRP C 412 27.79 -10.88 20.60
CA TRP C 412 26.63 -10.56 19.78
C TRP C 412 25.66 -11.71 19.58
N ALA C 413 26.00 -12.93 20.03
CA ALA C 413 25.01 -13.98 20.15
C ALA C 413 25.34 -14.86 21.34
N LEU C 414 24.29 -15.47 21.92
CA LEU C 414 24.40 -16.22 23.16
C LEU C 414 23.15 -17.06 23.40
N ASP C 415 23.32 -18.34 23.71
CA ASP C 415 22.19 -19.18 24.10
C ASP C 415 22.64 -20.25 25.09
N TRP C 416 21.72 -20.64 25.98
CA TRP C 416 21.92 -21.80 26.85
C TRP C 416 21.62 -23.11 26.13
N CYS C 417 22.52 -24.08 26.27
CA CYS C 417 22.27 -25.43 25.79
C CYS C 417 21.11 -26.07 26.56
N PRO C 418 20.01 -26.44 25.91
CA PRO C 418 18.86 -26.97 26.64
C PRO C 418 19.05 -28.43 27.03
N VAL C 419 18.63 -28.76 28.24
CA VAL C 419 18.85 -30.08 28.81
C VAL C 419 17.53 -30.54 29.43
N PRO C 420 17.16 -31.82 29.31
CA PRO C 420 15.89 -32.28 29.88
C PRO C 420 15.82 -32.09 31.39
N GLU C 421 14.60 -31.96 31.89
CA GLU C 421 14.40 -31.72 33.31
C GLU C 421 14.93 -32.89 34.13
N GLY C 422 15.57 -32.57 35.25
CA GLY C 422 16.06 -33.55 36.17
C GLY C 422 17.39 -34.17 35.79
N ALA C 423 17.91 -33.86 34.61
CA ALA C 423 19.11 -34.52 34.12
C ALA C 423 20.32 -34.28 35.02
N GLY C 424 20.38 -33.11 35.66
CA GLY C 424 21.54 -32.78 36.47
C GLY C 424 22.82 -32.68 35.67
N ALA C 425 22.72 -32.37 34.39
CA ALA C 425 23.89 -32.37 33.51
C ALA C 425 24.81 -31.20 33.84
N SER C 426 25.98 -31.22 33.19
CA SER C 426 26.77 -30.00 33.03
C SER C 426 26.06 -29.02 32.10
N GLN C 427 26.12 -27.74 32.46
CA GLN C 427 25.39 -26.69 31.76
C GLN C 427 26.36 -25.94 30.85
N TYR C 428 25.91 -25.66 29.63
CA TYR C 428 26.75 -25.01 28.64
C TYR C 428 26.05 -23.79 28.07
N VAL C 429 26.83 -22.81 27.64
CA VAL C 429 26.36 -21.72 26.81
C VAL C 429 27.18 -21.69 25.52
N ALA C 430 26.50 -21.44 24.41
CA ALA C 430 27.15 -21.19 23.13
C ALA C 430 27.03 -19.70 22.81
N LEU C 431 28.11 -19.11 22.32
CA LEU C 431 28.12 -17.68 22.11
C LEU C 431 29.02 -17.32 20.94
N PHE C 432 28.81 -16.11 20.41
CA PHE C 432 29.65 -15.52 19.39
C PHE C 432 30.10 -14.15 19.84
N SER C 433 31.39 -13.86 19.68
CA SER C 433 31.94 -12.53 19.91
C SER C 433 32.72 -12.10 18.68
N SER C 434 32.44 -10.89 18.20
CA SER C 434 32.98 -10.44 16.93
C SER C 434 34.51 -10.40 16.98
N PRO C 435 35.16 -10.54 15.83
CA PRO C 435 36.64 -10.58 15.83
C PRO C 435 37.29 -9.30 16.33
N ASP C 436 36.68 -8.15 16.08
CA ASP C 436 37.30 -6.86 16.36
C ASP C 436 36.36 -6.06 17.24
N MET C 437 36.94 -5.39 18.24
CA MET C 437 36.14 -4.63 19.19
C MET C 437 35.53 -3.37 18.57
N ASN C 438 36.16 -2.81 17.55
CA ASN C 438 35.76 -1.50 17.05
C ASN C 438 35.15 -1.51 15.65
N GLU C 439 35.47 -2.49 14.82
CA GLU C 439 34.79 -2.65 13.55
C GLU C 439 33.30 -2.91 13.74
N THR C 440 32.50 -2.39 12.81
CA THR C 440 31.06 -2.48 12.87
C THR C 440 30.54 -2.68 11.45
N HIS C 441 29.54 -3.57 11.30
CA HIS C 441 29.12 -4.06 10.00
C HIS C 441 27.77 -3.48 9.55
N PRO C 442 27.68 -3.06 8.30
CA PRO C 442 26.41 -2.56 7.77
C PRO C 442 25.37 -3.67 7.68
N LEU C 443 24.10 -3.28 7.75
CA LEU C 443 23.01 -4.22 7.56
C LEU C 443 22.85 -4.64 6.10
N SER C 444 22.99 -3.70 5.17
CA SER C 444 22.59 -3.93 3.79
C SER C 444 23.55 -4.81 3.01
N GLN C 445 24.64 -5.28 3.60
CA GLN C 445 25.69 -5.97 2.87
C GLN C 445 25.97 -7.31 3.53
N LEU C 446 26.27 -8.32 2.70
CA LEU C 446 26.76 -9.59 3.21
C LEU C 446 28.22 -9.50 3.64
N HIS C 447 28.53 -10.07 4.80
CA HIS C 447 29.86 -9.97 5.39
C HIS C 447 30.73 -11.17 5.04
N SER C 448 30.33 -12.37 5.48
CA SER C 448 30.99 -13.63 5.11
C SER C 448 32.47 -13.68 5.48
N GLY C 449 32.90 -12.94 6.50
CA GLY C 449 34.24 -13.12 7.04
C GLY C 449 34.42 -14.39 7.84
N PRO C 450 35.57 -14.53 8.49
CA PRO C 450 35.74 -15.56 9.53
C PRO C 450 35.05 -15.20 10.85
N GLY C 451 34.75 -16.25 11.61
CA GLY C 451 34.30 -16.07 12.99
C GLY C 451 34.33 -17.39 13.72
N LEU C 452 34.44 -17.30 15.05
CA LEU C 452 34.52 -18.47 15.92
C LEU C 452 33.23 -18.59 16.73
N LEU C 453 32.56 -19.74 16.61
CA LEU C 453 31.52 -20.15 17.55
C LEU C 453 32.13 -20.77 18.80
N GLN C 454 31.84 -20.21 19.96
CA GLN C 454 32.43 -20.64 21.22
C GLN C 454 31.40 -21.37 22.06
N LEU C 455 31.76 -22.54 22.57
CA LEU C 455 30.96 -23.27 23.56
C LEU C 455 31.65 -23.20 24.92
N TRP C 456 30.92 -22.72 25.93
CA TRP C 456 31.42 -22.54 27.29
C TRP C 456 30.64 -23.40 28.25
N GLY C 457 31.34 -24.25 29.01
CA GLY C 457 30.73 -24.99 30.09
C GLY C 457 30.75 -24.22 31.38
N LEU C 458 29.60 -24.20 32.07
CA LEU C 458 29.43 -23.43 33.29
C LEU C 458 29.47 -24.29 34.54
N GLY C 459 29.80 -25.57 34.40
CA GLY C 459 29.58 -26.53 35.47
C GLY C 459 28.13 -26.98 35.55
N THR C 460 27.85 -27.78 36.58
CA THR C 460 26.49 -28.25 36.78
C THR C 460 25.62 -27.27 37.56
N LEU C 461 26.22 -26.25 38.19
CA LEU C 461 25.47 -25.22 38.91
C LEU C 461 24.61 -25.79 40.04
N GLN C 462 25.02 -26.93 40.60
CA GLN C 462 24.47 -27.35 41.87
C GLN C 462 25.08 -26.52 43.01
N GLN C 463 24.33 -26.44 44.12
CA GLN C 463 24.80 -25.70 45.28
C GLN C 463 26.17 -26.19 45.75
N GLU C 464 26.39 -27.50 45.70
CA GLU C 464 27.71 -28.05 46.05
C GLU C 464 28.78 -27.71 45.03
N SER C 465 28.40 -27.33 43.82
CA SER C 465 29.34 -27.06 42.74
C SER C 465 29.68 -25.59 42.56
N CYS C 466 28.83 -24.68 43.00
CA CYS C 466 29.01 -23.26 42.75
C CYS C 466 30.19 -22.63 43.49
N PRO C 467 30.41 -22.91 44.77
CA PRO C 467 31.62 -22.38 45.42
C PRO C 467 32.88 -22.88 44.72
N GLY C 468 33.68 -21.92 44.24
CA GLY C 468 34.88 -22.24 43.49
C GLY C 468 34.66 -22.62 42.05
N ASN C 469 33.47 -22.41 41.50
CA ASN C 469 33.21 -22.72 40.10
C ASN C 469 33.99 -21.78 39.18
N ARG C 470 34.29 -22.28 37.98
CA ARG C 470 34.88 -21.50 36.91
C ARG C 470 34.27 -21.94 35.59
N ALA C 471 34.09 -20.99 34.67
CA ALA C 471 33.71 -21.34 33.31
C ALA C 471 34.89 -21.92 32.54
N HIS C 472 34.63 -22.98 31.79
CA HIS C 472 35.64 -23.66 30.97
C HIS C 472 35.26 -23.53 29.51
N PHE C 473 36.14 -22.95 28.70
CA PHE C 473 36.00 -22.98 27.25
C PHE C 473 36.28 -24.39 26.76
N VAL C 474 35.23 -25.14 26.44
CA VAL C 474 35.42 -26.56 26.14
C VAL C 474 35.86 -26.78 24.69
N TYR C 475 35.24 -26.09 23.73
CA TYR C 475 35.73 -26.10 22.36
C TYR C 475 35.09 -24.95 21.59
N GLY C 476 35.62 -24.69 20.40
CA GLY C 476 34.96 -23.80 19.47
C GLY C 476 35.06 -24.28 18.03
N ILE C 477 34.10 -23.83 17.23
CA ILE C 477 34.02 -24.15 15.81
C ILE C 477 34.43 -22.92 15.02
N ALA C 478 35.47 -23.05 14.21
CA ALA C 478 35.92 -22.00 13.31
C ALA C 478 35.01 -21.91 12.09
N CYS C 479 34.25 -20.83 11.99
CA CYS C 479 33.27 -20.65 10.93
C CYS C 479 33.80 -19.65 9.90
N ASP C 480 33.62 -19.99 8.62
CA ASP C 480 33.99 -19.11 7.51
C ASP C 480 32.78 -18.38 6.93
N ASN C 481 31.77 -18.12 7.76
CA ASN C 481 30.45 -17.69 7.31
C ASN C 481 30.08 -16.32 7.87
N GLY C 482 31.07 -15.53 8.25
CA GLY C 482 30.87 -14.22 8.82
C GLY C 482 30.45 -14.25 10.27
N CYS C 483 30.09 -13.08 10.77
CA CYS C 483 29.56 -12.98 12.13
C CYS C 483 28.19 -13.64 12.24
N ILE C 484 27.88 -14.08 13.46
CA ILE C 484 26.63 -14.77 13.77
C ILE C 484 25.71 -13.78 14.49
N TRP C 485 24.53 -13.54 13.92
CA TRP C 485 23.60 -12.58 14.51
C TRP C 485 22.59 -13.20 15.45
N ASP C 486 22.41 -14.53 15.40
CA ASP C 486 21.53 -15.20 16.34
C ASP C 486 21.97 -16.64 16.54
N LEU C 487 21.72 -17.16 17.75
CA LEU C 487 21.92 -18.56 18.05
C LEU C 487 20.63 -19.11 18.66
N LYS C 488 20.17 -20.26 18.17
CA LYS C 488 19.08 -20.98 18.81
C LYS C 488 19.38 -22.46 18.79
N PHE C 489 19.31 -23.09 19.96
CA PHE C 489 19.32 -24.54 20.07
C PHE C 489 17.94 -25.13 19.82
N CYS C 490 17.92 -26.38 19.38
CA CYS C 490 16.67 -27.14 19.31
C CYS C 490 16.07 -27.23 20.71
N PRO C 491 14.79 -26.87 20.88
CA PRO C 491 14.28 -26.68 22.25
C PRO C 491 14.27 -27.94 23.09
N SER C 492 14.15 -29.12 22.49
CA SER C 492 14.18 -30.37 23.26
C SER C 492 14.52 -31.53 22.34
N GLY C 493 14.81 -32.67 22.96
CA GLY C 493 15.10 -33.89 22.24
C GLY C 493 16.47 -33.96 21.61
N ALA C 494 17.27 -32.91 21.71
CA ALA C 494 18.61 -32.89 21.15
C ALA C 494 19.67 -33.47 22.07
N TRP C 495 19.42 -33.50 23.38
CA TRP C 495 20.42 -33.90 24.37
C TRP C 495 20.21 -35.35 24.80
N GLU C 496 21.33 -36.06 24.98
CA GLU C 496 21.32 -37.39 25.57
C GLU C 496 22.50 -37.53 26.51
N LEU C 497 22.43 -38.53 27.38
CA LEU C 497 23.45 -38.73 28.40
C LEU C 497 24.84 -38.89 27.76
N PRO C 498 25.86 -38.24 28.31
CA PRO C 498 27.22 -38.41 27.78
C PRO C 498 27.76 -39.82 27.95
N GLY C 499 27.21 -40.61 28.86
CA GLY C 499 27.55 -42.01 29.00
C GLY C 499 26.92 -42.97 28.02
N THR C 500 26.12 -42.47 27.08
CA THR C 500 25.44 -43.34 26.13
C THR C 500 26.46 -44.10 25.28
N PRO C 501 26.40 -45.43 25.26
CA PRO C 501 27.38 -46.20 24.47
C PRO C 501 27.11 -46.03 22.98
N ARG C 502 28.12 -45.50 22.28
CA ARG C 502 28.03 -45.33 20.83
C ARG C 502 29.34 -45.76 20.19
N LYS C 503 29.23 -46.38 19.02
CA LYS C 503 30.40 -46.89 18.31
C LYS C 503 31.37 -45.77 17.99
N ALA C 504 32.66 -46.14 17.85
CA ALA C 504 33.78 -45.23 17.81
C ALA C 504 33.64 -44.09 16.80
N PRO C 505 33.00 -44.27 15.64
CA PRO C 505 32.80 -43.11 14.76
C PRO C 505 31.83 -42.09 15.33
N LEU C 506 30.89 -42.51 16.17
CA LEU C 506 29.85 -41.63 16.66
C LEU C 506 30.23 -41.06 18.02
N LEU C 507 29.56 -39.96 18.37
CA LEU C 507 29.74 -39.27 19.64
C LEU C 507 28.37 -38.98 20.24
N PRO C 508 28.23 -39.07 21.56
CA PRO C 508 26.97 -38.68 22.19
C PRO C 508 26.64 -37.23 21.90
N ARG C 509 25.37 -36.94 21.71
CA ARG C 509 24.93 -35.64 21.21
C ARG C 509 24.60 -34.71 22.37
N LEU C 510 25.20 -33.52 22.35
CA LEU C 510 24.94 -32.46 23.31
C LEU C 510 23.79 -31.56 22.89
N GLY C 511 23.65 -31.27 21.60
CA GLY C 511 22.57 -30.42 21.16
C GLY C 511 22.55 -30.28 19.66
N LEU C 512 21.54 -29.56 19.18
CA LEU C 512 21.46 -29.06 17.82
C LEU C 512 21.39 -27.55 17.86
N LEU C 513 22.30 -26.90 17.14
CA LEU C 513 22.48 -25.46 17.20
C LEU C 513 22.36 -24.87 15.80
N ALA C 514 21.49 -23.88 15.66
CA ALA C 514 21.30 -23.14 14.42
C ALA C 514 21.94 -21.77 14.51
N LEU C 515 22.71 -21.40 13.49
CA LEU C 515 23.43 -20.14 13.43
C LEU C 515 22.84 -19.28 12.33
N ALA C 516 22.36 -18.09 12.68
CA ALA C 516 22.02 -17.08 11.68
C ALA C 516 23.29 -16.34 11.29
N CYS C 517 23.79 -16.59 10.08
CA CYS C 517 25.02 -15.97 9.62
C CYS C 517 24.75 -14.68 8.83
N SER C 518 25.64 -13.71 9.01
CA SER C 518 25.74 -12.55 8.14
C SER C 518 26.01 -12.90 6.68
N ASP C 519 26.40 -14.13 6.37
CA ASP C 519 26.46 -14.59 4.99
C ASP C 519 25.09 -14.87 4.39
N GLY C 520 24.01 -14.60 5.12
CA GLY C 520 22.69 -14.75 4.55
C GLY C 520 22.12 -16.15 4.59
N LYS C 521 22.72 -17.04 5.38
CA LYS C 521 22.27 -18.43 5.44
C LYS C 521 22.25 -18.87 6.89
N VAL C 522 21.43 -19.88 7.17
CA VAL C 522 21.37 -20.51 8.48
C VAL C 522 22.17 -21.81 8.43
N LEU C 523 23.01 -22.01 9.43
CA LEU C 523 23.81 -23.22 9.57
C LEU C 523 23.30 -24.03 10.76
N LEU C 524 23.20 -25.33 10.58
CA LEU C 524 22.75 -26.24 11.63
C LEU C 524 23.87 -27.20 11.98
N PHE C 525 24.25 -27.22 13.25
CA PHE C 525 25.29 -28.10 13.77
C PHE C 525 24.68 -29.05 14.80
N SER C 526 25.20 -30.27 14.85
CA SER C 526 24.96 -31.17 15.96
C SER C 526 26.21 -31.25 16.82
N LEU C 527 26.04 -31.04 18.13
CA LEU C 527 27.17 -30.86 19.03
C LEU C 527 27.42 -32.13 19.82
N PRO C 528 28.65 -32.64 19.83
CA PRO C 528 28.98 -33.74 20.75
C PRO C 528 29.24 -33.22 22.16
N HIS C 529 29.13 -34.12 23.12
CA HIS C 529 29.66 -33.87 24.44
C HIS C 529 31.19 -33.74 24.37
N PRO C 530 31.77 -32.79 25.13
CA PRO C 530 33.21 -32.54 25.00
C PRO C 530 34.09 -33.75 25.28
N GLU C 531 33.76 -34.55 26.30
CA GLU C 531 34.58 -35.70 26.66
C GLU C 531 34.73 -36.68 25.52
N ALA C 532 33.69 -36.83 24.70
CA ALA C 532 33.75 -37.74 23.56
C ALA C 532 34.69 -37.23 22.47
N LEU C 533 34.78 -35.92 22.26
CA LEU C 533 35.79 -35.36 21.38
C LEU C 533 37.20 -35.55 21.94
N LEU C 534 37.41 -35.17 23.21
CA LEU C 534 38.73 -35.27 23.80
C LEU C 534 39.23 -36.70 23.88
N ALA C 535 38.33 -37.68 23.96
CA ALA C 535 38.76 -39.07 23.87
C ALA C 535 39.30 -39.39 22.49
N GLN C 536 38.78 -38.76 21.45
CA GLN C 536 39.30 -38.95 20.10
C GLN C 536 40.52 -38.08 19.84
N GLN C 537 40.51 -36.87 20.41
CA GLN C 537 41.60 -35.92 20.21
C GLN C 537 42.93 -36.50 20.68
N PRO C 538 44.05 -36.09 20.05
CA PRO C 538 45.36 -36.45 20.59
C PRO C 538 45.54 -35.92 21.99
N PRO C 539 46.34 -36.60 22.81
CA PRO C 539 46.51 -36.15 24.21
C PRO C 539 47.30 -34.87 24.35
N ASP C 540 48.23 -34.57 23.43
CA ASP C 540 49.09 -33.40 23.52
C ASP C 540 48.53 -32.18 22.79
N ALA C 541 47.26 -32.19 22.43
CA ALA C 541 46.67 -31.18 21.56
C ALA C 541 46.68 -29.80 22.21
N VAL C 542 46.55 -28.78 21.35
CA VAL C 542 46.44 -27.40 21.79
C VAL C 542 45.19 -27.22 22.64
N LYS C 543 45.33 -26.44 23.72
CA LYS C 543 44.36 -26.39 24.80
C LYS C 543 43.09 -25.61 24.44
N PRO C 544 43.17 -24.49 23.70
CA PRO C 544 41.97 -24.05 22.97
C PRO C 544 41.66 -25.03 21.85
N ALA C 545 40.64 -25.86 22.04
CA ALA C 545 40.21 -26.82 21.04
C ALA C 545 39.37 -26.13 19.98
N ILE C 546 39.99 -25.74 18.87
CA ILE C 546 39.29 -25.11 17.76
C ILE C 546 39.13 -26.15 16.66
N TYR C 547 37.89 -26.35 16.21
CA TYR C 547 37.59 -27.33 15.19
C TYR C 547 37.03 -26.64 13.95
N LYS C 548 37.29 -27.25 12.79
CA LYS C 548 36.53 -26.99 11.58
C LYS C 548 35.56 -28.13 11.39
N VAL C 549 34.28 -27.81 11.19
CA VAL C 549 33.20 -28.77 11.34
C VAL C 549 32.28 -28.67 10.14
N GLN C 550 31.85 -29.82 9.63
CA GLN C 550 30.84 -29.85 8.58
C GLN C 550 29.47 -29.61 9.20
N CYS C 551 28.68 -28.75 8.54
CA CYS C 551 27.30 -28.56 8.94
C CYS C 551 26.51 -29.86 8.81
N VAL C 552 25.51 -30.02 9.67
CA VAL C 552 24.44 -30.96 9.39
C VAL C 552 23.71 -30.54 8.12
N ALA C 553 23.33 -29.27 8.04
CA ALA C 553 22.71 -28.69 6.86
C ALA C 553 23.08 -27.22 6.79
N THR C 554 23.15 -26.68 5.58
CA THR C 554 23.09 -25.24 5.36
C THR C 554 21.70 -24.87 4.85
N LEU C 555 21.09 -23.89 5.50
CA LEU C 555 19.72 -23.48 5.23
C LEU C 555 19.75 -22.11 4.56
N GLN C 556 19.22 -22.03 3.35
CA GLN C 556 19.33 -20.80 2.59
C GLN C 556 18.15 -20.67 1.63
N VAL C 557 17.84 -19.43 1.29
CA VAL C 557 16.70 -19.10 0.44
C VAL C 557 17.06 -19.31 -1.02
N GLY C 558 16.19 -20.01 -1.74
CA GLY C 558 16.47 -20.34 -3.12
C GLY C 558 15.57 -21.46 -3.60
N SER C 559 15.90 -21.96 -4.79
CA SER C 559 15.16 -23.06 -5.40
C SER C 559 16.12 -23.88 -6.25
N MET C 560 15.72 -25.14 -6.49
CA MET C 560 16.50 -26.01 -7.35
C MET C 560 16.73 -25.37 -8.72
N GLN C 561 18.00 -25.38 -9.15
CA GLN C 561 18.45 -24.83 -10.42
C GLN C 561 18.19 -23.34 -10.58
N ALA C 562 17.70 -22.66 -9.54
CA ALA C 562 17.51 -21.21 -9.59
C ALA C 562 18.85 -20.55 -9.25
N THR C 563 19.63 -20.25 -10.29
CA THR C 563 20.92 -19.59 -10.11
C THR C 563 20.77 -18.15 -9.64
N ASP C 564 19.64 -17.51 -9.89
CA ASP C 564 19.39 -16.12 -9.49
C ASP C 564 19.54 -15.93 -7.99
N PRO C 565 20.58 -15.20 -7.55
CA PRO C 565 20.83 -15.06 -6.12
C PRO C 565 19.73 -14.27 -5.42
N SER C 566 19.32 -14.74 -4.25
CA SER C 566 18.20 -14.13 -3.54
C SER C 566 18.56 -12.73 -3.06
N GLU C 567 17.56 -11.85 -3.08
CA GLU C 567 17.68 -10.50 -2.57
C GLU C 567 17.61 -10.41 -1.04
N CYS C 568 17.37 -11.52 -0.36
CA CYS C 568 17.01 -11.50 1.06
C CYS C 568 18.10 -10.87 1.93
N GLY C 569 19.35 -10.89 1.50
CA GLY C 569 20.42 -10.31 2.30
C GLY C 569 20.79 -11.14 3.52
N GLN C 570 21.28 -10.44 4.54
CA GLN C 570 21.70 -11.09 5.78
C GLN C 570 20.54 -11.74 6.52
N CYS C 571 20.81 -12.90 7.11
CA CYS C 571 19.91 -13.52 8.06
C CYS C 571 20.07 -12.88 9.43
N LEU C 572 18.96 -12.40 10.01
CA LEU C 572 19.04 -11.58 11.21
C LEU C 572 18.51 -12.26 12.47
N SER C 573 17.58 -13.21 12.36
CA SER C 573 16.97 -13.77 13.57
C SER C 573 16.41 -15.15 13.27
N LEU C 574 16.29 -15.97 14.32
CA LEU C 574 15.85 -17.35 14.20
C LEU C 574 14.72 -17.63 15.19
N ALA C 575 13.91 -18.63 14.86
CA ALA C 575 13.06 -19.29 15.84
C ALA C 575 12.86 -20.74 15.44
N TRP C 576 13.17 -21.67 16.35
CA TRP C 576 12.70 -23.05 16.20
C TRP C 576 11.22 -23.16 16.53
N MET C 577 10.57 -24.14 15.91
CA MET C 577 9.21 -24.49 16.25
C MET C 577 9.15 -25.00 17.69
N PRO C 578 8.41 -24.33 18.59
CA PRO C 578 8.57 -24.62 20.03
C PRO C 578 8.08 -25.99 20.42
N THR C 579 7.31 -26.66 19.58
CA THR C 579 6.56 -27.85 19.95
C THR C 579 6.98 -29.06 19.13
N ARG C 580 6.91 -30.21 19.78
CA ARG C 580 7.28 -31.50 19.22
C ARG C 580 6.70 -31.65 17.81
N PRO C 581 7.47 -32.20 16.85
CA PRO C 581 8.87 -32.60 16.91
C PRO C 581 9.87 -31.50 16.54
N HIS C 582 9.52 -30.23 16.73
CA HIS C 582 10.41 -29.11 16.40
C HIS C 582 10.83 -29.10 14.93
N GLN C 583 9.99 -29.63 14.04
CA GLN C 583 10.45 -29.94 12.69
C GLN C 583 10.64 -28.71 11.81
N HIS C 584 10.09 -27.56 12.16
CA HIS C 584 10.27 -26.32 11.41
C HIS C 584 11.24 -25.38 12.11
N LEU C 585 12.07 -24.71 11.32
CA LEU C 585 12.92 -23.61 11.77
C LEU C 585 12.61 -22.39 10.92
N ALA C 586 12.46 -21.23 11.55
CA ALA C 586 12.18 -19.97 10.87
C ALA C 586 13.39 -19.05 10.97
N ALA C 587 13.56 -18.21 9.95
CA ALA C 587 14.51 -17.10 10.02
C ALA C 587 13.91 -15.82 9.48
N GLY C 588 14.36 -14.70 10.02
CA GLY C 588 14.05 -13.38 9.51
C GLY C 588 15.21 -12.79 8.74
N TYR C 589 14.91 -12.08 7.65
CA TYR C 589 15.93 -11.61 6.73
C TYR C 589 15.90 -10.09 6.62
N TYR C 590 17.03 -9.53 6.16
CA TYR C 590 17.12 -8.09 5.96
C TYR C 590 16.08 -7.53 5.01
N ASN C 591 15.71 -8.29 3.98
CA ASN C 591 14.64 -7.77 3.12
C ASN C 591 13.26 -7.80 3.78
N GLY C 592 13.14 -8.34 4.99
CA GLY C 592 11.87 -8.40 5.69
C GLY C 592 11.07 -9.67 5.51
N MET C 593 11.56 -10.62 4.71
CA MET C 593 10.90 -11.91 4.62
C MET C 593 11.14 -12.75 5.86
N VAL C 594 10.14 -13.56 6.21
CA VAL C 594 10.28 -14.65 7.15
C VAL C 594 10.24 -15.96 6.39
N VAL C 595 11.21 -16.82 6.66
CA VAL C 595 11.53 -17.97 5.83
C VAL C 595 11.50 -19.21 6.71
N PHE C 596 10.86 -20.27 6.22
CA PHE C 596 10.65 -21.49 7.01
C PHE C 596 11.24 -22.68 6.26
N TRP C 597 12.00 -23.51 6.96
CA TRP C 597 12.55 -24.74 6.42
C TRP C 597 11.96 -25.95 7.14
N ASN C 598 11.63 -26.97 6.38
CA ASN C 598 11.06 -28.21 6.90
C ASN C 598 12.21 -29.21 7.09
N LEU C 599 12.82 -29.18 8.27
CA LEU C 599 14.11 -29.83 8.48
C LEU C 599 14.16 -31.32 8.10
N PRO C 600 13.13 -32.14 8.35
CA PRO C 600 13.22 -33.55 7.95
C PRO C 600 13.05 -33.82 6.47
N THR C 601 12.79 -32.81 5.65
CA THR C 601 12.18 -33.01 4.33
C THR C 601 13.04 -33.91 3.43
N ASN C 602 12.44 -35.01 2.98
CA ASN C 602 13.03 -35.87 1.96
C ASN C 602 12.88 -35.29 0.55
N SER C 603 11.97 -34.34 0.34
CA SER C 603 11.52 -33.99 -0.99
C SER C 603 12.66 -33.47 -1.86
N PRO C 604 12.83 -34.01 -3.08
CA PRO C 604 13.89 -33.52 -3.98
C PRO C 604 13.75 -32.05 -4.37
N LEU C 605 12.62 -31.41 -4.10
CA LEU C 605 12.47 -29.99 -4.39
C LEU C 605 12.96 -29.09 -3.26
N GLN C 606 13.16 -29.64 -2.07
CA GLN C 606 13.65 -28.87 -0.94
C GLN C 606 15.03 -29.28 -0.47
N ARG C 607 15.39 -30.56 -0.59
CA ARG C 607 16.65 -31.08 -0.08
C ARG C 607 17.56 -31.45 -1.26
N ILE C 608 18.83 -31.06 -1.16
CA ILE C 608 19.89 -31.62 -1.98
C ILE C 608 21.07 -31.94 -1.08
N ARG C 609 21.78 -33.02 -1.40
CA ARG C 609 22.96 -33.44 -0.65
C ARG C 609 24.22 -33.04 -1.40
N LEU C 610 25.09 -32.28 -0.73
CA LEU C 610 26.33 -31.84 -1.33
C LEU C 610 27.34 -32.99 -1.43
N SER C 611 28.38 -32.78 -2.23
CA SER C 611 29.38 -33.82 -2.45
C SER C 611 30.12 -34.18 -1.17
N ASP C 612 30.21 -33.25 -0.22
CA ASP C 612 30.76 -33.57 1.09
C ASP C 612 29.78 -34.33 1.98
N GLY C 613 28.53 -34.46 1.57
CA GLY C 613 27.52 -35.14 2.34
C GLY C 613 26.65 -34.26 3.21
N SER C 614 26.94 -32.96 3.31
CA SER C 614 26.05 -32.08 4.05
C SER C 614 24.84 -31.74 3.19
N LEU C 615 23.75 -31.37 3.85
CA LEU C 615 22.55 -30.97 3.15
C LEU C 615 22.58 -29.48 2.84
N LYS C 616 21.96 -29.11 1.73
CA LYS C 616 21.43 -27.76 1.53
C LYS C 616 19.91 -27.86 1.49
N LEU C 617 19.24 -27.08 2.32
CA LEU C 617 17.78 -27.08 2.38
C LEU C 617 17.24 -25.74 1.88
N TYR C 618 16.33 -25.82 0.92
CA TYR C 618 15.55 -24.67 0.49
C TYR C 618 14.24 -24.58 1.24
N PRO C 619 13.70 -23.38 1.44
CA PRO C 619 12.49 -23.23 2.25
C PRO C 619 11.25 -23.78 1.57
N PHE C 620 10.30 -24.20 2.40
CA PHE C 620 8.98 -24.57 1.90
C PHE C 620 8.01 -23.40 1.87
N GLN C 621 8.19 -22.40 2.73
CA GLN C 621 7.32 -21.24 2.77
C GLN C 621 8.14 -19.99 3.08
N CYS C 622 7.82 -18.90 2.39
CA CYS C 622 8.33 -17.56 2.69
C CYS C 622 7.23 -16.54 2.50
N PHE C 623 7.20 -15.51 3.35
CA PHE C 623 6.30 -14.39 3.12
C PHE C 623 6.95 -13.10 3.60
N LEU C 624 6.56 -12.00 2.96
CA LEU C 624 7.11 -10.67 3.20
C LEU C 624 6.46 -10.07 4.45
N ALA C 625 7.00 -10.45 5.61
CA ALA C 625 6.40 -10.03 6.87
C ALA C 625 6.48 -8.52 7.08
N HIS C 626 7.66 -7.93 6.85
CA HIS C 626 7.89 -6.52 7.13
C HIS C 626 8.36 -5.76 5.91
N ASP C 627 8.06 -4.47 5.89
CA ASP C 627 8.51 -3.54 4.86
C ASP C 627 9.92 -3.01 5.14
N GLN C 628 10.61 -3.65 6.07
CA GLN C 628 11.95 -3.26 6.51
C GLN C 628 12.54 -4.49 7.19
N ALA C 629 13.84 -4.46 7.45
CA ALA C 629 14.52 -5.57 8.13
C ALA C 629 13.72 -6.06 9.34
N VAL C 630 13.44 -7.37 9.34
CA VAL C 630 12.75 -8.02 10.46
C VAL C 630 13.79 -8.45 11.48
N ARG C 631 13.90 -7.68 12.56
CA ARG C 631 15.00 -7.83 13.50
C ARG C 631 14.82 -8.95 14.51
N THR C 632 13.58 -9.40 14.78
CA THR C 632 13.38 -10.36 15.86
C THR C 632 12.10 -11.17 15.64
N LEU C 633 12.17 -12.46 15.98
CA LEU C 633 11.05 -13.38 15.91
C LEU C 633 10.83 -14.01 17.28
N GLN C 634 9.57 -14.29 17.61
CA GLN C 634 9.23 -15.26 18.64
C GLN C 634 8.10 -16.15 18.16
N TRP C 635 8.27 -17.46 18.31
CA TRP C 635 7.27 -18.43 17.90
C TRP C 635 6.47 -18.87 19.10
N CYS C 636 5.15 -18.92 18.96
CA CYS C 636 4.26 -19.20 20.09
C CYS C 636 4.44 -20.62 20.61
N LYS C 637 4.59 -20.74 21.91
CA LYS C 637 4.73 -22.06 22.53
C LYS C 637 3.37 -22.74 22.69
N ALA C 638 2.39 -22.03 23.24
CA ALA C 638 1.09 -22.60 23.56
C ALA C 638 0.34 -23.10 22.33
N ASN C 639 0.52 -22.45 21.18
CA ASN C 639 0.02 -23.01 19.93
C ASN C 639 0.89 -22.49 18.79
N SER C 640 1.64 -23.39 18.17
CA SER C 640 2.63 -23.05 17.16
C SER C 640 2.05 -22.77 15.79
N HIS C 641 0.73 -22.64 15.65
CA HIS C 641 0.20 -22.01 14.44
C HIS C 641 0.52 -20.52 14.39
N PHE C 642 0.88 -19.94 15.52
CA PHE C 642 1.07 -18.50 15.64
C PHE C 642 2.53 -18.14 15.87
N LEU C 643 2.91 -17.00 15.31
CA LEU C 643 4.26 -16.46 15.44
C LEU C 643 4.15 -14.95 15.55
N VAL C 644 5.12 -14.34 16.21
CA VAL C 644 5.23 -12.89 16.21
C VAL C 644 6.58 -12.49 15.63
N SER C 645 6.58 -11.35 14.95
CA SER C 645 7.81 -10.75 14.44
C SER C 645 7.75 -9.25 14.67
N ALA C 646 8.93 -8.66 14.86
CA ALA C 646 9.09 -7.21 14.88
C ALA C 646 10.22 -6.81 13.96
N GLY C 647 10.05 -5.68 13.29
CA GLY C 647 10.99 -5.23 12.29
C GLY C 647 11.29 -3.75 12.44
N SER C 648 12.28 -3.30 11.68
CA SER C 648 12.72 -1.92 11.80
C SER C 648 11.78 -0.93 11.13
N ASP C 649 10.66 -1.39 10.57
CA ASP C 649 9.52 -0.51 10.31
C ASP C 649 8.78 -0.16 11.59
N ARG C 650 9.27 -0.68 12.72
CA ARG C 650 8.74 -0.45 14.07
C ARG C 650 7.25 -0.79 14.15
N LYS C 651 6.89 -1.90 13.51
CA LYS C 651 5.62 -2.59 13.73
C LYS C 651 5.91 -3.93 14.42
N ILE C 652 5.07 -4.29 15.39
CA ILE C 652 4.97 -5.67 15.84
C ILE C 652 3.78 -6.32 15.15
N LYS C 653 4.05 -7.42 14.44
CA LYS C 653 3.03 -8.12 13.66
C LYS C 653 2.88 -9.53 14.21
N PHE C 654 1.67 -9.87 14.63
CA PHE C 654 1.32 -11.23 15.00
C PHE C 654 0.80 -11.96 13.78
N TRP C 655 1.22 -13.22 13.61
CA TRP C 655 0.90 -13.98 12.41
C TRP C 655 0.19 -15.26 12.79
N ASP C 656 -0.71 -15.68 11.91
CA ASP C 656 -1.24 -17.05 11.90
C ASP C 656 -0.62 -17.74 10.68
N LEU C 657 0.23 -18.73 10.93
CA LEU C 657 1.01 -19.32 9.85
C LEU C 657 0.16 -20.18 8.92
N ARG C 658 -1.09 -20.45 9.28
CA ARG C 658 -2.03 -21.04 8.34
C ARG C 658 -2.54 -20.02 7.33
N ARG C 659 -2.47 -18.74 7.66
CA ARG C 659 -3.12 -17.67 6.90
C ARG C 659 -2.20 -16.46 6.83
N PRO C 660 -1.08 -16.59 6.11
CA PRO C 660 -0.02 -15.57 6.20
C PRO C 660 -0.30 -14.29 5.44
N TYR C 661 -1.38 -14.24 4.67
CA TYR C 661 -1.66 -13.09 3.81
C TYR C 661 -2.00 -11.83 4.61
N GLU C 662 -2.43 -11.96 5.86
CA GLU C 662 -2.74 -10.79 6.68
C GLU C 662 -2.39 -11.15 8.12
N PRO C 663 -1.71 -10.27 8.83
CA PRO C 663 -1.43 -10.52 10.25
C PRO C 663 -2.68 -10.50 11.11
N ILE C 664 -2.65 -11.31 12.16
CA ILE C 664 -3.69 -11.26 13.20
C ILE C 664 -3.84 -9.85 13.75
N ASN C 665 -2.71 -9.19 14.00
CA ASN C 665 -2.70 -7.85 14.58
C ASN C 665 -1.36 -7.21 14.27
N SER C 666 -1.39 -6.01 13.73
CA SER C 666 -0.22 -5.15 13.64
C SER C 666 -0.39 -3.96 14.58
N ILE C 667 0.57 -3.79 15.49
CA ILE C 667 0.65 -2.63 16.36
C ILE C 667 1.90 -1.86 15.97
N LYS C 668 1.73 -0.63 15.51
CA LYS C 668 2.85 0.27 15.29
C LYS C 668 3.35 0.81 16.62
N ARG C 669 4.66 0.76 16.80
CA ARG C 669 5.30 1.05 18.07
C ARG C 669 6.60 1.78 17.77
N PHE C 670 7.45 1.91 18.78
CA PHE C 670 8.81 2.38 18.59
C PHE C 670 9.70 1.27 18.04
N LEU C 671 10.87 1.66 17.55
CA LEU C 671 11.81 0.70 16.99
C LEU C 671 12.21 -0.30 18.08
N SER C 672 12.19 -1.59 17.74
CA SER C 672 12.40 -2.63 18.73
C SER C 672 13.52 -3.58 18.34
N THR C 673 14.25 -4.04 19.35
CA THR C 673 15.47 -4.83 19.20
C THR C 673 15.26 -6.31 19.41
N GLU C 674 14.45 -6.69 20.41
CA GLU C 674 14.17 -8.08 20.70
C GLU C 674 12.81 -8.22 21.35
N LEU C 675 12.21 -9.39 21.19
CA LEU C 675 10.92 -9.75 21.77
C LEU C 675 11.08 -10.97 22.67
N ALA C 676 10.24 -11.04 23.70
CA ALA C 676 10.11 -12.24 24.52
C ALA C 676 8.64 -12.59 24.64
N TRP C 677 8.31 -13.87 24.41
CA TRP C 677 6.96 -14.39 24.56
C TRP C 677 6.97 -15.44 25.67
N LEU C 678 6.63 -15.01 26.88
CA LEU C 678 6.52 -15.93 28.00
C LEU C 678 5.30 -16.83 27.80
N LEU C 679 5.51 -18.14 27.97
CA LEU C 679 4.46 -19.15 27.76
C LEU C 679 3.09 -18.76 28.30
N PRO C 680 2.91 -18.36 29.57
CA PRO C 680 1.56 -18.28 30.11
C PRO C 680 0.79 -17.04 29.67
N TYR C 681 1.44 -16.05 29.06
CA TYR C 681 0.80 -14.77 28.79
C TYR C 681 0.57 -14.62 27.28
N ASN C 682 -0.63 -14.15 26.93
CA ASN C 682 -1.02 -14.07 25.53
C ASN C 682 -0.21 -13.04 24.75
N GLY C 683 0.32 -12.02 25.41
CA GLY C 683 1.07 -10.97 24.75
C GLY C 683 2.56 -11.18 24.76
N VAL C 684 3.28 -10.13 24.33
CA VAL C 684 4.72 -10.14 24.14
C VAL C 684 5.29 -8.90 24.82
N THR C 685 6.47 -9.04 25.42
CA THR C 685 7.19 -7.93 26.03
C THR C 685 8.29 -7.46 25.08
N VAL C 686 8.40 -6.15 24.91
CA VAL C 686 9.18 -5.55 23.83
C VAL C 686 10.29 -4.69 24.41
N ALA C 687 11.47 -4.78 23.83
CA ALA C 687 12.60 -3.90 24.12
C ALA C 687 12.76 -2.90 22.98
N GLN C 688 12.93 -1.63 23.34
CA GLN C 688 12.94 -0.53 22.37
C GLN C 688 14.36 0.00 22.15
N ASP C 689 14.64 0.38 20.91
CA ASP C 689 15.61 1.42 20.61
C ASP C 689 14.96 2.77 20.85
N ASN C 690 15.64 3.63 21.60
CA ASN C 690 15.06 4.87 22.13
C ASN C 690 14.89 5.97 21.08
N CYS C 691 15.43 5.79 19.87
CA CYS C 691 15.56 6.88 18.92
C CYS C 691 14.23 7.50 18.49
N TYR C 692 13.10 6.85 18.74
CA TYR C 692 11.80 7.44 18.41
C TYR C 692 10.85 7.59 19.59
N ALA C 693 11.24 7.16 20.78
CA ALA C 693 10.38 7.28 21.94
C ALA C 693 10.43 8.69 22.52
N SER C 694 9.30 9.14 23.06
CA SER C 694 9.27 10.39 23.80
C SER C 694 10.18 10.29 25.02
N TYR C 695 10.95 11.35 25.25
CA TYR C 695 11.89 11.36 26.36
C TYR C 695 11.17 11.16 27.68
N GLY C 696 11.63 10.19 28.47
CA GLY C 696 10.98 9.80 29.69
C GLY C 696 9.94 8.71 29.56
N LEU C 697 9.56 8.34 28.34
CA LEU C 697 8.62 7.25 28.09
C LEU C 697 9.26 6.07 27.39
N CYS C 698 10.55 6.12 27.10
CA CYS C 698 11.24 4.97 26.56
C CYS C 698 11.46 3.91 27.63
N GLY C 699 11.49 2.66 27.21
CA GLY C 699 11.77 1.58 28.12
C GLY C 699 11.39 0.20 27.63
N ILE C 700 10.64 -0.54 28.44
CA ILE C 700 10.24 -1.90 28.12
C ILE C 700 8.73 -2.00 28.33
N HIS C 701 8.03 -2.56 27.34
CA HIS C 701 6.57 -2.62 27.36
C HIS C 701 6.14 -4.06 27.13
N TYR C 702 5.12 -4.48 27.88
CA TYR C 702 4.37 -5.68 27.55
C TYR C 702 3.13 -5.27 26.76
N ILE C 703 2.84 -6.01 25.68
CA ILE C 703 1.75 -5.67 24.77
C ILE C 703 0.89 -6.90 24.56
N ASP C 704 -0.38 -6.81 24.96
CA ASP C 704 -1.33 -7.89 24.71
C ASP C 704 -1.56 -8.07 23.22
N ALA C 705 -1.69 -9.33 22.79
CA ALA C 705 -1.94 -9.62 21.38
C ALA C 705 -3.29 -9.11 20.90
N GLY C 706 -4.24 -8.87 21.79
CA GLY C 706 -5.34 -7.99 21.45
C GLY C 706 -6.72 -8.37 21.97
N TYR C 707 -6.94 -9.65 22.29
CA TYR C 707 -8.29 -10.05 22.70
C TYR C 707 -8.65 -9.46 24.06
N LEU C 708 -7.71 -9.47 25.00
CA LEU C 708 -7.97 -8.86 26.30
C LEU C 708 -7.99 -7.35 26.20
N GLY C 709 -7.25 -6.78 25.26
CA GLY C 709 -7.43 -5.39 24.88
C GLY C 709 -6.82 -4.41 25.84
N PHE C 710 -5.99 -4.88 26.77
CA PHE C 710 -5.30 -4.00 27.70
C PHE C 710 -4.38 -3.04 26.95
N LYS C 711 -4.19 -1.86 27.53
CA LYS C 711 -3.11 -0.99 27.10
C LYS C 711 -1.75 -1.65 27.35
N ALA C 712 -0.74 -1.15 26.64
CA ALA C 712 0.62 -1.60 26.91
C ALA C 712 0.98 -1.31 28.37
N TYR C 713 1.69 -2.26 28.98
CA TYR C 713 2.11 -2.13 30.37
C TYR C 713 3.58 -1.74 30.41
N PHE C 714 3.87 -0.60 31.03
CA PHE C 714 5.21 -0.01 31.05
C PHE C 714 6.01 -0.69 32.16
N THR C 715 6.57 -1.85 31.85
CA THR C 715 7.19 -2.66 32.89
C THR C 715 8.49 -2.05 33.43
N ALA C 716 9.18 -1.23 32.63
CA ALA C 716 10.39 -0.58 33.11
C ALA C 716 10.76 0.63 32.25
N PRO C 717 10.88 1.82 32.83
CA PRO C 717 11.56 2.92 32.14
C PRO C 717 13.05 2.66 32.03
N ARG C 718 13.60 2.92 30.84
CA ARG C 718 15.04 2.88 30.63
C ARG C 718 15.45 4.12 29.86
N LYS C 719 16.62 4.67 30.19
CA LYS C 719 17.14 5.81 29.43
C LYS C 719 17.72 5.36 28.09
N GLY C 720 18.61 4.37 28.12
CA GLY C 720 19.24 3.89 26.91
C GLY C 720 18.37 2.92 26.14
N THR C 721 18.88 2.51 24.99
CA THR C 721 18.27 1.42 24.25
C THR C 721 18.51 0.10 24.98
N VAL C 722 17.44 -0.67 25.17
CA VAL C 722 17.55 -2.04 25.64
C VAL C 722 17.96 -2.91 24.46
N TRP C 723 19.19 -3.44 24.52
CA TRP C 723 19.69 -4.22 23.39
C TRP C 723 19.11 -5.62 23.32
N SER C 724 18.85 -6.25 24.47
CA SER C 724 18.44 -7.64 24.45
C SER C 724 17.60 -7.97 25.66
N LEU C 725 16.74 -8.98 25.50
CA LEU C 725 15.66 -9.26 26.41
C LEU C 725 15.52 -10.77 26.52
N SER C 726 15.26 -11.27 27.71
CA SER C 726 14.97 -12.70 27.87
C SER C 726 13.91 -12.92 28.94
N GLY C 727 12.87 -13.68 28.59
CA GLY C 727 11.85 -14.07 29.53
C GLY C 727 12.11 -15.47 30.05
N SER C 728 12.20 -15.59 31.37
CA SER C 728 12.25 -16.90 32.01
C SER C 728 10.83 -17.45 32.12
N ASP C 729 10.55 -18.53 31.37
CA ASP C 729 9.28 -19.22 31.53
C ASP C 729 9.10 -19.77 32.94
N TRP C 730 10.17 -20.35 33.50
CA TRP C 730 10.10 -20.91 34.85
C TRP C 730 9.81 -19.85 35.90
N LEU C 731 10.39 -18.66 35.73
CA LEU C 731 10.19 -17.59 36.71
C LEU C 731 9.08 -16.61 36.34
N GLY C 732 8.65 -16.58 35.09
CA GLY C 732 7.76 -15.51 34.67
C GLY C 732 8.36 -14.12 34.78
N THR C 733 9.67 -14.04 35.00
CA THR C 733 10.37 -12.77 35.08
C THR C 733 11.13 -12.52 33.79
N ILE C 734 11.47 -11.24 33.57
CA ILE C 734 12.15 -10.82 32.36
C ILE C 734 13.41 -10.04 32.73
N ALA C 735 14.45 -10.19 31.92
CA ALA C 735 15.71 -9.49 32.12
C ALA C 735 16.20 -8.83 30.84
N ALA C 736 16.84 -7.67 30.98
CA ALA C 736 17.05 -6.77 29.86
C ALA C 736 18.34 -5.97 30.07
N GLY C 737 19.12 -5.86 28.99
CA GLY C 737 20.41 -5.19 29.03
C GLY C 737 20.39 -3.87 28.28
N ASP C 738 21.06 -2.87 28.83
CA ASP C 738 20.97 -1.49 28.39
C ASP C 738 22.35 -1.00 27.97
N ILE C 739 22.39 -0.08 26.99
CA ILE C 739 23.63 0.63 26.68
C ILE C 739 24.15 1.42 27.87
N SER C 740 23.30 1.74 28.84
CA SER C 740 23.78 2.25 30.13
C SER C 740 24.67 1.26 30.85
N GLY C 741 24.75 0.03 30.39
CA GLY C 741 25.53 -0.99 31.06
C GLY C 741 24.87 -1.57 32.27
N GLU C 742 23.57 -1.35 32.43
CA GLU C 742 22.80 -1.88 33.54
C GLU C 742 22.00 -3.10 33.09
N LEU C 743 21.96 -4.12 33.93
CA LEU C 743 21.08 -5.26 33.77
C LEU C 743 20.01 -5.19 34.84
N ILE C 744 18.75 -5.12 34.43
CA ILE C 744 17.63 -5.19 35.36
C ILE C 744 16.84 -6.47 35.12
N ALA C 745 16.09 -6.86 36.14
CA ALA C 745 15.04 -7.85 36.02
C ALA C 745 13.71 -7.24 36.46
N ALA C 746 12.62 -7.78 35.92
CA ALA C 746 11.28 -7.33 36.30
C ALA C 746 10.34 -8.52 36.37
N ILE C 747 9.44 -8.49 37.34
CA ILE C 747 8.38 -9.48 37.46
C ILE C 747 7.13 -8.90 36.82
N LEU C 748 6.57 -9.60 35.84
CA LEU C 748 5.28 -9.19 35.31
C LEU C 748 4.17 -9.65 36.25
N PRO C 749 3.09 -8.87 36.37
CA PRO C 749 1.85 -9.40 36.95
C PRO C 749 1.33 -10.59 36.17
N ASP C 750 0.28 -11.20 36.71
CA ASP C 750 -0.50 -12.17 35.94
C ASP C 750 -1.25 -11.41 34.84
N MET C 751 -0.71 -11.44 33.64
CA MET C 751 -1.25 -10.67 32.50
C MET C 751 -2.55 -11.21 31.96
N ALA C 752 -3.19 -12.20 32.59
CA ALA C 752 -4.61 -12.42 32.38
C ALA C 752 -5.46 -11.34 33.03
N LEU C 753 -4.88 -10.55 33.93
CA LEU C 753 -5.59 -9.55 34.71
C LEU C 753 -5.13 -8.17 34.27
N ASN C 754 -6.04 -7.21 34.29
CA ASN C 754 -5.81 -5.90 33.70
C ASN C 754 -4.64 -5.19 34.39
N PRO C 755 -3.60 -4.81 33.65
CA PRO C 755 -2.43 -4.17 34.29
C PRO C 755 -2.71 -2.82 34.92
N ILE C 756 -3.80 -2.13 34.57
CA ILE C 756 -4.00 -0.78 35.09
C ILE C 756 -4.15 -0.75 36.60
N ASN C 757 -4.48 -1.89 37.22
CA ASN C 757 -4.52 -1.96 38.67
C ASN C 757 -3.14 -2.03 39.31
N VAL C 758 -2.08 -2.24 38.54
CA VAL C 758 -0.72 -2.29 39.07
C VAL C 758 -0.29 -0.88 39.46
N LYS C 759 -0.53 -0.51 40.71
CA LYS C 759 -0.40 0.88 41.15
C LYS C 759 1.01 1.41 41.03
N ARG C 760 2.04 0.59 41.24
CA ARG C 760 3.42 1.05 41.19
C ARG C 760 4.36 -0.05 40.71
N PRO C 761 4.58 -0.15 39.40
CA PRO C 761 5.44 -1.22 38.86
C PRO C 761 6.86 -1.22 39.38
N VAL C 762 7.35 -0.10 39.92
CA VAL C 762 8.72 -0.04 40.41
C VAL C 762 8.97 -1.01 41.57
N GLU C 763 7.94 -1.38 42.31
CA GLU C 763 8.12 -2.42 43.32
C GLU C 763 8.38 -3.80 42.73
N ARG C 764 8.12 -3.99 41.44
CA ARG C 764 8.25 -5.29 40.79
C ARG C 764 9.54 -5.43 39.97
N ARG C 765 10.43 -4.45 40.00
CA ARG C 765 11.68 -4.52 39.25
C ARG C 765 12.86 -4.28 40.17
N PHE C 766 14.02 -4.81 39.77
CA PHE C 766 15.26 -4.61 40.51
C PHE C 766 16.44 -4.71 39.56
N PRO C 767 17.55 -4.01 39.85
CA PRO C 767 18.77 -4.18 39.08
C PRO C 767 19.55 -5.42 39.49
N ILE C 768 20.16 -6.08 38.51
CA ILE C 768 21.12 -7.15 38.81
C ILE C 768 22.53 -6.60 38.96
N TYR C 769 23.01 -5.83 38.00
CA TYR C 769 24.26 -5.09 38.17
C TYR C 769 24.24 -3.88 37.25
N LYS C 770 25.14 -2.93 37.53
CA LYS C 770 25.48 -1.88 36.57
C LYS C 770 26.98 -1.81 36.41
N ALA C 771 27.44 -1.76 35.16
CA ALA C 771 28.84 -1.49 34.84
C ALA C 771 29.06 0.01 34.65
N ASP C 772 30.00 0.58 35.40
CA ASP C 772 30.46 1.94 35.18
C ASP C 772 31.90 1.93 34.66
N LEU C 773 32.17 2.78 33.67
CA LEU C 773 33.54 3.16 33.36
C LEU C 773 34.03 4.18 34.38
N ILE C 774 35.14 3.87 35.04
CA ILE C 774 35.81 4.77 35.96
C ILE C 774 37.12 5.21 35.31
N PRO C 775 37.40 6.51 35.22
CA PRO C 775 38.64 6.95 34.58
C PRO C 775 39.86 6.54 35.40
N TYR C 776 40.96 6.29 34.70
CA TYR C 776 42.06 5.51 35.25
C TYR C 776 43.41 6.12 34.89
N ARG C 799 36.96 7.29 21.32
CA ARG C 799 35.90 6.63 20.57
C ARG C 799 36.40 5.35 19.92
N THR C 800 37.47 4.80 20.49
CA THR C 800 38.03 3.53 20.05
C THR C 800 38.48 2.74 21.27
N TYR C 801 38.65 1.45 21.08
CA TYR C 801 38.79 0.52 22.20
C TYR C 801 40.06 0.79 22.99
N THR C 802 41.21 0.86 22.31
CA THR C 802 42.47 1.04 23.03
C THR C 802 42.52 2.38 23.75
N GLU C 803 42.08 3.46 23.10
CA GLU C 803 42.01 4.75 23.79
C GLU C 803 41.06 4.73 24.98
N THR C 804 40.02 3.90 24.94
CA THR C 804 39.15 3.75 26.10
C THR C 804 39.76 2.85 27.16
N VAL C 805 40.27 1.69 26.76
CA VAL C 805 40.81 0.73 27.72
C VAL C 805 42.06 1.27 28.41
N ASN C 806 42.88 2.03 27.69
CA ASN C 806 44.07 2.62 28.31
C ASN C 806 43.73 3.62 29.41
N HIS C 807 42.51 4.15 29.43
CA HIS C 807 42.18 5.26 30.30
C HIS C 807 40.97 5.01 31.19
N HIS C 808 40.38 3.82 31.16
CA HIS C 808 39.22 3.52 31.99
C HIS C 808 39.29 2.07 32.47
N TYR C 809 38.54 1.78 33.54
CA TYR C 809 38.24 0.42 33.94
C TYR C 809 36.75 0.28 34.24
N LEU C 810 36.26 -0.96 34.15
CA LEU C 810 34.85 -1.27 34.39
C LEU C 810 34.62 -1.56 35.86
N LEU C 811 33.82 -0.71 36.52
CA LEU C 811 33.32 -0.97 37.86
C LEU C 811 31.97 -1.68 37.73
N PHE C 812 31.94 -2.98 37.97
CA PHE C 812 30.70 -3.74 38.05
C PHE C 812 30.14 -3.64 39.47
N GLN C 813 28.98 -3.00 39.60
CA GLN C 813 28.26 -2.88 40.86
C GLN C 813 27.16 -3.92 40.93
N ASP C 814 27.42 -5.03 41.63
CA ASP C 814 26.44 -6.10 41.76
C ASP C 814 25.53 -5.83 42.96
N THR C 815 24.28 -6.26 42.82
CA THR C 815 23.31 -6.20 43.91
C THR C 815 23.33 -7.48 44.74
N ASP C 816 22.78 -7.38 45.94
CA ASP C 816 22.52 -8.54 46.80
C ASP C 816 21.19 -9.17 46.40
N LEU C 817 21.25 -10.14 45.50
CA LEU C 817 20.06 -10.86 45.05
C LEU C 817 19.58 -11.89 46.07
N GLY C 818 20.23 -11.99 47.23
CA GLY C 818 19.80 -12.96 48.23
C GLY C 818 18.42 -12.67 48.80
N SER C 819 18.04 -11.41 48.90
CA SER C 819 16.67 -11.08 49.25
C SER C 819 16.35 -9.67 48.80
N PHE C 820 15.05 -9.38 48.73
CA PHE C 820 14.55 -8.08 48.32
C PHE C 820 13.94 -7.28 49.48
N HIS C 821 14.35 -7.59 50.71
CA HIS C 821 13.94 -6.79 51.86
C HIS C 821 14.34 -5.33 51.72
N ASP C 822 13.44 -4.43 52.12
CA ASP C 822 13.67 -2.99 52.11
C ASP C 822 14.17 -2.49 50.75
N LEU C 823 13.75 -3.17 49.69
CA LEU C 823 14.35 -3.00 48.37
C LEU C 823 14.45 -1.53 47.97
N LEU C 824 13.34 -0.81 48.05
CA LEU C 824 13.25 0.58 47.59
C LEU C 824 14.11 1.55 48.41
N ARG C 825 14.74 1.11 49.49
CA ARG C 825 15.64 1.96 50.24
C ARG C 825 17.11 1.52 50.12
N ARG C 826 17.38 0.41 49.46
CA ARG C 826 18.74 -0.04 49.26
C ARG C 826 19.39 0.74 48.13
N GLU C 827 20.69 1.02 48.27
CA GLU C 827 21.39 1.91 47.35
C GLU C 827 21.26 1.53 45.88
N PRO C 828 21.33 0.26 45.47
CA PRO C 828 21.18 -0.05 44.03
C PRO C 828 19.84 0.37 43.44
N MET C 829 18.76 0.34 44.23
CA MET C 829 17.48 0.83 43.72
C MET C 829 17.46 2.35 43.60
N LEU C 830 18.00 3.05 44.60
CA LEU C 830 18.16 4.49 44.47
C LEU C 830 19.05 4.84 43.28
N ARG C 831 20.18 4.15 43.15
CA ARG C 831 21.06 4.35 41.99
C ARG C 831 20.33 4.11 40.67
N MET C 832 19.55 3.03 40.59
CA MET C 832 18.76 2.77 39.39
C MET C 832 17.67 3.83 39.19
N GLN C 833 16.95 4.18 40.25
CA GLN C 833 15.90 5.19 40.13
C GLN C 833 16.45 6.57 39.78
N GLU C 834 17.66 6.90 40.23
CA GLU C 834 18.30 8.12 39.74
C GLU C 834 18.86 7.97 38.33
N GLY C 835 19.03 6.74 37.85
CA GLY C 835 19.34 6.52 36.45
C GLY C 835 18.12 6.74 35.55
N GLU C 836 17.03 6.04 35.86
CA GLU C 836 15.78 6.21 35.14
C GLU C 836 15.34 7.67 35.09
N GLY C 837 14.76 8.05 33.95
CA GLY C 837 14.27 9.39 33.72
C GLY C 837 15.32 10.47 33.55
N HIS C 838 16.26 10.60 34.49
CA HIS C 838 17.11 11.77 34.56
C HIS C 838 18.45 11.61 33.84
N SER C 839 19.07 10.44 33.89
CA SER C 839 20.44 10.30 33.44
C SER C 839 20.57 10.47 31.93
N GLN C 840 21.70 11.01 31.50
CA GLN C 840 21.95 11.37 30.11
C GLN C 840 22.91 10.37 29.47
N LEU C 841 22.57 9.92 28.27
CA LEU C 841 23.39 8.99 27.52
C LEU C 841 24.71 9.63 27.10
N CYS C 842 25.77 8.82 27.10
CA CYS C 842 27.11 9.25 26.74
C CYS C 842 27.45 8.76 25.34
N LEU C 843 27.91 9.69 24.48
CA LEU C 843 28.20 9.37 23.08
C LEU C 843 29.64 9.60 22.67
N ASP C 844 30.47 10.23 23.51
CA ASP C 844 31.89 10.41 23.20
C ASP C 844 32.76 9.25 23.67
N ARG C 845 32.19 8.05 23.80
CA ARG C 845 32.95 6.86 24.15
C ARG C 845 32.47 5.68 23.33
N LEU C 846 33.24 4.59 23.39
CA LEU C 846 32.91 3.35 22.68
C LEU C 846 31.62 2.68 23.15
N GLN C 847 31.00 3.13 24.24
CA GLN C 847 29.95 2.38 24.94
C GLN C 847 30.47 1.07 25.55
N LEU C 848 31.72 1.08 26.03
CA LEU C 848 32.36 -0.15 26.49
C LEU C 848 31.57 -0.86 27.57
N GLU C 849 30.77 -0.13 28.35
CA GLU C 849 29.93 -0.73 29.39
C GLU C 849 28.67 -1.40 28.87
N ALA C 850 28.29 -1.17 27.61
CA ALA C 850 26.99 -1.61 27.13
C ALA C 850 26.85 -3.13 27.12
N ILE C 851 25.66 -3.60 27.49
CA ILE C 851 25.30 -5.02 27.55
C ILE C 851 24.47 -5.36 26.32
N HIS C 852 24.87 -6.44 25.62
CA HIS C 852 24.32 -6.76 24.31
C HIS C 852 23.41 -7.98 24.29
N LYS C 853 23.62 -8.98 25.15
CA LYS C 853 22.72 -10.12 25.24
C LYS C 853 22.45 -10.47 26.70
N VAL C 854 21.23 -10.95 26.95
CA VAL C 854 20.80 -11.45 28.25
C VAL C 854 19.99 -12.72 28.02
N ARG C 855 20.22 -13.75 28.84
CA ARG C 855 19.54 -15.03 28.66
C ARG C 855 19.33 -15.69 30.02
N PHE C 856 18.07 -15.86 30.40
CA PHE C 856 17.73 -16.78 31.48
C PHE C 856 17.91 -18.22 31.04
N SER C 857 18.26 -19.08 31.99
CA SER C 857 18.36 -20.51 31.71
C SER C 857 16.99 -21.09 31.37
N PRO C 858 16.85 -21.83 30.27
CA PRO C 858 15.60 -22.54 30.02
C PRO C 858 15.48 -23.86 30.77
N ASN C 859 16.54 -24.32 31.42
CA ASN C 859 16.60 -25.62 32.05
C ASN C 859 16.02 -25.51 33.45
N LEU C 860 15.36 -26.58 33.91
CA LEU C 860 14.83 -26.56 35.26
C LEU C 860 15.94 -26.60 36.30
N ASP C 861 16.91 -27.50 36.12
CA ASP C 861 18.21 -27.31 36.75
C ASP C 861 18.83 -26.00 36.28
N SER C 862 19.31 -25.20 37.22
CA SER C 862 19.81 -23.85 36.97
C SER C 862 18.76 -22.85 36.54
N TYR C 863 17.48 -23.16 36.69
CA TYR C 863 16.43 -22.26 36.21
C TYR C 863 16.57 -20.84 36.73
N GLY C 864 17.12 -20.68 37.92
CA GLY C 864 17.34 -19.38 38.52
C GLY C 864 18.60 -18.68 38.10
N TRP C 865 19.32 -19.19 37.11
CA TRP C 865 20.58 -18.61 36.65
C TRP C 865 20.40 -17.77 35.40
N LEU C 866 21.22 -16.73 35.28
CA LEU C 866 21.20 -15.80 34.17
C LEU C 866 22.62 -15.58 33.66
N VAL C 867 22.77 -15.43 32.34
CA VAL C 867 24.04 -15.05 31.74
C VAL C 867 23.85 -13.78 30.89
N SER C 868 24.91 -12.97 30.84
CA SER C 868 24.88 -11.71 30.10
C SER C 868 26.28 -11.36 29.63
N GLY C 869 26.35 -10.58 28.55
CA GLY C 869 27.62 -10.12 28.00
C GLY C 869 27.40 -8.96 27.06
N GLY C 870 28.50 -8.35 26.65
CA GLY C 870 28.38 -7.05 26.00
C GLY C 870 29.63 -6.60 25.27
N GLN C 871 29.73 -5.28 25.09
CA GLN C 871 30.80 -4.67 24.31
C GLN C 871 32.18 -4.94 24.90
N SER C 872 32.26 -5.15 26.21
CA SER C 872 33.53 -5.45 26.84
C SER C 872 34.06 -6.83 26.49
N GLY C 873 33.21 -7.70 25.95
CA GLY C 873 33.55 -9.10 25.79
C GLY C 873 33.68 -9.88 27.08
N LEU C 874 33.41 -9.26 28.21
CA LEU C 874 33.19 -9.98 29.45
C LEU C 874 31.80 -10.59 29.43
N VAL C 875 31.68 -11.80 29.98
CA VAL C 875 30.42 -12.49 30.11
C VAL C 875 30.26 -12.87 31.57
N ARG C 876 29.09 -12.60 32.14
CA ARG C 876 28.89 -12.69 33.57
C ARG C 876 27.64 -13.52 33.86
N ILE C 877 27.74 -14.36 34.88
CA ILE C 877 26.68 -15.28 35.28
C ILE C 877 26.21 -14.89 36.67
N HIS C 878 24.88 -14.87 36.86
CA HIS C 878 24.30 -14.51 38.14
C HIS C 878 23.19 -15.49 38.52
N PHE C 879 23.14 -15.83 39.81
CA PHE C 879 22.04 -16.61 40.38
C PHE C 879 21.09 -15.68 41.13
N VAL C 880 19.85 -15.58 40.65
CA VAL C 880 18.85 -14.72 41.27
C VAL C 880 18.19 -15.46 42.44
N ARG C 881 18.97 -15.65 43.51
CA ARG C 881 18.60 -16.51 44.63
C ARG C 881 17.20 -16.21 45.16
N GLY C 882 16.80 -14.94 45.17
CA GLY C 882 15.50 -14.55 45.67
C GLY C 882 14.31 -15.07 44.88
N LEU C 883 14.49 -15.40 43.61
CA LEU C 883 13.41 -15.98 42.83
C LEU C 883 13.42 -17.51 42.80
N ALA C 884 14.54 -18.14 43.10
CA ALA C 884 14.52 -19.57 43.43
C ALA C 884 13.68 -19.82 44.67
N SER C 885 13.05 -20.98 44.75
CA SER C 885 11.93 -21.16 45.67
C SER C 885 11.78 -22.65 45.98
N PRO C 886 11.08 -22.99 47.06
CA PRO C 886 10.83 -24.40 47.41
C PRO C 886 10.04 -25.20 46.38
N LEU C 887 9.15 -24.55 45.62
CA LEU C 887 8.49 -25.26 44.53
C LEU C 887 9.46 -25.64 43.42
N GLY C 888 10.43 -24.78 43.12
CA GLY C 888 11.43 -25.16 42.14
C GLY C 888 12.30 -26.29 42.65
N HIS C 889 12.65 -26.26 43.94
CA HIS C 889 13.36 -27.36 44.57
C HIS C 889 12.52 -28.65 44.57
N ARG C 890 11.28 -28.55 45.02
CA ARG C 890 10.34 -29.67 44.93
C ARG C 890 10.26 -30.25 43.51
N MET C 891 10.08 -29.38 42.52
CA MET C 891 9.99 -29.85 41.14
C MET C 891 11.31 -30.42 40.62
N GLN C 892 12.44 -29.81 41.00
CA GLN C 892 13.74 -30.39 40.68
C GLN C 892 13.94 -31.78 41.27
N LEU C 893 13.53 -31.99 42.52
CA LEU C 893 13.70 -33.31 43.14
C LEU C 893 12.79 -34.35 42.50
N GLU C 894 11.51 -34.02 42.28
CA GLU C 894 10.60 -34.96 41.64
C GLU C 894 11.02 -35.26 40.21
N SER C 895 11.47 -34.26 39.48
CA SER C 895 11.97 -34.48 38.12
C SER C 895 13.25 -35.31 38.11
N ARG C 896 14.15 -35.06 39.07
CA ARG C 896 15.31 -35.93 39.24
C ARG C 896 14.90 -37.39 39.44
N ALA C 897 13.95 -37.65 40.33
CA ALA C 897 13.50 -39.02 40.57
C ALA C 897 12.93 -39.66 39.30
N HIS C 898 12.04 -38.93 38.61
CA HIS C 898 11.48 -39.43 37.36
C HIS C 898 12.54 -39.66 36.29
N PHE C 899 13.47 -38.70 36.14
CA PHE C 899 14.56 -38.87 35.18
C PHE C 899 15.45 -40.06 35.53
N ASN C 900 15.82 -40.21 36.80
CA ASN C 900 16.64 -41.34 37.21
C ASN C 900 15.94 -42.67 37.04
N ALA C 901 14.60 -42.70 37.08
CA ALA C 901 13.86 -43.91 36.77
C ALA C 901 13.81 -44.19 35.26
N MET C 902 13.79 -43.15 34.44
CA MET C 902 13.69 -43.34 33.00
C MET C 902 15.04 -43.64 32.36
N PHE C 903 16.11 -43.03 32.85
CA PHE C 903 17.45 -43.22 32.29
C PHE C 903 18.43 -43.57 33.40
N GLN C 904 19.28 -44.55 33.12
CA GLN C 904 20.16 -45.14 34.13
C GLN C 904 21.46 -45.60 33.48
ZN ZN F . -44.16 15.48 -29.74
ZN ZN G . -22.93 0.30 -29.46
#